data_5KC2
#
_entry.id   5KC2
#
_cell.length_a   1.000
_cell.length_b   1.000
_cell.length_c   1.000
_cell.angle_alpha   90.00
_cell.angle_beta   90.00
_cell.angle_gamma   90.00
#
_symmetry.space_group_name_H-M   'P 1'
#
loop_
_entity.id
_entity.type
_entity.pdbx_description
1 polymer 'Phosphatidylinositol 3-kinase VPS34'
2 polymer 'Serine/threonine-protein kinase VPS15'
#
loop_
_entity_poly.entity_id
_entity_poly.type
_entity_poly.pdbx_seq_one_letter_code
_entity_poly.pdbx_strand_id
1 'polypeptide(L)'
;MSLNNITFCVSQDLDVPLKVKIKSLEGHKPLLKPSQKILNPELMLIGSNVFPSSDLIVSLQVFDKERNRNLTLPIYTPYI
PFRNSRTWDYWLTLPIRIKQLTFSSHLRIILWEYNGSKQIPFFNLETSIFNLKDCTLKRGFESLKFRYDVIDHCEVVTDN
KDQENLNKYFQGEFTRLPWLDEITISKLRKQRENRTWPQGTFVLNLEFPMLELPVVFIEREIMNTQMNIPTLKNNPGLST
DLREPNRNDPQIKISLGDKYHSTLKFYDPDQPNNDPIEEKYRRLERASKNANLDKQVKPDIKKRDYLNKIINYPPGTKLT
AHEKGSIWKYRYYLMNNKKALTKLLQSTNLREESERVEVLELMDSWAEIDIDDALELLGSTFKNLSVRSYAVNRLKKASD
KELELYLLQLVEAVCFENLSTFSDKSNSEFTIVDAVSSQKLSGDSMLLSTSHANQKLLKSISSESETSGTESLPIVISPL
AEFLIRRALVNPRLGSFFYWYLKSESEDKPYLDQILSSFWSRLDKKSRNILNDQVRLINVLRECCETIKRLKDTTAKKME
LLVHLLETKVRPLVKVRPIALPLDPDVLICDVCPETSKVFKSSLSPLKITFKTTLNQPYHLMFKVGDDLRQDQLVVQIIS
LMNELLKNENVDLKLTPYKILATGPQEGAIEFIPNDTLASILSKYHGILGYLKLHYPDENATLGVQGWVLDNFVKSCAGY
CVITYILGVGDRHLDNLLVTPDGHFFHADFGYILGQDPKPFPPLMKLPPQIIEAFGGAESSNYDKFRSYCFVAYSILRRN
AGLILNLFELMKTSNIPDIRIDPNGAILRVRERFNLNMSEEDATVHFQNLINDSVNALLPIVIDHLHNLAQYWRT
;
C
2 'polypeptide(L)'
;MGAQLSLVVQASPSIAIFSYIDVLEEVHYVSQLNSSRFLKTCKALDPNGEIVIKVFIKPKDQYSLRPFLQRIRAQSFKLG
QLPHVLNYSKLIETNRAGYMIRQHLKNNLYDRLSLRPYLQDIELKFIAFQLLNALKDIHNLNIVHGDIKTENILVTSWNW
CILTDFAAFIKPVYLPEDNPGEFLFYFDTSKRRTCYLAPERFNSKLYQDGKSNNGRLTKEMDIFSLGCVIAEIFAEGRPI
FNLSQLFKYKSNSYDVNREFLMEEMNSTDLRNLVLDMIQLDPSKRLSCDELLNKYRGIFFPDYFYTFIYDYFRNLVTMTT
STPISDNTCTNSTLEDNVKLLDETTEKIYRDFSQICHCLDFPLIKDGGEIGSDPPILESYKIEIEISRFLNTNLYFPQNY
HLVLQQFTKVSEKIKSVKEECALLFISYLSHSIRSIVSTATKLKNLELLAVFAQFVSDENKIDRVVPYFVCCFEDSDQDV
QALSLLTLIQVLTSVRKLNQLNENIFVDYLLPRLKRLLISNRQNTNYLRIVFANCLSDLAIIINRFQEFTFAQHCNDNSM
DNNTEIMESSTKYSAKLIQSVEDLTVSFLTDNDTYVKMALLQNILPLCKFFGRERTNDIILSHLITYLNDKDPALRVSLI
QTISGISILLGTVTLEQYILPLLIQTITDSEELVVISVLQSLKSLFKTGLIRKKYYIDISKTTSPLLLHPNNWIRQFTLM
IIIEIINKLSKAEVYCILYPIIRPFFEFDVEFNFKSMISCCKQPVSRSVYNLLCSWSVRASKSLFWKKIITNHVDSFGNN
RIEFITKNYSSKNYGFNKRDTKSSSSLKGIKTSSTVYSHDNKEIPLTAEDRNWIDKFHIIGLTEKDIWKIVALRGYVIRT
ARVMAANPDFPYNNSNYRPLVQNSPPNLNLTNIMPRNIFFDVEFAEESTSEGQDSNLENQQIYKYDESEKDSNKLNINGS
KQLSTVMDINGSLIFKNKSIATTTSNLKNVFVQLEPTSYHMHSPNHGLKDNANVKPERKVVVSNSYEGDVESIEKFLSTF
KILPPLRDYKEFGPIQEIVRSPNMGNLRGKLIATLMENEPNSITSSAVSPGETPYLITGSDQGVIKIWNLKEIIVGEVYS
SSLTYDCSSTVTQITMIPNFDAFAVSSKDGQIIVLKVNHYQQESEVKFLNCECIRKINLKNFGKNEYAVRMRAFVNEEKS
LLVALTNLSRVIIFDIRTLERLQIIENSPRHGAVSSICIDEECCVLILGTTRGIIDIWDIRFNVLIRSWSFGDHAPITHV
EVCQFYGKNSVIVVGGSSKTFLTIWNFVKGHCQYAFINSDEQPSMEHFLPIEKGLEELNFCGIRSLNALSTISVSNDKIL
LTDEATSSIVMFSLNELSSSKAVISPSRFSDVFIPTQVTANLTMLLRKMKRTSTHSVDDSLYHHDIINSISTCEVDETPL
LVACDNSGLIGIFQ
;
B
#
# COMPACT_ATOMS: atom_id res chain seq x y z
N ASN A 4 14.72 -22.92 -6.00
CA ASN A 4 13.53 -22.17 -5.63
C ASN A 4 13.11 -22.46 -4.20
N ASN A 5 12.51 -21.47 -3.54
CA ASN A 5 12.06 -21.62 -2.16
C ASN A 5 10.57 -21.36 -2.03
N ILE A 6 9.94 -22.19 -1.21
CA ILE A 6 8.57 -21.99 -0.78
C ILE A 6 8.56 -21.27 0.56
N THR A 7 7.57 -20.41 0.67
CA THR A 7 7.37 -19.49 1.79
C THR A 7 6.06 -18.80 1.54
N PHE A 8 5.44 -18.24 2.58
CA PHE A 8 4.13 -17.63 2.43
C PHE A 8 4.34 -16.13 2.34
N CYS A 9 3.89 -15.51 1.25
CA CYS A 9 4.16 -14.08 1.11
C CYS A 9 2.96 -13.29 0.62
N VAL A 10 2.49 -12.35 1.43
CA VAL A 10 1.20 -11.70 1.19
C VAL A 10 1.21 -10.78 -0.03
N SER A 11 0.05 -10.19 -0.34
CA SER A 11 -0.15 -9.43 -1.58
C SER A 11 0.84 -8.29 -1.73
N GLN A 12 0.67 -7.26 -0.91
CA GLN A 12 1.58 -6.13 -0.90
C GLN A 12 3.00 -6.60 -0.62
N ASP A 13 3.13 -7.65 0.19
CA ASP A 13 4.43 -8.23 0.49
C ASP A 13 5.06 -8.85 -0.76
N LEU A 14 4.25 -9.55 -1.54
CA LEU A 14 4.69 -10.06 -2.84
C LEU A 14 4.83 -8.88 -3.81
N ASP A 15 5.75 -8.99 -4.75
CA ASP A 15 6.20 -7.82 -5.51
C ASP A 15 5.58 -7.68 -6.90
N VAL A 16 5.99 -8.53 -7.83
CA VAL A 16 5.71 -8.29 -9.24
C VAL A 16 4.47 -9.02 -9.77
N PRO A 17 4.23 -8.91 -11.08
CA PRO A 17 3.11 -9.41 -11.90
C PRO A 17 3.18 -10.91 -12.17
N LEU A 18 2.01 -11.50 -12.42
CA LEU A 18 1.90 -12.93 -12.65
C LEU A 18 2.33 -13.34 -14.06
N LYS A 19 2.71 -14.61 -14.19
CA LYS A 19 3.00 -15.21 -15.49
C LYS A 19 2.56 -16.66 -15.47
N VAL A 20 2.18 -17.18 -16.64
CA VAL A 20 1.71 -18.55 -16.73
C VAL A 20 2.35 -19.30 -17.90
N LYS A 21 2.91 -20.46 -17.61
CA LYS A 21 3.40 -21.35 -18.65
C LYS A 21 2.30 -22.34 -18.97
N ILE A 22 2.04 -22.56 -20.26
CA ILE A 22 0.99 -23.50 -20.65
C ILE A 22 1.53 -24.52 -21.64
N LYS A 23 1.16 -25.79 -21.45
CA LYS A 23 1.74 -26.87 -22.24
C LYS A 23 0.73 -27.74 -23.00
N SER A 24 0.03 -28.60 -22.28
CA SER A 24 -0.63 -29.72 -22.96
C SER A 24 -2.15 -29.67 -23.00
N LEU A 25 -2.73 -30.67 -23.66
CA LEU A 25 -4.16 -30.75 -23.87
C LEU A 25 -4.63 -32.20 -23.90
N GLU A 26 -5.88 -32.41 -24.31
CA GLU A 26 -6.41 -33.75 -24.50
C GLU A 26 -7.09 -33.85 -25.85
N GLY A 27 -6.55 -34.70 -26.72
CA GLY A 27 -7.15 -34.92 -28.02
C GLY A 27 -8.48 -35.61 -27.90
N HIS A 28 -9.53 -34.98 -28.45
CA HIS A 28 -10.89 -35.55 -28.52
C HIS A 28 -10.99 -36.67 -29.54
N LYS A 29 -10.09 -36.65 -30.53
CA LYS A 29 -10.01 -37.64 -31.61
C LYS A 29 -11.23 -37.65 -32.54
N PRO A 30 -12.09 -36.64 -32.41
CA PRO A 30 -13.31 -36.56 -33.21
C PRO A 30 -13.01 -35.93 -34.57
N LEU A 31 -11.85 -35.30 -34.67
CA LEU A 31 -11.49 -34.56 -35.88
C LEU A 31 -10.03 -34.79 -36.21
N LEU A 32 -9.51 -34.06 -37.22
CA LEU A 32 -8.04 -34.03 -37.30
C LEU A 32 -7.48 -33.61 -35.94
N LYS A 33 -6.32 -34.12 -35.56
CA LYS A 33 -5.83 -34.02 -34.18
C LYS A 33 -5.70 -32.58 -33.67
N PRO A 34 -5.85 -31.62 -34.58
CA PRO A 34 -5.82 -30.21 -34.23
C PRO A 34 -7.21 -29.71 -33.83
N SER A 35 -8.16 -30.65 -33.77
CA SER A 35 -9.58 -30.37 -33.58
C SER A 35 -10.11 -29.64 -34.80
N GLN A 36 -9.62 -30.08 -35.96
CA GLN A 36 -9.88 -29.41 -37.24
C GLN A 36 -10.99 -30.07 -38.08
N LYS A 37 -12.01 -29.28 -38.37
CA LYS A 37 -12.99 -29.57 -39.43
C LYS A 37 -14.00 -30.69 -39.15
N ILE A 38 -13.82 -31.40 -38.03
CA ILE A 38 -14.68 -32.55 -37.70
C ILE A 38 -14.67 -33.61 -38.82
N LEU A 39 -13.55 -34.30 -38.97
CA LEU A 39 -13.36 -35.26 -40.05
C LEU A 39 -14.40 -36.39 -40.07
N ASN A 40 -14.75 -36.84 -41.28
CA ASN A 40 -15.75 -37.88 -41.49
C ASN A 40 -15.92 -38.26 -42.96
N PRO A 41 -16.29 -39.52 -43.23
CA PRO A 41 -16.60 -40.16 -44.51
C PRO A 41 -17.82 -39.54 -45.19
N GLU A 42 -18.56 -38.76 -44.41
CA GLU A 42 -19.79 -38.10 -44.85
C GLU A 42 -19.45 -36.75 -45.46
N LEU A 43 -18.17 -36.53 -45.71
CA LEU A 43 -17.58 -35.22 -46.00
C LEU A 43 -18.23 -34.47 -47.17
N MET A 44 -19.09 -35.13 -47.93
CA MET A 44 -19.96 -34.42 -48.87
C MET A 44 -20.73 -33.35 -48.11
N LEU A 45 -21.15 -33.70 -46.89
CA LEU A 45 -21.81 -32.75 -46.01
C LEU A 45 -20.81 -31.72 -45.47
N ILE A 46 -19.56 -32.12 -45.34
CA ILE A 46 -18.51 -31.21 -44.89
C ILE A 46 -18.26 -30.14 -45.94
N GLY A 47 -18.50 -30.49 -47.19
CA GLY A 47 -18.48 -29.53 -48.28
C GLY A 47 -19.77 -28.76 -48.27
N SER A 48 -20.85 -29.43 -47.84
CA SER A 48 -22.15 -28.79 -47.73
C SER A 48 -22.20 -27.86 -46.51
N ASN A 49 -21.61 -28.30 -45.41
CA ASN A 49 -21.57 -27.48 -44.20
C ASN A 49 -20.42 -26.48 -44.25
N VAL A 50 -19.58 -26.59 -45.27
CA VAL A 50 -18.41 -25.73 -45.45
C VAL A 50 -17.54 -25.76 -44.21
N PHE A 51 -17.17 -26.97 -43.78
CA PHE A 51 -16.39 -27.13 -42.55
C PHE A 51 -14.92 -26.86 -42.78
N PRO A 52 -14.42 -25.75 -42.20
CA PRO A 52 -13.04 -25.27 -42.25
C PRO A 52 -12.11 -26.06 -41.34
N SER A 53 -10.85 -26.20 -41.74
CA SER A 53 -9.89 -26.93 -40.94
C SER A 53 -9.17 -25.97 -39.99
N SER A 54 -9.44 -26.10 -38.70
CA SER A 54 -9.00 -25.14 -37.70
C SER A 54 -7.78 -25.60 -36.91
N ASP A 55 -6.72 -24.78 -36.92
CA ASP A 55 -5.55 -25.11 -36.09
C ASP A 55 -5.59 -24.42 -34.74
N LEU A 56 -5.78 -25.20 -33.69
CA LEU A 56 -5.99 -24.64 -32.36
C LEU A 56 -4.83 -23.77 -31.87
N ILE A 57 -5.14 -22.53 -31.52
CA ILE A 57 -4.20 -21.68 -30.80
C ILE A 57 -4.88 -21.22 -29.52
N VAL A 58 -4.18 -20.44 -28.70
CA VAL A 58 -4.71 -20.08 -27.39
C VAL A 58 -4.65 -18.58 -27.10
N SER A 59 -5.45 -18.16 -26.12
CA SER A 59 -5.45 -16.78 -25.66
C SER A 59 -5.77 -16.74 -24.17
N LEU A 60 -5.17 -15.80 -23.45
CA LEU A 60 -5.36 -15.73 -22.01
C LEU A 60 -5.68 -14.32 -21.52
N GLN A 61 -6.77 -14.21 -20.75
CA GLN A 61 -7.12 -12.96 -20.07
C GLN A 61 -7.93 -13.27 -18.82
N VAL A 62 -7.80 -12.45 -17.78
CA VAL A 62 -8.42 -12.78 -16.50
C VAL A 62 -9.74 -12.04 -16.23
N PHE A 63 -10.79 -12.81 -15.95
CA PHE A 63 -12.05 -12.26 -15.45
C PHE A 63 -11.82 -11.65 -14.08
N ASP A 64 -12.28 -10.41 -13.88
CA ASP A 64 -11.92 -9.66 -12.69
C ASP A 64 -12.85 -9.87 -11.49
N LYS A 65 -12.28 -10.40 -10.41
CA LYS A 65 -12.89 -10.41 -9.07
C LYS A 65 -14.17 -11.25 -8.94
N GLU A 66 -14.65 -11.79 -10.06
CA GLU A 66 -16.01 -12.29 -10.19
C GLU A 66 -16.98 -11.13 -9.96
N ARG A 67 -16.47 -9.92 -10.16
CA ARG A 67 -17.29 -8.71 -10.13
C ARG A 67 -17.69 -8.39 -11.56
N ASN A 68 -17.25 -9.24 -12.47
CA ASN A 68 -17.57 -9.14 -13.90
C ASN A 68 -17.08 -7.85 -14.55
N ARG A 69 -16.06 -7.23 -13.95
CA ARG A 69 -15.37 -6.11 -14.58
C ARG A 69 -14.26 -6.68 -15.45
N ASN A 70 -13.50 -5.81 -16.10
CA ASN A 70 -12.37 -6.26 -16.91
C ASN A 70 -11.07 -5.61 -16.45
N LEU A 71 -10.06 -6.43 -16.18
CA LEU A 71 -8.79 -5.92 -15.68
C LEU A 71 -7.61 -6.37 -16.54
N THR A 72 -7.36 -7.68 -16.57
CA THR A 72 -6.12 -8.19 -17.15
C THR A 72 -6.08 -8.09 -18.68
N LEU A 73 -4.95 -8.51 -19.25
CA LEU A 73 -4.69 -8.34 -20.67
C LEU A 73 -4.90 -9.62 -21.46
N PRO A 74 -5.64 -9.53 -22.57
CA PRO A 74 -5.65 -10.68 -23.49
C PRO A 74 -4.28 -10.86 -24.13
N ILE A 75 -3.83 -12.10 -24.27
CA ILE A 75 -2.53 -12.37 -24.88
C ILE A 75 -2.57 -13.65 -25.69
N TYR A 76 -1.86 -13.69 -26.81
CA TYR A 76 -1.87 -14.86 -27.69
C TYR A 76 -0.50 -15.17 -28.29
N THR A 77 -0.21 -16.46 -28.43
CA THR A 77 1.07 -16.92 -28.95
C THR A 77 0.99 -17.38 -30.39
N PRO A 78 2.13 -17.84 -30.94
CA PRO A 78 2.37 -18.34 -32.30
C PRO A 78 1.75 -19.71 -32.56
N TYR A 79 1.90 -20.21 -33.78
CA TYR A 79 1.20 -21.42 -34.20
C TYR A 79 2.13 -22.54 -34.66
N ILE A 80 2.04 -23.66 -33.95
CA ILE A 80 2.65 -24.90 -34.40
C ILE A 80 1.52 -25.91 -34.57
N PRO A 81 1.86 -27.16 -34.90
CA PRO A 81 0.77 -28.13 -35.04
C PRO A 81 0.01 -28.35 -33.75
N PHE A 82 -1.32 -28.24 -33.83
CA PHE A 82 -2.19 -28.63 -32.73
C PHE A 82 -2.55 -30.09 -32.96
N ARG A 83 -2.07 -30.63 -34.07
CA ARG A 83 -2.13 -32.05 -34.37
C ARG A 83 -0.91 -32.75 -33.77
N ASN A 84 0.05 -31.93 -33.37
CA ASN A 84 1.12 -32.38 -32.49
C ASN A 84 0.64 -32.16 -31.05
N SER A 85 -0.62 -31.75 -30.95
CA SER A 85 -1.31 -31.39 -29.71
C SER A 85 -0.70 -30.18 -29.03
N ARG A 86 0.03 -29.37 -29.79
CA ARG A 86 0.57 -28.09 -29.36
C ARG A 86 1.19 -28.02 -27.96
N THR A 87 2.08 -28.95 -27.66
CA THR A 87 2.73 -28.95 -26.36
C THR A 87 3.79 -27.87 -26.27
N TRP A 88 3.51 -26.86 -25.45
CA TRP A 88 4.32 -25.66 -25.45
C TRP A 88 5.20 -25.57 -24.21
N ASP A 89 4.55 -25.52 -23.06
CA ASP A 89 5.17 -25.12 -21.80
C ASP A 89 5.63 -23.68 -21.95
N TYR A 90 4.91 -22.95 -22.79
CA TYR A 90 5.29 -21.58 -23.13
C TYR A 90 4.78 -20.60 -22.09
N TRP A 91 5.71 -19.79 -21.58
CA TRP A 91 5.37 -18.77 -20.60
C TRP A 91 4.76 -17.56 -21.27
N LEU A 92 3.91 -16.86 -20.55
CA LEU A 92 3.30 -15.61 -21.03
C LEU A 92 2.90 -14.79 -19.81
N THR A 93 2.72 -13.49 -19.98
CA THR A 93 2.41 -12.65 -18.82
C THR A 93 1.63 -11.39 -19.15
N LEU A 94 1.29 -10.64 -18.11
CA LEU A 94 0.62 -9.36 -18.28
C LEU A 94 1.05 -8.42 -17.16
N PRO A 95 0.60 -7.15 -17.23
CA PRO A 95 1.08 -6.09 -16.33
C PRO A 95 0.21 -5.79 -15.11
N ILE A 96 0.00 -6.76 -14.22
CA ILE A 96 -0.65 -6.49 -12.94
C ILE A 96 0.07 -7.23 -11.82
N ARG A 97 0.61 -6.49 -10.85
CA ARG A 97 1.46 -7.10 -9.82
C ARG A 97 0.62 -7.89 -8.82
N ILE A 98 1.28 -8.57 -7.88
CA ILE A 98 0.58 -9.34 -6.86
C ILE A 98 0.12 -8.40 -5.76
N LYS A 99 0.97 -7.41 -5.47
CA LYS A 99 0.60 -6.29 -4.63
C LYS A 99 -0.61 -5.57 -5.22
N GLN A 100 -0.62 -5.41 -6.54
CA GLN A 100 -1.76 -4.81 -7.22
C GLN A 100 -2.90 -5.82 -7.36
N LEU A 101 -2.55 -7.10 -7.43
CA LEU A 101 -3.57 -8.13 -7.67
C LEU A 101 -4.54 -8.23 -6.52
N THR A 102 -5.81 -8.05 -6.82
CA THR A 102 -6.86 -8.20 -5.83
C THR A 102 -7.08 -9.67 -5.58
N PHE A 103 -7.12 -10.05 -4.31
CA PHE A 103 -7.38 -11.44 -3.93
C PHE A 103 -8.66 -11.93 -4.59
N SER A 104 -9.58 -11.01 -4.84
CA SER A 104 -10.69 -11.28 -5.73
C SER A 104 -10.20 -11.11 -7.16
N SER A 105 -10.22 -12.19 -7.92
CA SER A 105 -9.76 -12.23 -9.30
C SER A 105 -9.90 -13.66 -9.80
N HIS A 106 -9.94 -13.82 -11.12
CA HIS A 106 -10.08 -15.15 -11.69
C HIS A 106 -9.43 -15.19 -13.07
N LEU A 107 -8.81 -16.32 -13.41
CA LEU A 107 -8.24 -16.47 -14.74
C LEU A 107 -9.32 -16.82 -15.77
N ARG A 108 -9.07 -16.51 -17.04
CA ARG A 108 -9.91 -17.00 -18.12
C ARG A 108 -9.08 -17.22 -19.40
N ILE A 109 -9.56 -18.10 -20.26
CA ILE A 109 -8.81 -18.44 -21.46
C ILE A 109 -9.75 -18.74 -22.61
N ILE A 110 -9.32 -18.35 -23.80
CA ILE A 110 -10.10 -18.63 -25.00
C ILE A 110 -9.21 -19.24 -26.06
N LEU A 111 -9.51 -20.47 -26.47
CA LEU A 111 -8.68 -21.12 -27.46
C LEU A 111 -9.21 -20.78 -28.85
N TRP A 112 -8.44 -19.96 -29.55
CA TRP A 112 -8.81 -19.51 -30.88
C TRP A 112 -8.03 -20.29 -31.92
N GLU A 113 -8.71 -21.14 -32.67
CA GLU A 113 -8.03 -21.93 -33.68
C GLU A 113 -7.85 -21.11 -34.95
N TYR A 114 -7.39 -21.75 -36.03
CA TYR A 114 -7.35 -21.09 -37.34
C TYR A 114 -7.97 -21.88 -38.48
N ASN A 115 -9.22 -21.59 -38.80
CA ASN A 115 -10.05 -22.51 -39.56
C ASN A 115 -10.19 -22.38 -41.08
N GLY A 116 -10.70 -21.23 -41.54
CA GLY A 116 -11.11 -21.09 -42.92
C GLY A 116 -11.31 -19.64 -43.32
N SER A 117 -12.01 -19.40 -44.43
CA SER A 117 -12.22 -18.04 -44.90
C SER A 117 -12.96 -17.20 -43.85
N LYS A 118 -12.32 -16.11 -43.43
CA LYS A 118 -12.78 -15.29 -42.31
C LYS A 118 -13.09 -16.16 -41.11
N GLN A 119 -12.40 -17.29 -41.00
CA GLN A 119 -12.76 -18.30 -40.02
C GLN A 119 -11.60 -18.86 -39.23
N ILE A 120 -11.83 -18.97 -37.94
CA ILE A 120 -10.83 -19.37 -36.96
C ILE A 120 -11.64 -19.68 -35.72
N PRO A 121 -11.30 -20.77 -35.02
CA PRO A 121 -12.39 -21.12 -34.08
C PRO A 121 -12.31 -20.36 -32.78
N PHE A 122 -13.20 -20.70 -31.85
CA PHE A 122 -13.23 -20.07 -30.55
C PHE A 122 -13.78 -21.07 -29.55
N PHE A 123 -13.05 -21.24 -28.44
CA PHE A 123 -13.52 -22.06 -27.33
C PHE A 123 -13.27 -21.28 -26.04
N ASN A 124 -14.06 -21.54 -25.01
CA ASN A 124 -14.00 -20.71 -23.80
C ASN A 124 -13.85 -21.49 -22.49
N LEU A 125 -13.11 -20.90 -21.56
CA LEU A 125 -12.89 -21.49 -20.24
C LEU A 125 -12.52 -20.42 -19.20
N GLU A 126 -12.67 -20.76 -17.92
CA GLU A 126 -12.32 -19.86 -16.84
C GLU A 126 -11.96 -20.64 -15.57
N THR A 127 -11.25 -20.00 -14.65
CA THR A 127 -10.81 -20.63 -13.41
C THR A 127 -10.46 -19.60 -12.34
N SER A 128 -9.98 -20.06 -11.19
CA SER A 128 -9.64 -19.16 -10.09
C SER A 128 -8.14 -18.92 -9.98
N ILE A 129 -7.76 -17.71 -9.57
CA ILE A 129 -6.35 -17.35 -9.48
C ILE A 129 -5.70 -17.96 -8.24
N PHE A 130 -6.06 -17.48 -7.06
CA PHE A 130 -5.43 -17.98 -5.84
C PHE A 130 -6.23 -19.10 -5.18
N ASN A 131 -5.67 -19.66 -4.12
CA ASN A 131 -6.36 -20.67 -3.31
C ASN A 131 -7.39 -20.04 -2.39
N LEU A 132 -8.30 -20.87 -1.89
CA LEU A 132 -9.11 -20.48 -0.75
C LEU A 132 -8.20 -20.31 0.48
N LYS A 133 -7.01 -20.90 0.39
CA LYS A 133 -5.96 -20.74 1.39
C LYS A 133 -5.04 -19.57 1.01
N ASP A 134 -5.43 -18.86 -0.05
CA ASP A 134 -4.81 -17.61 -0.50
C ASP A 134 -3.52 -17.82 -1.30
N CYS A 135 -3.01 -19.05 -1.33
CA CYS A 135 -1.86 -19.36 -2.17
C CYS A 135 -2.19 -19.39 -3.66
N THR A 136 -1.50 -18.60 -4.47
CA THR A 136 -1.95 -18.50 -5.85
C THR A 136 -1.72 -19.72 -6.73
N LEU A 137 -2.82 -20.43 -7.00
CA LEU A 137 -2.79 -21.79 -7.56
C LEU A 137 -1.79 -22.64 -6.79
N LYS A 138 -1.67 -22.36 -5.49
CA LYS A 138 -0.65 -22.94 -4.63
C LYS A 138 0.75 -22.64 -5.18
N ARG A 139 0.84 -21.60 -6.02
CA ARG A 139 2.04 -21.32 -6.80
C ARG A 139 2.57 -22.60 -7.43
N GLY A 140 1.67 -23.36 -8.04
CA GLY A 140 1.98 -24.73 -8.43
C GLY A 140 1.35 -25.25 -9.70
N PHE A 141 1.82 -26.42 -10.13
CA PHE A 141 1.37 -27.06 -11.36
C PHE A 141 -0.08 -27.53 -11.26
N GLU A 142 -0.77 -27.59 -12.39
CA GLU A 142 -2.16 -28.02 -12.40
C GLU A 142 -2.63 -28.60 -13.73
N SER A 143 -3.89 -29.03 -13.75
CA SER A 143 -4.55 -29.52 -14.95
C SER A 143 -6.03 -29.17 -14.88
N LEU A 144 -6.63 -28.87 -16.02
CA LEU A 144 -7.98 -28.34 -16.05
C LEU A 144 -8.90 -29.01 -17.07
N LYS A 145 -10.20 -28.78 -16.91
CA LYS A 145 -11.20 -29.27 -17.85
C LYS A 145 -12.31 -28.25 -18.04
N PHE A 146 -12.79 -28.10 -19.27
CA PHE A 146 -13.82 -27.10 -19.54
C PHE A 146 -14.77 -27.46 -20.66
N ARG A 147 -16.03 -27.08 -20.48
CA ARG A 147 -17.09 -27.25 -21.46
C ARG A 147 -17.58 -25.88 -21.92
N TYR A 148 -18.64 -25.86 -22.72
CA TYR A 148 -19.21 -24.61 -23.25
C TYR A 148 -19.43 -23.56 -22.15
N ASP A 149 -20.01 -23.99 -21.04
CA ASP A 149 -20.17 -23.14 -19.87
C ASP A 149 -20.33 -23.99 -18.62
N VAL A 150 -20.06 -23.39 -17.46
CA VAL A 150 -20.23 -24.04 -16.16
C VAL A 150 -19.45 -25.35 -16.02
N ILE A 151 -18.15 -25.31 -16.31
CA ILE A 151 -17.30 -26.48 -16.13
C ILE A 151 -15.97 -26.11 -15.49
N ASP A 152 -15.27 -27.10 -14.95
CA ASP A 152 -14.08 -26.80 -14.14
C ASP A 152 -13.09 -27.95 -14.05
N HIS A 153 -12.10 -27.77 -13.18
CA HIS A 153 -10.96 -28.66 -13.05
C HIS A 153 -11.05 -29.50 -11.77
N CYS A 154 -10.49 -30.71 -11.82
CA CYS A 154 -10.42 -31.56 -10.65
C CYS A 154 -9.00 -32.08 -10.44
N GLU A 155 -8.78 -32.82 -9.36
CA GLU A 155 -7.48 -33.43 -9.14
C GLU A 155 -7.58 -34.92 -8.78
N VAL A 156 -7.13 -35.77 -9.70
CA VAL A 156 -6.94 -37.19 -9.39
C VAL A 156 -5.56 -37.60 -9.90
N VAL A 157 -5.45 -37.68 -11.23
CA VAL A 157 -4.16 -37.83 -11.88
C VAL A 157 -3.50 -36.47 -11.87
N THR A 158 -4.35 -35.43 -11.84
CA THR A 158 -3.87 -34.06 -11.64
C THR A 158 -3.51 -33.86 -10.17
N ASP A 159 -4.03 -34.74 -9.31
CA ASP A 159 -3.65 -34.75 -7.90
C ASP A 159 -2.29 -35.43 -7.76
N ASN A 160 -2.06 -36.46 -8.58
CA ASN A 160 -0.73 -37.04 -8.69
C ASN A 160 0.28 -36.03 -9.22
N LYS A 161 -0.11 -35.30 -10.25
CA LYS A 161 0.71 -34.23 -10.80
C LYS A 161 0.93 -33.13 -9.76
N ASP A 162 -0.06 -32.97 -8.88
CA ASP A 162 0.04 -32.00 -7.79
C ASP A 162 1.02 -32.49 -6.73
N GLN A 163 1.17 -33.81 -6.62
CA GLN A 163 2.19 -34.39 -5.77
C GLN A 163 3.57 -34.20 -6.40
N GLU A 164 3.59 -34.23 -7.73
CA GLU A 164 4.81 -33.86 -8.45
C GLU A 164 5.13 -32.41 -8.16
N ASN A 165 4.08 -31.61 -7.93
CA ASN A 165 4.27 -30.23 -7.55
C ASN A 165 4.64 -30.12 -6.07
N LEU A 166 4.40 -31.20 -5.33
CA LEU A 166 4.81 -31.27 -3.93
C LEU A 166 6.29 -31.60 -3.91
N ASN A 167 6.78 -32.18 -5.01
CA ASN A 167 8.23 -32.32 -5.19
C ASN A 167 8.85 -30.95 -5.46
N LYS A 168 8.09 -30.10 -6.12
CA LYS A 168 8.49 -28.71 -6.32
C LYS A 168 8.18 -27.86 -5.08
N TYR A 169 7.21 -28.31 -4.28
CA TYR A 169 6.78 -27.59 -3.08
C TYR A 169 7.66 -27.88 -1.87
N PHE A 170 8.72 -28.66 -2.11
CA PHE A 170 9.76 -28.92 -1.12
C PHE A 170 9.31 -29.67 0.13
N GLN A 171 8.65 -30.80 -0.06
CA GLN A 171 8.49 -31.76 1.03
C GLN A 171 9.88 -32.31 1.33
N GLY A 172 10.07 -32.85 2.53
CA GLY A 172 11.39 -33.26 2.99
C GLY A 172 12.07 -34.17 1.98
N GLU A 173 13.28 -33.77 1.58
CA GLU A 173 13.92 -34.38 0.42
C GLU A 173 15.40 -34.68 0.64
N PHE A 174 15.92 -35.61 -0.16
CA PHE A 174 17.32 -36.03 -0.07
C PHE A 174 17.95 -36.18 -1.46
N THR A 175 19.27 -36.37 -1.49
CA THR A 175 20.04 -36.41 -2.74
C THR A 175 19.80 -37.66 -3.60
N ARG A 176 19.70 -38.82 -2.97
CA ARG A 176 19.40 -40.05 -3.70
C ARG A 176 17.97 -40.01 -4.22
N LEU A 177 17.12 -39.36 -3.43
CA LEU A 177 15.73 -39.10 -3.80
C LEU A 177 15.63 -38.27 -5.07
N PRO A 178 16.58 -37.35 -5.29
CA PRO A 178 16.76 -36.51 -6.48
C PRO A 178 17.19 -37.29 -7.72
N TRP A 179 18.07 -38.26 -7.54
CA TRP A 179 18.47 -39.15 -8.63
C TRP A 179 17.29 -40.01 -9.02
N LEU A 180 16.56 -40.46 -8.01
CA LEU A 180 15.36 -41.23 -8.27
C LEU A 180 14.23 -40.28 -8.63
N ASP A 181 14.51 -38.99 -8.59
CA ASP A 181 13.60 -38.00 -9.13
C ASP A 181 13.94 -37.78 -10.60
N GLU A 182 15.12 -38.23 -11.00
CA GLU A 182 15.40 -38.33 -12.43
C GLU A 182 14.72 -39.59 -12.91
N ILE A 183 14.75 -40.61 -12.05
CA ILE A 183 13.98 -41.81 -12.31
C ILE A 183 12.49 -41.48 -12.24
N THR A 184 12.17 -40.36 -11.58
CA THR A 184 10.80 -39.87 -11.55
C THR A 184 10.56 -38.91 -12.71
N ILE A 185 11.63 -38.56 -13.43
CA ILE A 185 11.45 -37.94 -14.73
C ILE A 185 11.08 -39.06 -15.69
N SER A 186 11.63 -40.25 -15.43
CA SER A 186 11.22 -41.44 -16.17
C SER A 186 9.80 -41.84 -15.79
N LYS A 187 9.42 -41.58 -14.54
CA LYS A 187 8.08 -41.89 -14.07
C LYS A 187 7.05 -40.90 -14.62
N LEU A 188 7.40 -39.61 -14.62
CA LEU A 188 6.52 -38.61 -15.21
C LEU A 188 6.45 -38.81 -16.71
N ARG A 189 7.51 -39.40 -17.28
CA ARG A 189 7.49 -39.81 -18.67
C ARG A 189 6.50 -40.96 -18.85
N LYS A 190 6.45 -41.84 -17.86
CA LYS A 190 5.51 -42.96 -17.88
C LYS A 190 4.08 -42.50 -17.67
N GLN A 191 3.91 -41.31 -17.09
CA GLN A 191 2.58 -40.76 -16.81
C GLN A 191 1.80 -40.39 -18.07
N ARG A 192 2.44 -40.49 -19.22
CA ARG A 192 1.83 -40.13 -20.50
C ARG A 192 0.74 -41.11 -20.93
N GLU A 193 0.59 -42.19 -20.16
CA GLU A 193 -0.33 -43.27 -20.51
C GLU A 193 -1.82 -42.91 -20.44
N ASN A 194 -2.12 -41.71 -19.97
CA ASN A 194 -3.51 -41.28 -19.71
C ASN A 194 -4.46 -41.38 -20.89
N ARG A 195 -5.70 -41.77 -20.61
CA ARG A 195 -6.72 -41.92 -21.64
C ARG A 195 -8.12 -41.50 -21.17
N THR A 196 -8.81 -40.74 -22.01
CA THR A 196 -10.22 -40.44 -21.81
C THR A 196 -10.84 -39.98 -23.14
N TRP A 197 -12.14 -40.21 -23.31
CA TRP A 197 -12.83 -39.79 -24.53
C TRP A 197 -14.16 -39.11 -24.26
N PRO A 198 -14.11 -37.92 -23.65
CA PRO A 198 -15.32 -37.12 -23.41
C PRO A 198 -15.68 -36.30 -24.64
N GLN A 199 -16.71 -35.48 -24.53
CA GLN A 199 -17.17 -34.65 -25.65
C GLN A 199 -17.84 -33.39 -25.13
N GLY A 200 -17.81 -32.33 -25.93
CA GLY A 200 -18.36 -31.04 -25.53
C GLY A 200 -17.53 -30.39 -24.45
N THR A 201 -16.44 -31.05 -24.09
CA THR A 201 -15.54 -30.59 -23.04
C THR A 201 -14.15 -31.12 -23.31
N PHE A 202 -13.14 -30.47 -22.73
CA PHE A 202 -11.76 -30.87 -23.00
C PHE A 202 -10.87 -30.67 -21.79
N VAL A 203 -9.71 -31.32 -21.81
CA VAL A 203 -8.74 -31.17 -20.74
C VAL A 203 -7.45 -30.52 -21.25
N LEU A 204 -6.74 -29.86 -20.34
CA LEU A 204 -5.46 -29.25 -20.65
C LEU A 204 -4.50 -29.36 -19.46
N ASN A 205 -3.24 -29.70 -19.72
CA ASN A 205 -2.25 -29.77 -18.65
C ASN A 205 -1.46 -28.47 -18.56
N LEU A 206 -1.64 -27.73 -17.47
CA LEU A 206 -0.99 -26.43 -17.33
C LEU A 206 -0.29 -26.27 -15.99
N GLU A 207 1.03 -26.15 -16.04
CA GLU A 207 1.84 -26.02 -14.84
C GLU A 207 2.22 -24.57 -14.64
N PHE A 208 1.95 -24.04 -13.44
CA PHE A 208 2.45 -22.72 -13.06
C PHE A 208 3.02 -22.91 -11.67
N PRO A 209 4.04 -23.77 -11.56
CA PRO A 209 4.74 -23.85 -10.28
C PRO A 209 5.65 -22.65 -10.10
N MET A 210 5.56 -22.01 -8.94
CA MET A 210 6.48 -20.94 -8.61
C MET A 210 7.42 -21.47 -7.54
N LEU A 211 8.36 -20.62 -7.14
CA LEU A 211 9.18 -20.90 -5.96
C LEU A 211 8.30 -21.06 -4.71
N GLU A 212 7.63 -19.98 -4.32
CA GLU A 212 6.97 -19.90 -3.02
C GLU A 212 5.46 -19.71 -3.07
N LEU A 213 4.79 -20.17 -2.01
CA LEU A 213 3.36 -19.98 -1.86
C LEU A 213 2.99 -18.50 -1.66
N PRO A 214 2.19 -17.99 -2.59
CA PRO A 214 1.75 -16.62 -2.32
C PRO A 214 0.79 -16.56 -1.14
N VAL A 215 0.45 -15.35 -0.74
CA VAL A 215 -0.67 -15.06 0.14
C VAL A 215 -1.16 -13.75 -0.43
N VAL A 216 -2.38 -13.34 -0.09
CA VAL A 216 -2.89 -12.09 -0.64
C VAL A 216 -3.80 -11.36 0.34
N PHE A 217 -3.80 -10.04 0.22
CA PHE A 217 -4.64 -9.19 1.04
C PHE A 217 -4.89 -7.90 0.29
N ILE A 218 -5.48 -6.93 0.98
CA ILE A 218 -5.64 -5.61 0.40
C ILE A 218 -4.33 -4.84 0.50
N GLU A 219 -4.30 -3.66 -0.09
CA GLU A 219 -3.17 -2.75 0.06
C GLU A 219 -3.32 -1.98 1.36
N ARG A 220 -2.21 -1.49 1.89
CA ARG A 220 -2.26 -0.66 3.07
C ARG A 220 -2.71 0.75 2.71
N GLU A 221 -2.75 1.63 3.70
CA GLU A 221 -3.12 3.02 3.47
C GLU A 221 -2.57 3.90 4.58
N ILE A 222 -2.82 5.19 4.46
CA ILE A 222 -2.36 6.16 5.44
C ILE A 222 -3.47 7.11 5.85
N MET A 223 -3.83 7.08 7.13
CA MET A 223 -4.67 8.11 7.71
C MET A 223 -3.73 9.15 8.31
N ASN A 224 -4.03 10.43 8.07
CA ASN A 224 -3.15 11.50 8.51
C ASN A 224 -3.88 12.83 8.56
N THR A 225 -3.13 13.90 8.78
CA THR A 225 -3.70 15.24 8.77
C THR A 225 -3.63 15.84 7.37
N ASN A 274 -13.47 9.88 11.78
CA ASN A 274 -14.85 10.35 11.81
C ASN A 274 -14.94 11.84 11.51
N ASP A 275 -14.18 12.28 10.51
CA ASP A 275 -14.08 13.70 10.21
C ASP A 275 -13.96 14.03 8.72
N PRO A 276 -14.34 15.26 8.35
CA PRO A 276 -14.07 15.99 7.11
C PRO A 276 -12.62 16.50 7.10
N ILE A 277 -12.12 16.91 5.95
CA ILE A 277 -10.73 17.34 5.85
C ILE A 277 -10.54 18.58 4.97
N GLU A 278 -9.28 19.01 4.86
CA GLU A 278 -8.95 20.24 4.15
C GLU A 278 -8.99 20.07 2.62
N GLU A 279 -8.37 19.01 2.14
CA GLU A 279 -8.20 18.82 0.69
C GLU A 279 -9.51 18.54 -0.04
N LYS A 280 -10.51 18.06 0.71
CA LYS A 280 -11.82 17.79 0.13
C LYS A 280 -12.52 19.10 -0.21
N TYR A 281 -12.47 20.03 0.73
CA TYR A 281 -13.03 21.35 0.52
C TYR A 281 -12.34 22.02 -0.66
N ARG A 282 -11.03 21.79 -0.77
CA ARG A 282 -10.26 22.24 -1.92
C ARG A 282 -10.82 21.64 -3.20
N ARG A 283 -11.15 20.35 -3.16
CA ARG A 283 -11.70 19.66 -4.31
C ARG A 283 -13.02 20.28 -4.77
N LEU A 284 -13.97 20.44 -3.86
CA LEU A 284 -15.28 21.00 -4.22
C LEU A 284 -15.15 22.46 -4.69
N GLU A 285 -14.45 23.26 -3.89
CA GLU A 285 -14.24 24.67 -4.21
C GLU A 285 -13.59 24.84 -5.57
N ARG A 286 -12.63 23.98 -5.88
CA ARG A 286 -11.94 24.03 -7.15
C ARG A 286 -12.83 23.53 -8.27
N ALA A 287 -13.80 22.68 -7.90
CA ALA A 287 -14.77 22.19 -8.87
C ALA A 287 -15.76 23.30 -9.25
N SER A 288 -15.95 24.25 -8.35
CA SER A 288 -16.86 25.36 -8.60
C SER A 288 -16.16 26.56 -9.28
N LYS A 289 -14.90 26.36 -9.65
CA LYS A 289 -14.02 27.45 -10.11
C LYS A 289 -13.99 27.62 -11.64
N ASN A 290 -15.04 27.17 -12.31
CA ASN A 290 -15.07 27.07 -13.77
C ASN A 290 -14.77 28.38 -14.50
N ALA A 291 -15.64 29.38 -14.34
CA ALA A 291 -15.48 30.69 -14.98
C ALA A 291 -15.34 30.63 -16.50
N ASN A 292 -16.35 30.06 -17.17
CA ASN A 292 -16.26 29.70 -18.58
C ASN A 292 -16.26 30.80 -19.63
N LEU A 293 -17.41 31.42 -19.85
CA LEU A 293 -17.51 32.46 -20.86
C LEU A 293 -16.60 33.61 -20.45
N ASP A 294 -15.65 33.95 -21.33
CA ASP A 294 -14.52 34.78 -20.95
C ASP A 294 -14.84 36.26 -20.95
N LYS A 295 -16.01 36.63 -21.47
CA LYS A 295 -16.41 38.03 -21.48
C LYS A 295 -16.45 38.59 -20.06
N GLN A 296 -15.75 39.69 -19.85
CA GLN A 296 -15.66 40.28 -18.51
C GLN A 296 -16.43 41.59 -18.45
N VAL A 297 -17.55 41.57 -17.73
CA VAL A 297 -18.39 42.75 -17.60
C VAL A 297 -17.76 43.78 -16.68
N LYS A 298 -18.22 45.03 -16.80
CA LYS A 298 -17.73 46.10 -15.93
C LYS A 298 -18.92 46.80 -15.27
N PRO A 299 -19.71 46.04 -14.50
CA PRO A 299 -20.89 46.50 -13.76
C PRO A 299 -20.53 47.22 -12.46
N ASP A 300 -21.45 48.04 -11.96
CA ASP A 300 -21.24 48.77 -10.71
C ASP A 300 -22.56 48.92 -9.95
N ILE A 301 -22.48 48.85 -8.63
CA ILE A 301 -23.66 48.98 -7.79
C ILE A 301 -23.27 49.32 -6.35
N LYS A 302 -24.28 49.55 -5.51
CA LYS A 302 -24.04 49.85 -4.11
C LYS A 302 -23.30 48.78 -3.33
N LYS A 303 -23.24 47.58 -3.89
CA LYS A 303 -22.53 46.47 -3.25
C LYS A 303 -21.03 46.62 -3.39
N ARG A 304 -20.60 47.56 -4.24
CA ARG A 304 -19.19 47.83 -4.46
C ARG A 304 -18.52 48.35 -3.19
N ASP A 305 -19.27 49.12 -2.41
CA ASP A 305 -18.77 49.64 -1.15
C ASP A 305 -18.57 48.53 -0.13
N TYR A 306 -19.54 47.62 -0.06
CA TYR A 306 -19.47 46.48 0.84
C TYR A 306 -18.32 45.56 0.46
N LEU A 307 -18.15 45.34 -0.84
CA LEU A 307 -17.05 44.53 -1.34
C LEU A 307 -15.71 45.19 -1.01
N ASN A 308 -15.65 46.50 -1.17
CA ASN A 308 -14.45 47.26 -0.83
C ASN A 308 -14.13 47.12 0.65
N LYS A 309 -15.17 47.08 1.47
CA LYS A 309 -15.01 46.86 2.90
C LYS A 309 -14.51 45.45 3.16
N ILE A 310 -14.94 44.52 2.31
CA ILE A 310 -14.53 43.13 2.43
C ILE A 310 -13.06 42.98 2.05
N ILE A 311 -12.59 43.88 1.19
CA ILE A 311 -11.20 43.85 0.76
C ILE A 311 -10.32 44.64 1.72
N ASN A 312 -10.95 45.31 2.66
CA ASN A 312 -10.24 46.13 3.63
C ASN A 312 -9.76 45.33 4.83
N TYR A 313 -10.03 44.03 4.83
CA TYR A 313 -9.64 43.16 5.93
C TYR A 313 -8.12 43.02 6.02
N PRO A 314 -7.62 42.59 7.19
CA PRO A 314 -6.19 42.42 7.47
C PRO A 314 -5.52 41.45 6.50
N PRO A 315 -4.23 41.69 6.21
CA PRO A 315 -3.43 40.92 5.26
C PRO A 315 -3.29 39.45 5.63
N GLY A 316 -3.08 39.16 6.91
CA GLY A 316 -2.84 37.82 7.37
C GLY A 316 -4.07 36.95 7.44
N THR A 317 -5.24 37.54 7.20
CA THR A 317 -6.50 36.82 7.28
C THR A 317 -6.66 35.83 6.13
N LYS A 318 -7.42 34.76 6.39
CA LYS A 318 -7.71 33.76 5.37
C LYS A 318 -9.15 33.90 4.89
N LEU A 319 -9.31 34.33 3.64
CA LEU A 319 -10.62 34.61 3.08
C LEU A 319 -11.41 33.33 2.79
N THR A 320 -12.73 33.48 2.73
CA THR A 320 -13.62 32.35 2.45
C THR A 320 -13.74 32.10 0.95
N ALA A 321 -14.68 31.24 0.57
CA ALA A 321 -14.88 30.89 -0.83
C ALA A 321 -15.60 32.00 -1.58
N HIS A 322 -16.84 32.28 -1.18
CA HIS A 322 -17.67 33.28 -1.86
C HIS A 322 -16.99 34.64 -1.89
N GLU A 323 -16.25 34.96 -0.83
CA GLU A 323 -15.53 36.23 -0.76
C GLU A 323 -14.40 36.28 -1.79
N LYS A 324 -13.74 35.14 -1.98
CA LYS A 324 -12.65 35.05 -2.95
C LYS A 324 -13.15 35.21 -4.37
N GLY A 325 -14.32 34.64 -4.65
CA GLY A 325 -14.93 34.76 -5.96
C GLY A 325 -15.45 36.18 -6.19
N SER A 326 -16.01 36.77 -5.14
CA SER A 326 -16.49 38.14 -5.20
C SER A 326 -15.33 39.09 -5.45
N ILE A 327 -14.16 38.72 -4.93
CA ILE A 327 -12.94 39.50 -5.18
C ILE A 327 -12.36 39.17 -6.54
N TRP A 328 -12.75 38.02 -7.09
CA TRP A 328 -12.29 37.61 -8.42
C TRP A 328 -13.06 38.35 -9.51
N LYS A 329 -14.32 38.66 -9.23
CA LYS A 329 -15.14 39.43 -10.15
C LYS A 329 -14.99 40.93 -9.87
N TYR A 330 -14.19 41.25 -8.85
CA TYR A 330 -13.96 42.63 -8.44
C TYR A 330 -12.72 43.24 -9.10
N ARG A 331 -12.13 42.49 -10.03
CA ARG A 331 -10.84 42.83 -10.65
C ARG A 331 -10.75 44.30 -11.08
N TYR A 332 -11.83 44.83 -11.63
CA TYR A 332 -11.88 46.25 -12.01
C TYR A 332 -11.59 47.14 -10.81
N TYR A 333 -12.47 47.10 -9.81
CA TYR A 333 -12.31 47.89 -8.60
C TYR A 333 -11.06 47.48 -7.84
N LEU A 334 -10.67 46.21 -7.97
CA LEU A 334 -9.45 45.71 -7.34
C LEU A 334 -8.23 46.40 -7.92
N MET A 335 -8.29 46.70 -9.21
CA MET A 335 -7.22 47.44 -9.87
C MET A 335 -7.34 48.92 -9.52
N ASN A 336 -8.58 49.38 -9.33
CA ASN A 336 -8.83 50.77 -8.96
C ASN A 336 -8.23 51.13 -7.60
N ASN A 337 -8.60 50.38 -6.57
CA ASN A 337 -8.10 50.63 -5.22
C ASN A 337 -6.71 50.03 -5.02
N LYS A 338 -5.80 50.83 -4.50
CA LYS A 338 -4.42 50.39 -4.28
C LYS A 338 -4.32 49.47 -3.07
N LYS A 339 -5.31 49.54 -2.18
CA LYS A 339 -5.32 48.71 -0.99
C LYS A 339 -5.99 47.37 -1.27
N ALA A 340 -6.60 47.25 -2.44
CA ALA A 340 -7.30 46.04 -2.84
C ALA A 340 -6.41 45.10 -3.65
N LEU A 341 -5.14 45.47 -3.79
CA LEU A 341 -4.21 44.71 -4.62
C LEU A 341 -3.77 43.41 -3.95
N THR A 342 -3.07 43.52 -2.83
CA THR A 342 -2.55 42.36 -2.11
C THR A 342 -3.64 41.40 -1.69
N LYS A 343 -4.78 41.95 -1.27
CA LYS A 343 -5.92 41.13 -0.85
C LYS A 343 -6.44 40.28 -2.01
N LEU A 344 -6.54 40.89 -3.18
CA LEU A 344 -6.97 40.17 -4.38
C LEU A 344 -5.90 39.17 -4.80
N LEU A 345 -4.65 39.48 -4.50
CA LEU A 345 -3.53 38.60 -4.83
C LEU A 345 -3.59 37.33 -3.98
N GLN A 346 -4.01 37.49 -2.73
CA GLN A 346 -4.15 36.35 -1.84
C GLN A 346 -5.52 35.69 -2.01
N SER A 347 -6.41 36.36 -2.74
CA SER A 347 -7.76 35.85 -2.97
C SER A 347 -7.76 34.75 -4.02
N THR A 348 -6.64 34.56 -4.69
CA THR A 348 -6.52 33.53 -5.72
C THR A 348 -5.25 32.71 -5.53
N ASN A 349 -5.30 31.44 -5.96
CA ASN A 349 -4.16 30.54 -5.84
C ASN A 349 -3.54 30.25 -7.21
N LEU A 350 -2.26 30.54 -7.34
CA LEU A 350 -1.56 30.34 -8.61
C LEU A 350 -0.80 29.02 -8.63
N ARG A 351 -1.25 28.11 -9.48
CA ARG A 351 -0.57 26.83 -9.65
C ARG A 351 -0.32 26.59 -11.14
N GLU A 352 -1.41 26.43 -11.90
CA GLU A 352 -1.31 26.30 -13.35
C GLU A 352 -0.98 27.64 -13.98
N GLU A 353 -0.46 27.60 -15.20
CA GLU A 353 -0.06 28.81 -15.91
C GLU A 353 -1.27 29.60 -16.39
N SER A 354 -2.45 28.99 -16.33
CA SER A 354 -3.68 29.63 -16.79
C SER A 354 -4.02 30.86 -15.93
N GLU A 355 -4.11 30.65 -14.62
CA GLU A 355 -4.40 31.75 -13.70
C GLU A 355 -3.22 32.69 -13.61
N ARG A 356 -2.03 32.13 -13.60
CA ARG A 356 -0.80 32.90 -13.51
C ARG A 356 -0.64 33.86 -14.70
N VAL A 357 -1.21 33.48 -15.83
CA VAL A 357 -1.20 34.34 -17.02
C VAL A 357 -1.85 35.68 -16.74
N GLU A 358 -3.16 35.66 -16.48
CA GLU A 358 -3.91 36.88 -16.21
C GLU A 358 -3.42 37.58 -14.95
N VAL A 359 -3.03 36.79 -13.95
CA VAL A 359 -2.47 37.34 -12.71
C VAL A 359 -1.25 38.21 -12.97
N LEU A 360 -0.19 37.60 -13.49
CA LEU A 360 1.06 38.30 -13.77
C LEU A 360 0.86 39.40 -14.81
N GLU A 361 -0.13 39.23 -15.68
CA GLU A 361 -0.45 40.24 -16.69
C GLU A 361 -1.04 41.48 -16.02
N LEU A 362 -1.83 41.25 -14.97
CA LEU A 362 -2.44 42.35 -14.23
C LEU A 362 -1.52 42.86 -13.14
N MET A 363 -0.40 42.18 -12.94
CA MET A 363 0.58 42.55 -11.92
C MET A 363 1.17 43.93 -12.20
N ASP A 364 1.60 44.13 -13.45
CA ASP A 364 2.16 45.41 -13.85
C ASP A 364 1.07 46.37 -14.34
N SER A 365 -0.12 45.82 -14.56
CA SER A 365 -1.25 46.62 -15.05
C SER A 365 -1.92 47.41 -13.92
N TRP A 366 -2.07 46.78 -12.76
CA TRP A 366 -2.74 47.40 -11.63
C TRP A 366 -1.96 48.58 -11.08
N ALA A 367 -2.64 49.46 -10.36
CA ALA A 367 -2.01 50.63 -9.76
C ALA A 367 -0.98 50.23 -8.73
N GLU A 368 0.10 51.01 -8.62
CA GLU A 368 1.15 50.73 -7.66
C GLU A 368 0.63 50.77 -6.24
N ILE A 369 0.85 49.70 -5.50
CA ILE A 369 0.35 49.58 -4.14
C ILE A 369 1.19 50.42 -3.17
N ASP A 370 0.60 50.73 -2.02
CA ASP A 370 1.31 51.44 -0.97
C ASP A 370 2.44 50.56 -0.43
N ILE A 371 3.59 51.17 -0.17
CA ILE A 371 4.76 50.43 0.31
C ILE A 371 4.50 49.79 1.66
N ASP A 372 3.58 50.36 2.42
CA ASP A 372 3.20 49.80 3.72
C ASP A 372 2.43 48.51 3.53
N ASP A 373 1.58 48.47 2.50
CA ASP A 373 0.81 47.27 2.20
C ASP A 373 1.64 46.30 1.36
N ALA A 374 2.79 46.76 0.89
CA ALA A 374 3.68 45.93 0.08
C ALA A 374 4.41 44.91 0.94
N LEU A 375 4.45 45.16 2.24
CA LEU A 375 5.10 44.25 3.17
C LEU A 375 4.26 43.01 3.42
N GLU A 376 2.99 43.07 2.98
CA GLU A 376 2.08 41.94 3.13
C GLU A 376 2.36 40.87 2.08
N LEU A 377 2.68 41.31 0.86
CA LEU A 377 2.95 40.39 -0.24
C LEU A 377 4.45 40.10 -0.36
N LEU A 378 5.23 40.69 0.53
CA LEU A 378 6.68 40.51 0.51
C LEU A 378 7.11 39.37 1.43
N GLY A 379 6.15 38.70 2.04
CA GLY A 379 6.43 37.60 2.94
C GLY A 379 6.69 36.29 2.21
N SER A 380 7.05 35.26 2.97
CA SER A 380 7.33 33.95 2.40
C SER A 380 6.04 33.22 2.06
N THR A 381 4.92 33.78 2.46
CA THR A 381 3.61 33.22 2.16
C THR A 381 3.38 33.20 0.65
N PHE A 382 3.88 34.23 -0.02
CA PHE A 382 3.84 34.27 -1.48
C PHE A 382 5.25 34.17 -2.05
N LYS A 383 5.54 33.02 -2.66
CA LYS A 383 6.87 32.76 -3.21
C LYS A 383 6.95 33.06 -4.69
N ASN A 384 5.85 33.57 -5.26
CA ASN A 384 5.75 33.83 -6.69
C ASN A 384 6.88 34.70 -7.22
N LEU A 385 7.43 34.33 -8.38
CA LEU A 385 8.54 35.03 -8.98
C LEU A 385 8.16 36.44 -9.40
N SER A 386 6.97 36.57 -10.00
CA SER A 386 6.48 37.87 -10.44
C SER A 386 6.18 38.77 -9.24
N VAL A 387 5.76 38.15 -8.13
CA VAL A 387 5.46 38.87 -6.91
C VAL A 387 6.73 39.47 -6.32
N ARG A 388 7.75 38.64 -6.15
CA ARG A 388 9.04 39.09 -5.62
C ARG A 388 9.67 40.11 -6.55
N SER A 389 9.55 39.88 -7.84
CA SER A 389 10.03 40.82 -8.85
C SER A 389 9.40 42.19 -8.68
N TYR A 390 8.08 42.27 -8.86
CA TYR A 390 7.34 43.52 -8.78
C TYR A 390 7.53 44.21 -7.43
N ALA A 391 7.61 43.42 -6.36
CA ALA A 391 7.83 43.97 -5.03
C ALA A 391 9.22 44.60 -4.94
N VAL A 392 10.20 43.94 -5.55
CA VAL A 392 11.56 44.46 -5.58
C VAL A 392 11.61 45.75 -6.39
N ASN A 393 10.78 45.82 -7.43
CA ASN A 393 10.66 47.03 -8.23
C ASN A 393 10.01 48.15 -7.44
N ARG A 394 9.10 47.79 -6.55
CA ARG A 394 8.46 48.75 -5.66
C ARG A 394 9.37 49.10 -4.50
N LEU A 395 10.22 48.17 -4.12
CA LEU A 395 11.16 48.37 -3.02
C LEU A 395 12.50 48.88 -3.54
N LYS A 396 12.57 49.13 -4.85
CA LYS A 396 13.78 49.64 -5.47
C LYS A 396 14.21 50.97 -4.84
N LYS A 397 13.22 51.75 -4.42
CA LYS A 397 13.49 52.97 -3.68
C LYS A 397 13.81 52.66 -2.23
N ALA A 398 14.99 53.03 -1.78
CA ALA A 398 15.43 52.73 -0.42
C ALA A 398 15.59 54.00 0.41
N SER A 399 14.69 54.18 1.38
CA SER A 399 14.72 55.34 2.24
C SER A 399 15.54 55.07 3.49
N ASP A 400 15.50 56.00 4.44
CA ASP A 400 16.19 55.82 5.71
C ASP A 400 15.44 54.82 6.58
N LYS A 401 14.16 54.62 6.26
CA LYS A 401 13.33 53.66 6.98
C LYS A 401 13.63 52.23 6.53
N GLU A 402 14.36 52.11 5.43
CA GLU A 402 14.81 50.80 4.96
C GLU A 402 15.93 50.30 5.87
N LEU A 403 16.70 51.24 6.40
CA LEU A 403 17.75 50.92 7.36
C LEU A 403 17.14 50.43 8.68
N GLU A 404 15.96 50.94 8.99
CA GLU A 404 15.22 50.49 10.15
C GLU A 404 14.43 49.23 9.82
N LEU A 405 14.31 48.96 8.52
CA LEU A 405 13.64 47.77 8.04
C LEU A 405 14.65 46.66 7.75
N TYR A 406 15.92 46.96 8.03
CA TYR A 406 17.00 46.00 7.80
C TYR A 406 16.86 44.78 8.72
N LEU A 407 16.24 44.97 9.87
CA LEU A 407 16.02 43.89 10.81
C LEU A 407 15.08 42.84 10.21
N LEU A 408 14.03 43.31 9.56
CA LEU A 408 13.09 42.43 8.88
C LEU A 408 13.69 41.97 7.55
N GLN A 409 14.65 42.72 7.04
CA GLN A 409 15.33 42.37 5.81
C GLN A 409 16.30 41.22 6.04
N LEU A 410 16.74 41.07 7.28
CA LEU A 410 17.56 39.93 7.66
C LEU A 410 16.69 38.68 7.72
N VAL A 411 15.47 38.86 8.18
CA VAL A 411 14.48 37.78 8.19
C VAL A 411 14.14 37.37 6.76
N GLU A 412 14.01 38.36 5.89
CA GLU A 412 13.75 38.12 4.48
C GLU A 412 14.93 37.41 3.84
N ALA A 413 16.13 37.75 4.30
CA ALA A 413 17.36 37.11 3.81
C ALA A 413 17.41 35.66 4.25
N VAL A 414 16.93 35.39 5.46
CA VAL A 414 16.84 34.03 5.96
C VAL A 414 15.78 33.25 5.19
N CYS A 415 14.76 33.96 4.74
CA CYS A 415 13.68 33.36 3.96
C CYS A 415 13.91 33.52 2.46
N PHE A 416 15.05 34.10 2.10
CA PHE A 416 15.37 34.36 0.70
C PHE A 416 15.71 33.09 -0.07
N GLU A 417 15.97 32.01 0.64
CA GLU A 417 16.37 30.77 -0.01
C GLU A 417 15.18 29.84 -0.26
N ASN A 418 14.81 29.70 -1.53
CA ASN A 418 13.81 28.74 -1.96
C ASN A 418 14.27 28.04 -3.23
N LEU A 419 14.44 26.72 -3.14
CA LEU A 419 15.00 25.94 -4.25
C LEU A 419 16.32 26.56 -4.73
N SER A 420 17.23 26.77 -3.79
CA SER A 420 18.46 27.51 -4.06
C SER A 420 19.54 26.62 -4.67
N THR A 421 19.24 25.35 -4.87
CA THR A 421 20.18 24.41 -5.46
C THR A 421 20.60 24.84 -6.85
N PHE A 422 19.65 25.38 -7.62
CA PHE A 422 19.92 25.84 -8.98
C PHE A 422 20.85 27.06 -8.97
N SER A 423 20.59 28.00 -8.07
CA SER A 423 21.40 29.20 -7.96
C SER A 423 22.80 28.86 -7.44
N ASP A 424 22.86 27.95 -6.47
CA ASP A 424 24.13 27.51 -5.90
C ASP A 424 24.97 26.78 -6.94
N LYS A 425 24.30 26.01 -7.80
CA LYS A 425 24.98 25.32 -8.88
C LYS A 425 25.44 26.31 -9.94
N SER A 426 24.66 27.37 -10.14
CA SER A 426 24.99 28.41 -11.08
C SER A 426 26.24 29.17 -10.64
N ASN A 427 26.33 29.43 -9.34
CA ASN A 427 27.50 30.09 -8.77
C ASN A 427 28.71 29.16 -8.77
N SER A 428 28.46 27.88 -8.50
CA SER A 428 29.52 26.88 -8.48
C SER A 428 30.06 26.63 -9.89
N GLU A 429 29.25 26.93 -10.89
CA GLU A 429 29.67 26.79 -12.27
C GLU A 429 30.77 27.80 -12.60
N PHE A 430 30.63 29.01 -12.08
CA PHE A 430 31.63 30.05 -12.28
C PHE A 430 32.72 29.99 -11.20
N THR A 431 32.48 29.18 -10.18
CA THR A 431 33.45 29.00 -9.09
C THR A 431 34.32 27.78 -9.34
N ILE A 432 34.07 27.09 -10.45
CA ILE A 432 34.83 25.89 -10.80
C ILE A 432 36.04 26.24 -11.67
N VAL A 433 36.22 27.52 -11.93
CA VAL A 433 37.34 27.98 -12.75
C VAL A 433 38.56 28.29 -11.89
N ASP A 434 38.45 29.33 -11.05
CA ASP A 434 39.54 29.73 -10.19
C ASP A 434 39.42 29.10 -8.80
N ALA A 435 40.55 28.72 -8.22
CA ALA A 435 40.57 28.10 -6.90
C ALA A 435 40.21 29.11 -5.83
N VAL A 436 39.71 28.62 -4.70
CA VAL A 436 39.31 29.48 -3.59
C VAL A 436 40.53 29.96 -2.81
N SER A 437 40.49 31.23 -2.39
CA SER A 437 41.59 31.82 -1.63
C SER A 437 41.11 33.01 -0.81
N PRO A 479 15.99 38.52 -9.06
CA PRO A 479 16.22 38.36 -7.63
C PRO A 479 16.39 39.70 -6.92
N LEU A 480 15.78 39.84 -5.74
CA LEU A 480 15.87 41.06 -4.96
C LEU A 480 17.22 41.17 -4.26
N ALA A 481 17.97 40.07 -4.27
CA ALA A 481 19.29 40.03 -3.66
C ALA A 481 20.24 41.00 -4.36
N GLU A 482 20.00 41.21 -5.66
CA GLU A 482 20.79 42.17 -6.42
C GLU A 482 20.44 43.59 -6.00
N PHE A 483 19.18 43.80 -5.62
CA PHE A 483 18.73 45.11 -5.14
C PHE A 483 19.32 45.39 -3.76
N LEU A 484 19.36 44.38 -2.92
CA LEU A 484 19.96 44.49 -1.60
C LEU A 484 21.46 44.73 -1.72
N ILE A 485 22.06 44.12 -2.73
CA ILE A 485 23.49 44.29 -2.99
C ILE A 485 23.80 45.70 -3.48
N ARG A 486 22.95 46.22 -4.36
CA ARG A 486 23.09 47.57 -4.87
C ARG A 486 22.90 48.59 -3.75
N ARG A 487 21.94 48.31 -2.87
CA ARG A 487 21.67 49.19 -1.74
C ARG A 487 22.81 49.11 -0.72
N ALA A 488 23.48 47.97 -0.66
CA ALA A 488 24.61 47.79 0.25
C ALA A 488 25.85 48.50 -0.27
N LEU A 489 26.03 48.48 -1.59
CA LEU A 489 27.18 49.12 -2.22
C LEU A 489 26.99 50.63 -2.32
N VAL A 490 25.73 51.07 -2.39
CA VAL A 490 25.41 52.48 -2.46
C VAL A 490 25.96 53.26 -1.26
N ASN A 491 25.40 53.00 -0.08
CA ASN A 491 25.84 53.67 1.14
C ASN A 491 26.66 52.74 2.03
N PRO A 492 27.89 53.16 2.37
CA PRO A 492 28.82 52.40 3.21
C PRO A 492 28.22 52.06 4.57
N ARG A 493 27.43 52.98 5.12
CA ARG A 493 26.77 52.77 6.40
C ARG A 493 25.76 51.63 6.32
N LEU A 494 24.99 51.63 5.23
CA LEU A 494 24.00 50.57 4.99
C LEU A 494 24.71 49.23 4.81
N GLY A 495 25.88 49.26 4.19
CA GLY A 495 26.68 48.07 4.00
C GLY A 495 27.19 47.54 5.32
N SER A 496 27.58 48.44 6.20
CA SER A 496 28.04 48.07 7.53
C SER A 496 26.88 47.48 8.33
N PHE A 497 25.69 48.02 8.12
CA PHE A 497 24.49 47.50 8.77
C PHE A 497 24.16 46.10 8.26
N PHE A 498 24.36 45.89 6.96
CA PHE A 498 24.10 44.59 6.35
C PHE A 498 25.10 43.54 6.84
N TYR A 499 26.35 43.96 7.00
CA TYR A 499 27.39 43.07 7.49
C TYR A 499 27.16 42.72 8.97
N TRP A 500 26.81 43.72 9.75
CA TRP A 500 26.51 43.53 11.17
C TRP A 500 25.29 42.63 11.34
N TYR A 501 24.33 42.75 10.44
CA TYR A 501 23.14 41.91 10.46
C TYR A 501 23.49 40.50 10.01
N LEU A 502 24.49 40.38 9.15
CA LEU A 502 24.92 39.09 8.65
C LEU A 502 25.74 38.35 9.71
N LYS A 503 26.35 39.10 10.61
CA LYS A 503 27.16 38.53 11.68
C LYS A 503 26.33 37.63 12.59
N SER A 504 25.07 38.01 12.80
CA SER A 504 24.16 37.23 13.64
C SER A 504 23.63 36.01 12.91
N GLU A 505 23.29 36.19 11.64
CA GLU A 505 22.72 35.11 10.83
C GLU A 505 23.78 34.10 10.41
N SER A 506 25.05 34.45 10.60
CA SER A 506 26.15 33.57 10.24
C SER A 506 26.18 32.31 11.09
N GLU A 507 25.71 32.44 12.33
CA GLU A 507 25.71 31.32 13.27
C GLU A 507 24.60 30.32 12.94
N ASP A 508 23.39 30.81 12.72
CA ASP A 508 22.24 29.96 12.44
C ASP A 508 22.35 29.29 11.08
N LYS A 509 22.58 30.11 10.04
CA LYS A 509 22.71 29.59 8.69
C LYS A 509 24.15 29.70 8.21
N PRO A 510 24.75 28.54 7.87
CA PRO A 510 26.15 28.46 7.41
C PRO A 510 26.37 29.18 6.08
N TYR A 511 25.30 29.32 5.29
CA TYR A 511 25.39 29.98 4.00
C TYR A 511 25.61 31.48 4.15
N LEU A 512 25.23 32.02 5.31
CA LEU A 512 25.38 33.44 5.58
C LEU A 512 26.85 33.85 5.71
N ASP A 513 27.68 32.90 6.14
CA ASP A 513 29.10 33.15 6.28
C ASP A 513 29.75 33.47 4.93
N GLN A 514 29.37 32.69 3.92
CA GLN A 514 29.85 32.94 2.56
C GLN A 514 29.09 34.09 1.92
N ILE A 515 27.86 34.30 2.38
CA ILE A 515 27.04 35.40 1.88
C ILE A 515 27.60 36.74 2.33
N LEU A 516 28.37 36.73 3.41
CA LEU A 516 29.05 37.92 3.87
C LEU A 516 30.18 38.27 2.92
N SER A 517 30.86 37.25 2.41
CA SER A 517 31.92 37.42 1.42
C SER A 517 31.31 37.87 0.10
N SER A 518 30.12 37.36 -0.20
CA SER A 518 29.39 37.76 -1.40
C SER A 518 28.93 39.21 -1.26
N PHE A 519 28.71 39.63 -0.02
CA PHE A 519 28.33 41.01 0.26
C PHE A 519 29.53 41.93 0.14
N TRP A 520 30.70 41.42 0.51
CA TRP A 520 31.95 42.15 0.35
C TRP A 520 32.28 42.27 -1.12
N SER A 521 31.87 41.28 -1.90
CA SER A 521 32.03 41.30 -3.35
C SER A 521 30.94 42.14 -4.00
N ARG A 522 29.85 42.34 -3.27
CA ARG A 522 28.74 43.15 -3.74
C ARG A 522 29.08 44.64 -3.66
N LEU A 523 29.99 44.97 -2.75
CA LEU A 523 30.46 46.34 -2.59
C LEU A 523 31.84 46.51 -3.20
N ASP A 524 31.92 47.26 -4.29
CA ASP A 524 33.18 47.46 -5.00
C ASP A 524 34.16 48.33 -4.21
N LYS A 525 33.65 49.41 -3.64
CA LYS A 525 34.48 50.32 -2.87
C LYS A 525 35.02 49.66 -1.61
N LYS A 526 36.33 49.73 -1.43
CA LYS A 526 36.98 49.12 -0.27
C LYS A 526 37.18 50.14 0.84
N SER A 527 36.69 51.36 0.61
CA SER A 527 36.81 52.44 1.59
C SER A 527 36.08 52.09 2.88
N ARG A 528 34.93 51.45 2.75
CA ARG A 528 34.15 51.02 3.90
C ARG A 528 34.70 49.74 4.50
N ASN A 529 35.44 48.98 3.68
CA ASN A 529 36.00 47.70 4.10
C ASN A 529 37.10 47.86 5.16
N ILE A 530 37.85 48.95 5.07
CA ILE A 530 38.90 49.23 6.04
C ILE A 530 38.32 49.49 7.42
N LEU A 531 37.32 50.37 7.47
CA LEU A 531 36.62 50.64 8.72
C LEU A 531 35.84 49.42 9.17
N ASN A 532 35.51 48.54 8.23
CA ASN A 532 34.83 47.29 8.54
C ASN A 532 35.79 46.29 9.19
N ASP A 533 37.07 46.41 8.85
CA ASP A 533 38.10 45.59 9.49
C ASP A 533 38.44 46.15 10.85
N GLN A 534 38.50 47.48 10.93
CA GLN A 534 38.70 48.17 12.20
C GLN A 534 37.56 47.85 13.15
N VAL A 535 36.37 47.64 12.59
CA VAL A 535 35.21 47.24 13.38
C VAL A 535 35.18 45.72 13.55
N ARG A 536 36.00 45.02 12.76
CA ARG A 536 36.13 43.57 12.88
C ARG A 536 37.08 43.24 14.02
N LEU A 537 37.89 44.23 14.40
CA LEU A 537 38.77 44.08 15.55
C LEU A 537 37.96 44.04 16.85
N ILE A 538 36.71 44.52 16.76
CA ILE A 538 35.81 44.50 17.91
C ILE A 538 35.45 43.07 18.32
N ASN A 539 35.60 42.14 17.37
CA ASN A 539 35.41 40.73 17.67
C ASN A 539 36.53 40.23 18.56
N VAL A 540 37.75 40.69 18.29
CA VAL A 540 38.91 40.37 19.11
C VAL A 540 38.81 41.07 20.46
N LEU A 541 38.16 42.24 20.46
CA LEU A 541 37.93 42.98 21.70
C LEU A 541 36.95 42.22 22.58
N ARG A 542 35.89 41.69 21.97
CA ARG A 542 34.92 40.88 22.68
C ARG A 542 35.55 39.57 23.15
N GLU A 543 36.51 39.08 22.37
CA GLU A 543 37.26 37.90 22.76
C GLU A 543 38.15 38.21 23.97
N CYS A 544 38.60 39.45 24.05
CA CYS A 544 39.40 39.91 25.18
C CYS A 544 38.53 40.05 26.43
N CYS A 545 37.30 40.51 26.22
CA CYS A 545 36.34 40.62 27.31
C CYS A 545 35.98 39.23 27.83
N GLU A 546 35.84 38.28 26.91
CA GLU A 546 35.57 36.90 27.26
C GLU A 546 36.77 36.29 27.98
N THR A 547 37.96 36.73 27.60
CA THR A 547 39.19 36.30 28.25
C THR A 547 39.25 36.84 29.68
N ILE A 548 38.68 38.03 29.86
CA ILE A 548 38.58 38.63 31.19
C ILE A 548 37.49 37.94 32.00
N LYS A 549 36.53 37.34 31.30
CA LYS A 549 35.45 36.62 31.94
C LYS A 549 35.79 35.15 32.13
N ARG A 550 36.97 34.75 31.65
CA ARG A 550 37.41 33.36 31.76
C ARG A 550 37.92 33.04 33.15
N LEU A 551 38.66 33.96 33.75
CA LEU A 551 39.22 33.77 35.08
C LEU A 551 38.23 34.22 36.16
N LYS A 552 38.18 33.47 37.26
CA LYS A 552 37.29 33.81 38.37
C LYS A 552 38.07 34.39 39.55
N ASP A 553 37.66 35.57 40.00
CA ASP A 553 38.32 36.23 41.11
C ASP A 553 37.33 37.04 41.95
N THR A 554 37.87 37.82 42.89
CA THR A 554 37.04 38.63 43.77
C THR A 554 36.36 39.77 43.02
N THR A 555 35.29 40.31 43.59
CA THR A 555 34.54 41.39 42.97
C THR A 555 35.39 42.63 42.74
N ALA A 556 36.15 43.02 43.75
CA ALA A 556 37.03 44.17 43.65
C ALA A 556 38.24 43.85 42.77
N LYS A 557 38.74 42.62 42.89
CA LYS A 557 39.89 42.18 42.11
C LYS A 557 39.55 42.14 40.62
N LYS A 558 38.36 41.65 40.30
CA LYS A 558 37.89 41.60 38.92
C LYS A 558 37.62 43.02 38.41
N MET A 559 37.32 43.93 39.33
CA MET A 559 37.07 45.32 38.97
C MET A 559 38.37 46.02 38.59
N GLU A 560 39.39 45.84 39.42
CA GLU A 560 40.71 46.41 39.15
C GLU A 560 41.31 45.79 37.90
N LEU A 561 41.09 44.49 37.73
CA LEU A 561 41.54 43.77 36.54
C LEU A 561 40.81 44.27 35.30
N LEU A 562 39.55 44.64 35.49
CA LEU A 562 38.75 45.21 34.40
C LEU A 562 39.24 46.62 34.07
N VAL A 563 39.80 47.29 35.08
CA VAL A 563 40.37 48.62 34.88
C VAL A 563 41.67 48.52 34.08
N HIS A 564 42.51 47.55 34.45
CA HIS A 564 43.76 47.31 33.75
C HIS A 564 43.49 46.87 32.31
N LEU A 565 42.48 46.02 32.15
CA LEU A 565 42.06 45.58 30.82
C LEU A 565 41.49 46.75 30.03
N LEU A 566 40.86 47.67 30.73
CA LEU A 566 40.31 48.88 30.10
C LEU A 566 41.43 49.80 29.65
N GLU A 567 42.55 49.76 30.36
CA GLU A 567 43.72 50.55 29.98
C GLU A 567 44.41 49.93 28.78
N THR A 568 44.58 48.60 28.81
CA THR A 568 45.18 47.88 27.70
C THR A 568 44.33 48.02 26.45
N LYS A 569 43.02 48.13 26.64
CA LYS A 569 42.09 48.35 25.54
C LYS A 569 42.12 49.81 25.10
N VAL A 570 42.44 50.69 26.04
CA VAL A 570 42.54 52.12 25.74
C VAL A 570 43.77 52.39 24.89
N ARG A 571 44.80 51.55 25.05
CA ARG A 571 46.01 51.66 24.25
C ARG A 571 45.70 51.34 22.78
N PRO A 572 44.96 50.25 22.55
CA PRO A 572 44.56 49.79 21.21
C PRO A 572 43.60 50.76 20.52
N LEU A 573 42.73 51.39 21.30
CA LEU A 573 41.77 52.35 20.77
C LEU A 573 42.48 53.57 20.19
N VAL A 574 43.54 54.00 20.87
CA VAL A 574 44.35 55.12 20.39
C VAL A 574 45.28 54.67 19.27
N LYS A 575 45.73 53.42 19.35
CA LYS A 575 46.61 52.85 18.34
C LYS A 575 45.88 52.71 17.00
N VAL A 576 44.71 52.07 17.04
CA VAL A 576 43.90 51.90 15.85
C VAL A 576 43.16 53.18 15.50
N ARG A 577 42.85 53.36 14.22
CA ARG A 577 42.14 54.54 13.75
C ARG A 577 40.66 54.48 14.14
N PRO A 578 39.96 55.62 14.01
CA PRO A 578 38.54 55.75 14.34
C PRO A 578 37.66 54.81 13.52
N ILE A 579 36.58 54.33 14.12
CA ILE A 579 35.68 53.40 13.44
C ILE A 579 34.22 53.84 13.56
N ALA A 580 33.31 53.00 13.05
CA ALA A 580 31.89 53.30 13.12
C ALA A 580 31.32 52.99 14.50
N LEU A 581 30.44 53.86 14.98
CA LEU A 581 29.86 53.70 16.31
C LEU A 581 28.67 52.74 16.30
N PRO A 582 28.53 51.96 17.38
CA PRO A 582 27.42 51.01 17.57
C PRO A 582 26.08 51.70 17.72
N LEU A 583 26.07 52.86 18.36
CA LEU A 583 24.85 53.62 18.57
C LEU A 583 24.29 54.15 17.24
N ASP A 584 25.14 54.80 16.47
CA ASP A 584 24.74 55.32 15.16
C ASP A 584 25.86 55.15 14.15
N PRO A 585 25.49 54.86 12.89
CA PRO A 585 26.45 54.65 11.80
C PRO A 585 27.16 55.94 11.39
N ASP A 586 26.51 57.07 11.64
CA ASP A 586 27.06 58.37 11.25
C ASP A 586 28.19 58.81 12.17
N VAL A 587 27.96 58.67 13.48
CA VAL A 587 28.95 59.10 14.46
C VAL A 587 30.19 58.22 14.45
N LEU A 588 31.35 58.83 14.70
CA LEU A 588 32.61 58.11 14.75
C LEU A 588 33.24 58.20 16.13
N ILE A 589 33.85 57.11 16.57
CA ILE A 589 34.47 57.05 17.90
C ILE A 589 35.95 57.40 17.85
N CYS A 590 36.43 58.11 18.86
CA CYS A 590 37.83 58.49 18.95
C CYS A 590 38.59 57.61 19.94
N ASP A 591 38.24 57.71 21.22
CA ASP A 591 38.91 56.96 22.27
C ASP A 591 37.97 56.57 23.39
N VAL A 592 38.52 56.07 24.49
CA VAL A 592 37.72 55.66 25.64
C VAL A 592 38.40 56.03 26.96
N CYS A 593 37.61 56.54 27.89
CA CYS A 593 38.13 56.92 29.21
C CYS A 593 38.19 55.71 30.13
N PRO A 594 39.41 55.32 30.53
CA PRO A 594 39.71 54.15 31.37
C PRO A 594 39.10 54.23 32.77
N GLU A 595 39.19 55.39 33.42
CA GLU A 595 38.75 55.53 34.80
C GLU A 595 37.26 55.80 34.92
N THR A 596 36.61 56.13 33.80
CA THR A 596 35.19 56.43 33.80
C THR A 596 34.36 55.18 33.56
N SER A 597 35.03 54.08 33.22
CA SER A 597 34.35 52.81 32.95
C SER A 597 33.84 52.16 34.22
N LYS A 598 32.85 51.27 34.07
CA LYS A 598 32.28 50.57 35.22
C LYS A 598 32.11 49.07 34.92
N VAL A 599 31.60 48.35 35.90
CA VAL A 599 31.37 46.91 35.75
C VAL A 599 30.06 46.47 36.40
N PHE A 600 29.28 45.69 35.68
CA PHE A 600 28.02 45.19 36.20
C PHE A 600 28.24 44.11 37.25
N LYS A 601 27.37 44.08 38.26
CA LYS A 601 27.47 43.10 39.33
C LYS A 601 26.62 41.87 39.06
N SER A 602 26.00 41.83 37.89
CA SER A 602 25.12 40.73 37.52
C SER A 602 25.90 39.46 37.18
N SER A 603 25.17 38.41 36.85
CA SER A 603 25.78 37.11 36.54
C SER A 603 26.34 37.09 35.12
N LEU A 604 25.80 37.95 34.27
CA LEU A 604 26.23 38.01 32.87
C LEU A 604 27.60 38.68 32.73
N SER A 605 28.02 39.36 33.78
CA SER A 605 29.29 40.07 33.81
C SER A 605 29.44 41.05 32.65
N PRO A 606 28.48 41.99 32.54
CA PRO A 606 28.50 43.00 31.47
C PRO A 606 29.54 44.09 31.73
N LEU A 607 30.00 44.73 30.67
CA LEU A 607 31.02 45.77 30.78
C LEU A 607 30.46 47.14 30.42
N LYS A 608 30.67 48.11 31.30
CA LYS A 608 30.21 49.48 31.07
C LYS A 608 31.39 50.42 30.94
N ILE A 609 31.55 51.03 29.77
CA ILE A 609 32.67 51.93 29.53
C ILE A 609 32.24 53.23 28.85
N THR A 610 32.77 54.34 29.32
CA THR A 610 32.49 55.64 28.72
C THR A 610 33.58 55.99 27.70
N PHE A 611 33.19 56.04 26.44
CA PHE A 611 34.13 56.30 25.36
C PHE A 611 33.93 57.70 24.77
N LYS A 612 35.01 58.49 24.76
CA LYS A 612 34.96 59.82 24.17
C LYS A 612 34.93 59.73 22.66
N THR A 613 33.92 60.35 22.05
CA THR A 613 33.75 60.29 20.60
C THR A 613 34.60 61.32 19.88
N THR A 614 34.44 61.40 18.57
CA THR A 614 35.14 62.38 17.76
C THR A 614 34.51 63.76 17.92
N LEU A 615 33.37 63.79 18.60
CA LEU A 615 32.66 65.04 18.90
C LEU A 615 33.14 65.62 20.22
N ASN A 616 34.15 64.98 20.80
CA ASN A 616 34.74 65.38 22.09
C ASN A 616 33.72 65.32 23.22
N GLN A 617 32.94 64.25 23.25
CA GLN A 617 31.98 64.03 24.32
C GLN A 617 31.99 62.56 24.77
N PRO A 618 31.86 62.33 26.08
CA PRO A 618 31.82 60.98 26.66
C PRO A 618 30.51 60.25 26.32
N TYR A 619 30.61 58.99 25.93
CA TYR A 619 29.42 58.19 25.65
C TYR A 619 29.48 56.85 26.38
N HIS A 620 28.56 56.66 27.32
CA HIS A 620 28.50 55.42 28.09
C HIS A 620 27.96 54.27 27.25
N LEU A 621 28.59 53.10 27.36
CA LEU A 621 28.16 51.93 26.60
C LEU A 621 28.24 50.66 27.45
N MET A 622 27.18 49.86 27.38
CA MET A 622 27.11 48.60 28.13
C MET A 622 27.02 47.41 27.19
N PHE A 623 28.01 46.53 27.27
CA PHE A 623 28.05 45.36 26.38
C PHE A 623 28.03 44.05 27.18
N LYS A 624 27.61 42.97 26.53
CA LYS A 624 27.55 41.66 27.18
C LYS A 624 27.96 40.56 26.21
N VAL A 625 28.36 39.42 26.76
CA VAL A 625 28.81 38.29 25.95
C VAL A 625 28.30 36.96 26.51
N GLY A 626 28.38 35.93 25.69
CA GLY A 626 27.97 34.59 26.11
C GLY A 626 26.47 34.40 26.14
N ASP A 627 25.76 35.21 25.38
CA ASP A 627 24.31 35.12 25.32
C ASP A 627 23.76 35.71 24.02
N ASP A 628 22.53 35.32 23.67
CA ASP A 628 21.88 35.83 22.47
C ASP A 628 20.95 36.99 22.82
N LEU A 629 21.31 38.19 22.36
CA LEU A 629 20.54 39.39 22.64
C LEU A 629 19.56 39.71 21.53
N ARG A 630 19.49 38.82 20.54
CA ARG A 630 18.64 39.02 19.36
C ARG A 630 17.19 39.29 19.73
N GLN A 631 16.71 38.64 20.78
CA GLN A 631 15.36 38.86 21.28
C GLN A 631 15.15 40.32 21.66
N ASP A 632 15.88 40.77 22.68
CA ASP A 632 15.76 42.13 23.18
C ASP A 632 16.20 43.17 22.16
N GLN A 633 17.04 42.76 21.21
CA GLN A 633 17.50 43.65 20.15
C GLN A 633 16.38 43.91 19.15
N LEU A 634 15.73 42.84 18.71
CA LEU A 634 14.60 42.94 17.79
C LEU A 634 13.43 43.64 18.47
N VAL A 635 13.30 43.43 19.77
CA VAL A 635 12.26 44.09 20.55
C VAL A 635 12.55 45.57 20.68
N VAL A 636 13.84 45.91 20.77
CA VAL A 636 14.25 47.31 20.85
C VAL A 636 14.01 48.01 19.53
N GLN A 637 14.32 47.31 18.44
CA GLN A 637 14.09 47.83 17.10
C GLN A 637 12.59 48.02 16.85
N ILE A 638 11.80 47.10 17.39
CA ILE A 638 10.36 47.18 17.29
C ILE A 638 9.84 48.35 18.12
N ILE A 639 10.51 48.62 19.23
CA ILE A 639 10.15 49.75 20.09
C ILE A 639 10.48 51.07 19.40
N SER A 640 11.58 51.08 18.66
CA SER A 640 11.98 52.28 17.92
C SER A 640 11.05 52.52 16.74
N LEU A 641 10.68 51.45 16.05
CA LEU A 641 9.76 51.54 14.92
C LEU A 641 8.38 52.01 15.40
N MET A 642 7.94 51.47 16.53
CA MET A 642 6.67 51.87 17.12
C MET A 642 6.74 53.32 17.58
N ASN A 643 7.91 53.73 18.05
CA ASN A 643 8.14 55.11 18.45
C ASN A 643 8.06 56.04 17.25
N GLU A 644 8.49 55.55 16.09
CA GLU A 644 8.38 56.28 14.84
C GLU A 644 6.92 56.37 14.42
N LEU A 645 6.18 55.29 14.66
CA LEU A 645 4.76 55.24 14.35
C LEU A 645 3.98 56.22 15.24
N LEU A 646 4.48 56.42 16.44
CA LEU A 646 3.87 57.38 17.37
C LEU A 646 4.25 58.80 16.97
N LYS A 647 5.48 58.97 16.51
CA LYS A 647 5.95 60.27 16.04
C LYS A 647 5.19 60.68 14.79
N ASN A 648 4.71 59.69 14.04
CA ASN A 648 3.90 59.95 12.85
C ASN A 648 2.53 60.49 13.22
N GLU A 649 2.15 60.32 14.49
CA GLU A 649 0.88 60.82 14.99
C GLU A 649 1.04 62.20 15.60
N ASN A 650 2.25 62.74 15.48
CA ASN A 650 2.60 64.06 16.02
C ASN A 650 2.41 64.13 17.53
N VAL A 651 2.61 62.99 18.20
CA VAL A 651 2.54 62.93 19.66
C VAL A 651 3.63 62.02 20.20
N ASP A 652 4.35 62.50 21.20
CA ASP A 652 5.45 61.72 21.78
C ASP A 652 5.08 61.16 23.15
N LEU A 653 5.32 59.87 23.34
CA LEU A 653 5.05 59.22 24.61
C LEU A 653 6.28 59.29 25.52
N LYS A 654 7.32 59.96 25.03
CA LYS A 654 8.57 60.15 25.77
C LYS A 654 9.20 58.83 26.18
N LEU A 655 9.21 57.87 25.26
CA LEU A 655 9.84 56.59 25.50
C LEU A 655 11.25 56.57 24.93
N THR A 656 12.21 56.16 25.74
CA THR A 656 13.61 56.13 25.33
C THR A 656 13.92 54.87 24.53
N PRO A 657 14.22 55.04 23.22
CA PRO A 657 14.56 53.93 22.34
C PRO A 657 16.00 53.46 22.56
N TYR A 658 16.21 52.65 23.59
CA TYR A 658 17.54 52.15 23.92
C TYR A 658 18.13 51.35 22.78
N LYS A 659 19.34 51.72 22.36
CA LYS A 659 20.02 51.05 21.27
C LYS A 659 20.56 49.68 21.71
N ILE A 660 20.20 48.65 20.96
CA ILE A 660 20.65 47.29 21.26
C ILE A 660 20.97 46.53 19.98
N LEU A 661 22.07 45.78 20.01
CA LEU A 661 22.51 45.03 18.83
C LEU A 661 23.34 43.82 19.22
N ALA A 662 23.51 42.90 18.29
CA ALA A 662 24.32 41.70 18.53
C ALA A 662 25.58 41.72 17.67
N THR A 663 26.74 41.75 18.32
CA THR A 663 28.01 41.79 17.61
C THR A 663 28.36 40.42 17.05
N GLY A 664 28.66 39.48 17.94
CA GLY A 664 28.93 38.11 17.56
C GLY A 664 27.74 37.22 17.84
N PRO A 665 27.91 35.91 17.64
CA PRO A 665 26.82 34.97 17.95
C PRO A 665 26.45 35.00 19.43
N GLN A 666 27.46 34.94 20.29
CA GLN A 666 27.24 34.99 21.74
C GLN A 666 27.33 36.43 22.24
N GLU A 667 27.97 37.29 21.45
CA GLU A 667 28.22 38.67 21.87
C GLU A 667 27.23 39.74 21.40
N GLY A 668 27.03 40.75 22.24
CA GLY A 668 26.15 41.85 21.90
C GLY A 668 26.51 43.13 22.63
N ALA A 669 26.09 44.26 22.07
CA ALA A 669 26.37 45.56 22.66
C ALA A 669 25.12 46.42 22.73
N ILE A 670 25.08 47.34 23.68
CA ILE A 670 23.94 48.22 23.85
C ILE A 670 24.36 49.59 24.39
N GLU A 671 23.65 50.63 23.97
CA GLU A 671 23.91 51.98 24.47
C GLU A 671 23.47 52.10 25.93
N PHE A 672 24.40 52.50 26.79
CA PHE A 672 24.12 52.60 28.21
C PHE A 672 23.24 53.80 28.53
N ILE A 673 22.51 53.71 29.64
CA ILE A 673 21.64 54.79 30.08
C ILE A 673 21.64 54.93 31.59
N PRO A 674 21.28 56.11 32.10
CA PRO A 674 21.22 56.34 33.54
C PRO A 674 20.07 55.57 34.19
N ASN A 675 20.25 54.25 34.31
CA ASN A 675 19.19 53.39 34.84
C ASN A 675 19.47 52.93 36.27
N ASP A 676 18.47 53.03 37.13
CA ASP A 676 18.57 52.57 38.50
C ASP A 676 17.53 51.48 38.77
N THR A 677 17.88 50.56 39.66
CA THR A 677 16.99 49.44 39.99
C THR A 677 15.73 49.92 40.70
N LEU A 678 14.62 49.23 40.46
CA LEU A 678 13.34 49.57 41.08
C LEU A 678 13.38 49.32 42.58
N ALA A 679 13.98 48.20 42.97
CA ALA A 679 14.11 47.85 44.38
C ALA A 679 15.07 48.80 45.08
N SER A 680 16.10 49.23 44.36
CA SER A 680 17.07 50.18 44.89
C SER A 680 16.44 51.56 45.05
N ILE A 681 15.63 51.94 44.08
CA ILE A 681 14.93 53.22 44.12
C ILE A 681 13.86 53.21 45.22
N LEU A 682 13.33 52.04 45.50
CA LEU A 682 12.32 51.88 46.55
C LEU A 682 12.95 51.94 47.94
N SER A 683 14.03 51.18 48.12
CA SER A 683 14.70 51.09 49.41
C SER A 683 15.47 52.36 49.77
N LYS A 684 16.37 52.78 48.88
CA LYS A 684 17.25 53.91 49.16
C LYS A 684 16.55 55.26 49.13
N TYR A 685 15.83 55.53 48.05
CA TYR A 685 15.19 56.82 47.85
C TYR A 685 13.89 56.94 48.61
N HIS A 686 13.33 55.79 49.00
CA HIS A 686 12.04 55.74 49.71
C HIS A 686 10.85 56.36 48.99
N GLY A 687 10.61 55.90 47.76
CA GLY A 687 9.53 56.43 46.95
C GLY A 687 10.14 57.02 45.69
N ILE A 688 9.33 57.09 44.63
CA ILE A 688 9.80 57.58 43.34
C ILE A 688 9.77 59.10 43.26
N LEU A 689 9.06 59.72 44.20
CA LEU A 689 8.92 61.19 44.21
C LEU A 689 10.26 61.87 44.49
N GLY A 690 10.96 61.40 45.51
CA GLY A 690 12.25 61.97 45.88
C GLY A 690 13.31 61.73 44.83
N TYR A 691 13.26 60.56 44.20
CA TYR A 691 14.21 60.21 43.15
C TYR A 691 14.02 61.10 41.92
N LEU A 692 12.76 61.43 41.64
CA LEU A 692 12.44 62.31 40.52
C LEU A 692 12.74 63.76 40.88
N LYS A 693 12.70 64.06 42.17
CA LYS A 693 13.00 65.40 42.65
C LYS A 693 14.49 65.57 42.90
N LEU A 694 15.25 64.50 42.70
CA LEU A 694 16.70 64.54 42.89
C LEU A 694 17.39 65.30 41.75
N HIS A 695 17.04 64.94 40.53
CA HIS A 695 17.64 65.56 39.34
C HIS A 695 17.10 66.97 39.17
N TYR A 696 15.78 67.10 39.07
CA TYR A 696 15.15 68.39 38.89
C TYR A 696 13.96 68.61 39.80
N PRO A 697 14.22 68.99 41.06
CA PRO A 697 13.15 69.24 42.03
C PRO A 697 12.23 70.38 41.59
N ASP A 698 10.92 70.12 41.61
CA ASP A 698 9.95 71.15 41.26
C ASP A 698 8.86 71.29 42.31
N GLU A 699 8.86 72.43 43.00
CA GLU A 699 7.79 72.76 43.94
C GLU A 699 7.04 73.98 43.44
N ASN A 700 5.80 73.78 43.00
CA ASN A 700 4.99 74.87 42.49
C ASN A 700 4.46 75.73 43.62
N ALA A 701 4.15 76.99 43.30
CA ALA A 701 3.64 77.93 44.29
C ALA A 701 2.17 77.67 44.59
N THR A 702 1.55 76.79 43.81
CA THR A 702 0.14 76.49 43.98
C THR A 702 -0.11 75.05 44.43
N LEU A 703 0.01 74.12 43.51
CA LEU A 703 -0.28 72.72 43.79
C LEU A 703 0.96 71.90 44.11
N GLY A 704 2.14 72.53 44.03
CA GLY A 704 3.39 71.82 44.22
C GLY A 704 3.61 70.84 43.07
N VAL A 705 3.04 71.17 41.92
CA VAL A 705 3.09 70.30 40.74
C VAL A 705 4.49 70.18 40.16
N GLN A 706 4.69 69.15 39.34
CA GLN A 706 5.97 68.91 38.69
C GLN A 706 5.83 69.07 37.18
N GLY A 707 6.93 69.37 36.51
CA GLY A 707 6.90 69.75 35.10
C GLY A 707 6.99 68.61 34.10
N TRP A 708 7.59 68.93 32.96
CA TRP A 708 7.70 68.01 31.83
C TRP A 708 8.48 66.74 32.17
N VAL A 709 9.21 66.77 33.28
CA VAL A 709 9.89 65.56 33.75
C VAL A 709 8.85 64.53 34.20
N LEU A 710 7.95 64.96 35.08
CA LEU A 710 6.88 64.10 35.56
C LEU A 710 5.89 63.80 34.45
N ASP A 711 5.68 64.78 33.58
CA ASP A 711 4.79 64.59 32.42
C ASP A 711 5.32 63.47 31.53
N ASN A 712 6.60 63.55 31.20
CA ASN A 712 7.26 62.54 30.38
C ASN A 712 7.32 61.19 31.10
N PHE A 713 7.39 61.24 32.43
CA PHE A 713 7.38 60.02 33.23
C PHE A 713 6.03 59.31 33.10
N VAL A 714 4.96 60.07 33.21
CA VAL A 714 3.61 59.53 33.08
C VAL A 714 3.36 59.00 31.69
N LYS A 715 3.76 59.78 30.68
CA LYS A 715 3.60 59.38 29.29
C LYS A 715 4.38 58.10 29.00
N SER A 716 5.57 57.99 29.60
CA SER A 716 6.39 56.79 29.45
C SER A 716 5.75 55.60 30.15
N CYS A 717 5.07 55.87 31.27
CA CYS A 717 4.38 54.83 32.01
C CYS A 717 3.22 54.26 31.19
N ALA A 718 2.35 55.14 30.71
CA ALA A 718 1.21 54.73 29.91
C ALA A 718 1.65 54.06 28.61
N GLY A 719 2.69 54.60 27.99
CA GLY A 719 3.22 54.05 26.76
C GLY A 719 3.79 52.65 26.97
N TYR A 720 4.51 52.47 28.07
CA TYR A 720 5.07 51.18 28.41
C TYR A 720 3.96 50.18 28.73
N CYS A 721 2.87 50.68 29.31
CA CYS A 721 1.72 49.84 29.60
C CYS A 721 1.08 49.35 28.31
N VAL A 722 0.91 50.27 27.36
CA VAL A 722 0.33 49.94 26.06
C VAL A 722 1.23 48.96 25.30
N ILE A 723 2.53 49.16 25.40
CA ILE A 723 3.50 48.27 24.75
C ILE A 723 3.47 46.88 25.35
N THR A 724 3.40 46.82 26.68
CA THR A 724 3.36 45.55 27.39
C THR A 724 2.08 44.79 27.07
N TYR A 725 0.97 45.52 26.96
CA TYR A 725 -0.30 44.91 26.60
C TYR A 725 -0.27 44.38 25.17
N ILE A 726 0.09 45.24 24.22
CA ILE A 726 0.16 44.87 22.82
C ILE A 726 1.11 43.71 22.55
N LEU A 727 2.40 43.97 22.75
CA LEU A 727 3.44 42.98 22.42
C LEU A 727 3.35 41.75 23.30
N GLY A 728 2.82 41.92 24.51
CA GLY A 728 2.71 40.82 25.45
C GLY A 728 4.06 40.35 25.94
N VAL A 729 4.93 41.32 26.25
CA VAL A 729 6.26 41.00 26.74
C VAL A 729 6.20 40.43 28.15
N GLY A 730 6.80 39.25 28.33
CA GLY A 730 6.83 38.59 29.62
C GLY A 730 8.17 38.72 30.31
N ASP A 731 8.31 38.02 31.44
CA ASP A 731 9.53 38.04 32.25
C ASP A 731 9.90 39.46 32.70
N ARG A 732 8.90 40.30 32.84
CA ARG A 732 9.11 41.67 33.29
C ARG A 732 8.79 41.80 34.78
N HIS A 733 9.83 42.03 35.58
CA HIS A 733 9.68 42.15 37.02
C HIS A 733 10.33 43.42 37.53
N LEU A 734 10.37 43.58 38.85
CA LEU A 734 11.01 44.73 39.48
C LEU A 734 12.49 44.80 39.10
N ASP A 735 13.09 43.63 38.87
CA ASP A 735 14.48 43.56 38.44
C ASP A 735 14.61 43.86 36.96
N ASN A 736 13.65 43.37 36.17
CA ASN A 736 13.66 43.57 34.72
C ASN A 736 13.26 44.99 34.34
N LEU A 737 12.71 45.73 35.30
CA LEU A 737 12.30 47.11 35.08
C LEU A 737 13.29 48.09 35.73
N LEU A 738 13.67 49.11 34.97
CA LEU A 738 14.62 50.10 35.47
C LEU A 738 14.05 51.50 35.38
N VAL A 739 14.64 52.43 36.13
CA VAL A 739 14.19 53.82 36.15
C VAL A 739 15.26 54.76 35.60
N THR A 740 14.90 55.54 34.59
CA THR A 740 15.83 56.48 33.97
C THR A 740 15.54 57.91 34.43
N PRO A 741 16.53 58.53 35.11
CA PRO A 741 16.52 59.86 35.72
C PRO A 741 16.18 60.95 34.71
N ASP A 742 16.32 60.64 33.43
CA ASP A 742 15.93 61.55 32.36
C ASP A 742 14.42 61.75 32.31
N GLY A 743 13.71 60.98 33.13
CA GLY A 743 12.25 61.04 33.15
C GLY A 743 11.63 59.90 32.37
N HIS A 744 12.42 58.87 32.08
CA HIS A 744 11.95 57.75 31.28
C HIS A 744 11.82 56.48 32.09
N PHE A 745 10.89 55.60 31.70
CA PHE A 745 10.71 54.31 32.34
C PHE A 745 11.33 53.21 31.49
N PHE A 746 12.42 52.63 31.97
CA PHE A 746 13.16 51.63 31.21
C PHE A 746 12.63 50.21 31.47
N HIS A 747 12.62 49.41 30.41
CA HIS A 747 12.20 48.01 30.50
C HIS A 747 13.16 47.12 29.72
N ALA A 748 13.68 46.09 30.38
CA ALA A 748 14.66 45.20 29.77
C ALA A 748 14.22 43.74 29.86
N ASP A 749 15.10 42.84 29.43
CA ASP A 749 14.85 41.41 29.42
C ASP A 749 13.63 40.97 28.60
N PHE A 750 13.63 41.35 27.34
CA PHE A 750 12.52 41.04 26.43
C PHE A 750 12.53 39.62 25.87
N GLY A 751 13.48 38.82 26.35
CA GLY A 751 13.65 37.45 25.89
C GLY A 751 12.37 36.63 25.88
N TYR A 752 11.56 36.79 26.92
CA TYR A 752 10.27 36.11 26.99
C TYR A 752 9.14 37.07 26.59
N ILE A 753 8.43 36.71 25.52
CA ILE A 753 7.35 37.56 25.02
C ILE A 753 6.33 36.75 24.21
N LEU A 754 5.37 37.45 23.62
CA LEU A 754 4.32 36.83 22.81
C LEU A 754 3.45 35.90 23.65
N GLY A 755 3.20 36.29 24.90
CA GLY A 755 2.36 35.51 25.79
C GLY A 755 3.14 34.54 26.65
N GLN A 756 4.44 34.76 26.76
CA GLN A 756 5.30 33.87 27.55
C GLN A 756 5.83 34.57 28.80
N ASP A 757 5.36 34.13 29.96
CA ASP A 757 5.83 34.67 31.23
C ASP A 757 6.39 33.55 32.10
N PRO A 758 7.37 33.87 32.95
CA PRO A 758 8.02 32.87 33.81
C PRO A 758 7.04 32.19 34.76
N LYS A 759 6.19 32.98 35.41
CA LYS A 759 5.15 32.45 36.28
C LYS A 759 3.86 32.23 35.48
N PRO A 760 2.77 31.87 36.18
CA PRO A 760 1.46 31.74 35.54
C PRO A 760 1.06 33.03 34.83
N PHE A 761 0.31 32.90 33.73
CA PHE A 761 -0.02 34.04 32.88
C PHE A 761 -0.87 35.08 33.60
N PRO A 762 -0.33 36.29 33.74
CA PRO A 762 -0.96 37.49 34.33
C PRO A 762 -1.73 38.30 33.30
N PRO A 763 -2.24 39.47 33.71
CA PRO A 763 -2.96 40.38 32.80
C PRO A 763 -2.03 41.03 31.78
N LEU A 764 -2.59 41.90 30.94
CA LEU A 764 -1.82 42.55 29.88
C LEU A 764 -0.94 43.68 30.41
N MET A 765 -1.52 44.52 31.27
CA MET A 765 -0.81 45.68 31.81
C MET A 765 0.33 45.26 32.74
N LYS A 766 1.48 45.92 32.59
CA LYS A 766 2.64 45.62 33.42
C LYS A 766 2.72 46.56 34.62
N LEU A 767 1.72 47.41 34.77
CA LEU A 767 1.69 48.39 35.85
C LEU A 767 1.57 47.72 37.22
N PRO A 768 2.50 48.07 38.14
CA PRO A 768 2.55 47.56 39.50
C PRO A 768 1.70 48.37 40.46
N PRO A 769 1.70 48.01 41.76
CA PRO A 769 0.95 48.70 42.81
C PRO A 769 1.50 50.08 43.13
N GLN A 770 2.80 50.26 42.95
CA GLN A 770 3.46 51.52 43.28
C GLN A 770 3.06 52.65 42.32
N ILE A 771 3.20 52.39 41.02
CA ILE A 771 2.83 53.37 40.00
C ILE A 771 1.32 53.58 40.03
N ILE A 772 0.58 52.54 40.40
CA ILE A 772 -0.86 52.63 40.51
C ILE A 772 -1.27 53.53 41.67
N GLU A 773 -0.43 53.59 42.70
CA GLU A 773 -0.66 54.49 43.83
C GLU A 773 -0.27 55.92 43.48
N ALA A 774 0.91 56.07 42.88
CA ALA A 774 1.42 57.39 42.49
C ALA A 774 0.49 58.08 41.50
N PHE A 775 -0.07 57.28 40.59
CA PHE A 775 -1.06 57.80 39.65
C PHE A 775 -2.45 57.70 40.25
N GLY A 776 -2.54 57.01 41.39
CA GLY A 776 -3.82 56.84 42.07
C GLY A 776 -4.24 58.07 42.85
N GLY A 777 -3.29 58.71 43.51
CA GLY A 777 -3.57 59.93 44.23
C GLY A 777 -3.85 61.08 43.28
N ALA A 778 -3.20 61.03 42.12
CA ALA A 778 -3.35 62.05 41.09
C ALA A 778 -4.40 61.66 40.06
N GLU A 779 -5.10 60.56 40.32
CA GLU A 779 -6.02 59.94 39.37
C GLU A 779 -6.98 60.92 38.68
N SER A 780 -7.54 61.84 39.46
CA SER A 780 -8.49 62.82 38.94
C SER A 780 -7.94 63.55 37.72
N SER A 781 -6.63 63.74 37.70
CA SER A 781 -5.94 64.33 36.56
C SER A 781 -5.12 63.28 35.82
N ASN A 782 -4.14 62.71 36.52
CA ASN A 782 -3.19 61.78 35.93
C ASN A 782 -3.81 60.55 35.27
N TYR A 783 -4.88 60.00 35.86
CA TYR A 783 -5.48 58.80 35.29
C TYR A 783 -6.26 59.13 34.04
N ASP A 784 -6.93 60.28 34.02
CA ASP A 784 -7.68 60.72 32.86
C ASP A 784 -6.73 61.06 31.71
N LYS A 785 -5.61 61.69 32.05
CA LYS A 785 -4.61 62.04 31.05
C LYS A 785 -3.94 60.79 30.49
N PHE A 786 -3.60 59.86 31.38
CA PHE A 786 -2.96 58.61 30.98
C PHE A 786 -3.92 57.75 30.16
N ARG A 787 -5.22 57.90 30.42
CA ARG A 787 -6.23 57.19 29.66
C ARG A 787 -6.42 57.83 28.30
N SER A 788 -6.28 59.15 28.24
CA SER A 788 -6.35 59.87 26.98
C SER A 788 -5.20 59.48 26.08
N TYR A 789 -4.00 59.50 26.63
CA TYR A 789 -2.81 59.07 25.91
C TYR A 789 -2.91 57.60 25.54
N CYS A 790 -3.52 56.81 26.42
CA CYS A 790 -3.78 55.40 26.15
C CYS A 790 -4.61 55.23 24.88
N PHE A 791 -5.83 55.76 24.90
CA PHE A 791 -6.74 55.66 23.76
C PHE A 791 -6.13 56.23 22.49
N VAL A 792 -5.42 57.35 22.62
CA VAL A 792 -4.77 57.97 21.47
C VAL A 792 -3.73 57.05 20.85
N ALA A 793 -2.91 56.45 21.71
CA ALA A 793 -1.89 55.52 21.27
C ALA A 793 -2.53 54.27 20.66
N TYR A 794 -3.71 53.93 21.15
CA TYR A 794 -4.44 52.77 20.65
C TYR A 794 -4.93 53.03 19.23
N SER A 795 -5.52 54.21 19.02
CA SER A 795 -5.98 54.60 17.69
C SER A 795 -4.82 54.69 16.71
N ILE A 796 -3.75 55.38 17.13
CA ILE A 796 -2.57 55.55 16.31
C ILE A 796 -1.95 54.21 15.91
N LEU A 797 -1.74 53.34 16.90
CA LEU A 797 -1.23 52.00 16.66
C LEU A 797 -2.12 51.22 15.71
N ARG A 798 -3.35 50.97 16.13
CA ARG A 798 -4.30 50.14 15.38
C ARG A 798 -4.56 50.67 13.97
N ARG A 799 -4.31 51.94 13.75
CA ARG A 799 -4.46 52.51 12.41
C ARG A 799 -3.45 51.92 11.43
N ASN A 800 -2.17 51.99 11.80
CA ASN A 800 -1.09 51.53 10.94
C ASN A 800 -0.64 50.10 11.26
N ALA A 801 -1.35 49.45 12.16
CA ALA A 801 -0.95 48.13 12.70
C ALA A 801 -0.73 47.06 11.63
N GLY A 802 -1.34 47.24 10.46
CA GLY A 802 -1.24 46.25 9.39
C GLY A 802 0.18 45.97 8.93
N LEU A 803 0.92 47.02 8.65
CA LEU A 803 2.31 46.90 8.20
C LEU A 803 3.16 46.18 9.24
N ILE A 804 2.97 46.53 10.50
CA ILE A 804 3.69 45.89 11.60
C ILE A 804 3.30 44.43 11.71
N LEU A 805 2.04 44.13 11.38
CA LEU A 805 1.55 42.76 11.43
C LEU A 805 2.21 41.91 10.34
N ASN A 806 2.32 42.48 9.14
CA ASN A 806 2.98 41.78 8.03
C ASN A 806 4.47 41.59 8.30
N LEU A 807 5.10 42.64 8.80
CA LEU A 807 6.52 42.60 9.13
C LEU A 807 6.79 41.56 10.21
N PHE A 808 5.91 41.50 11.21
CA PHE A 808 6.02 40.51 12.27
C PHE A 808 5.76 39.11 11.71
N GLU A 809 4.92 39.04 10.69
CA GLU A 809 4.62 37.76 10.05
C GLU A 809 5.86 37.21 9.35
N LEU A 810 6.55 38.07 8.60
CA LEU A 810 7.77 37.66 7.92
C LEU A 810 8.89 37.33 8.91
N MET A 811 9.05 38.21 9.91
CA MET A 811 10.08 38.05 10.93
C MET A 811 9.90 36.73 11.69
N LYS A 812 8.67 36.43 12.08
CA LYS A 812 8.36 35.18 12.76
C LYS A 812 8.48 33.99 11.81
N THR A 813 8.24 34.25 10.52
CA THR A 813 8.37 33.21 9.51
C THR A 813 9.82 32.75 9.39
N SER A 814 10.74 33.71 9.48
CA SER A 814 12.17 33.38 9.44
C SER A 814 12.57 32.41 10.55
N ASN A 815 12.58 32.91 11.78
CA ASN A 815 12.89 32.13 12.98
C ASN A 815 12.80 33.00 14.23
N ILE A 816 12.66 32.39 15.39
CA ILE A 816 12.63 33.17 16.62
C ILE A 816 13.23 32.46 17.83
N PRO A 817 13.88 33.25 18.71
CA PRO A 817 14.26 32.79 20.05
C PRO A 817 13.05 32.77 20.96
N ASP A 818 12.97 31.80 21.87
CA ASP A 818 11.90 31.71 22.87
C ASP A 818 10.52 31.41 22.25
N ILE A 819 10.43 31.41 20.93
CA ILE A 819 9.22 31.04 20.20
C ILE A 819 9.55 30.11 19.03
N ARG A 820 8.73 29.09 18.78
CA ARG A 820 8.94 28.24 17.61
C ARG A 820 7.70 28.07 16.70
N ILE A 821 6.77 27.22 17.12
CA ILE A 821 5.45 27.05 16.48
C ILE A 821 4.47 27.94 17.22
N ASP A 822 5.02 28.68 18.18
CA ASP A 822 4.33 29.77 18.84
C ASP A 822 3.66 30.57 17.73
N PRO A 823 4.44 30.93 16.71
CA PRO A 823 4.29 31.87 15.59
C PRO A 823 2.89 32.03 15.03
N ASN A 824 2.20 30.92 14.81
CA ASN A 824 0.82 31.00 14.33
C ASN A 824 -0.07 31.55 15.43
N GLY A 825 0.01 30.90 16.59
CA GLY A 825 -0.72 31.34 17.76
C GLY A 825 -0.24 32.70 18.25
N ALA A 826 1.02 33.03 17.95
CA ALA A 826 1.56 34.32 18.36
C ALA A 826 0.95 35.44 17.51
N ILE A 827 0.90 35.23 16.20
CA ILE A 827 0.24 36.17 15.30
C ILE A 827 -1.23 36.33 15.72
N LEU A 828 -1.88 35.20 15.97
CA LEU A 828 -3.26 35.20 16.43
C LEU A 828 -3.47 36.05 17.68
N ARG A 829 -2.57 35.85 18.64
CA ARG A 829 -2.63 36.53 19.93
C ARG A 829 -2.37 38.02 19.81
N VAL A 830 -1.54 38.37 18.84
CA VAL A 830 -1.25 39.76 18.54
C VAL A 830 -2.52 40.40 18.03
N ARG A 831 -3.25 39.65 17.20
CA ARG A 831 -4.52 40.16 16.69
C ARG A 831 -5.58 40.29 17.77
N GLU A 832 -5.54 39.38 18.75
CA GLU A 832 -6.53 39.37 19.82
C GLU A 832 -6.31 40.51 20.81
N ARG A 833 -5.05 40.71 21.20
CA ARG A 833 -4.71 41.84 22.05
C ARG A 833 -4.96 43.14 21.29
N PHE A 834 -4.78 43.10 19.97
CA PHE A 834 -5.11 44.23 19.12
C PHE A 834 -6.62 44.34 18.95
N ASN A 835 -7.31 43.20 19.06
CA ASN A 835 -8.75 43.13 18.89
C ASN A 835 -9.19 43.73 17.56
N LEU A 836 -8.55 43.29 16.47
CA LEU A 836 -8.82 43.81 15.14
C LEU A 836 -10.22 43.46 14.66
N ASN A 837 -10.78 42.37 15.21
CA ASN A 837 -12.10 41.92 14.81
C ASN A 837 -13.21 42.77 15.43
N MET A 838 -12.84 43.64 16.36
CA MET A 838 -13.80 44.50 17.05
C MET A 838 -13.63 45.96 16.65
N SER A 839 -14.72 46.57 16.19
CA SER A 839 -14.71 47.98 15.81
C SER A 839 -14.92 48.87 17.04
N GLU A 840 -15.16 48.24 18.17
CA GLU A 840 -15.35 48.96 19.43
C GLU A 840 -14.05 49.10 20.19
N GLU A 841 -13.77 50.31 20.68
CA GLU A 841 -12.54 50.60 21.41
C GLU A 841 -12.72 50.37 22.90
N ASP A 842 -13.90 49.87 23.29
CA ASP A 842 -14.25 49.68 24.69
C ASP A 842 -13.32 48.70 25.42
N ALA A 843 -12.54 47.94 24.66
CA ALA A 843 -11.58 47.00 25.24
C ALA A 843 -10.54 47.72 26.08
N THR A 844 -10.10 48.88 25.60
CA THR A 844 -9.16 49.70 26.34
C THR A 844 -9.79 50.21 27.62
N VAL A 845 -11.08 50.50 27.58
CA VAL A 845 -11.82 50.93 28.75
C VAL A 845 -11.94 49.80 29.76
N HIS A 846 -12.05 48.58 29.24
CA HIS A 846 -12.10 47.40 30.09
C HIS A 846 -10.76 47.19 30.77
N PHE A 847 -9.69 47.42 30.02
CA PHE A 847 -8.34 47.34 30.57
C PHE A 847 -8.14 48.41 31.63
N GLN A 848 -8.75 49.57 31.42
CA GLN A 848 -8.70 50.66 32.37
C GLN A 848 -9.45 50.28 33.64
N ASN A 849 -10.56 49.57 33.48
CA ASN A 849 -11.34 49.06 34.60
C ASN A 849 -10.54 48.02 35.38
N LEU A 850 -9.74 47.24 34.66
CA LEU A 850 -8.87 46.26 35.28
C LEU A 850 -7.79 46.97 36.09
N ILE A 851 -7.26 48.05 35.53
CA ILE A 851 -6.29 48.88 36.24
C ILE A 851 -6.92 49.48 37.49
N ASN A 852 -8.22 49.75 37.41
CA ASN A 852 -8.97 50.24 38.55
C ASN A 852 -9.17 49.15 39.59
N ASP A 853 -9.20 47.91 39.12
CA ASP A 853 -9.34 46.77 40.01
C ASP A 853 -7.98 46.36 40.60
N SER A 854 -6.92 46.89 40.01
CA SER A 854 -5.57 46.59 40.47
C SER A 854 -5.31 47.13 41.88
N VAL A 855 -5.92 48.27 42.18
CA VAL A 855 -5.77 48.89 43.50
C VAL A 855 -6.65 48.18 44.53
N ASN A 856 -7.87 47.86 44.13
CA ASN A 856 -8.81 47.16 45.00
C ASN A 856 -9.60 46.10 44.25
N ALA A 857 -9.67 44.90 44.83
CA ALA A 857 -10.36 43.79 44.21
C ALA A 857 -11.87 43.99 44.19
N LEU A 858 -12.52 43.51 43.14
CA LEU A 858 -13.97 43.60 43.02
C LEU A 858 -14.65 42.56 43.92
N LEU A 859 -13.91 41.51 44.25
CA LEU A 859 -14.37 40.44 45.12
C LEU A 859 -15.68 39.82 44.65
N PRO A 860 -15.75 39.46 43.36
CA PRO A 860 -16.93 38.76 42.83
C PRO A 860 -17.06 37.36 43.43
N ILE A 861 -15.93 36.71 43.64
CA ILE A 861 -15.90 35.39 44.27
C ILE A 861 -14.71 35.28 45.21
N VAL A 862 -14.70 34.24 46.04
CA VAL A 862 -13.59 33.99 46.94
C VAL A 862 -12.32 33.70 46.15
N ILE A 863 -12.46 32.91 45.10
CA ILE A 863 -11.34 32.57 44.24
C ILE A 863 -10.86 33.80 43.47
N ASP A 864 -11.76 34.77 43.28
CA ASP A 864 -11.41 36.02 42.62
C ASP A 864 -10.56 36.88 43.54
N HIS A 865 -10.92 36.92 44.81
CA HIS A 865 -10.15 37.66 45.81
C HIS A 865 -8.79 37.00 46.00
N LEU A 866 -8.77 35.67 45.97
CA LEU A 866 -7.53 34.92 46.06
C LEU A 866 -6.67 35.15 44.82
N HIS A 867 -7.33 35.40 43.69
CA HIS A 867 -6.64 35.68 42.45
C HIS A 867 -6.01 37.07 42.47
N ASN A 868 -6.73 38.03 43.04
CA ASN A 868 -6.21 39.38 43.21
C ASN A 868 -5.04 39.39 44.19
N LEU A 869 -5.17 38.59 45.25
CA LEU A 869 -4.10 38.45 46.23
C LEU A 869 -2.89 37.76 45.60
N ALA A 870 -3.15 36.87 44.65
CA ALA A 870 -2.10 36.17 43.94
C ALA A 870 -1.35 37.12 43.00
N GLN A 871 -2.11 37.99 42.32
CA GLN A 871 -1.52 38.98 41.42
C GLN A 871 -0.73 40.01 42.23
N TYR A 872 -1.22 40.32 43.43
CA TYR A 872 -0.54 41.26 44.31
C TYR A 872 0.75 40.66 44.86
N TRP A 873 0.69 39.37 45.19
CA TRP A 873 1.86 38.67 45.72
C TRP A 873 2.92 38.49 44.64
N ARG A 874 2.47 38.28 43.41
CA ARG A 874 3.38 38.12 42.28
C ARG A 874 4.03 39.45 41.92
N THR A 875 3.20 40.49 41.83
CA THR A 875 3.65 41.85 41.50
C THR A 875 4.43 41.89 40.19
N GLN B 10 9.19 23.00 33.11
CA GLN B 10 7.85 23.16 33.64
C GLN B 10 7.85 23.08 35.17
N ALA B 11 7.32 24.11 35.81
CA ALA B 11 7.27 24.16 37.27
C ALA B 11 6.12 23.31 37.82
N SER B 12 4.96 23.39 37.16
CA SER B 12 3.79 22.64 37.60
C SER B 12 3.05 22.03 36.42
N PRO B 13 2.52 20.80 36.61
CA PRO B 13 1.73 20.03 35.64
C PRO B 13 0.30 20.56 35.50
N SER B 14 -0.37 20.14 34.43
CA SER B 14 -1.79 20.45 34.20
C SER B 14 -2.05 21.93 33.90
N ILE B 15 -1.01 22.75 33.95
CA ILE B 15 -1.14 24.18 33.66
C ILE B 15 -1.14 24.44 32.15
N ALA B 16 -1.09 25.71 31.78
CA ALA B 16 -1.10 26.09 30.38
C ALA B 16 -0.36 27.41 30.15
N ILE B 17 0.06 27.63 28.90
CA ILE B 17 0.79 28.84 28.53
C ILE B 17 -0.14 30.05 28.46
N PHE B 18 -1.28 29.87 27.79
CA PHE B 18 -2.23 30.97 27.60
C PHE B 18 -2.95 31.30 28.91
N SER B 19 -3.36 32.56 29.04
CA SER B 19 -4.05 33.03 30.24
C SER B 19 -5.32 32.24 30.51
N TYR B 20 -6.29 32.36 29.61
CA TYR B 20 -7.59 31.71 29.77
C TYR B 20 -7.46 30.19 29.78
N ILE B 21 -6.45 29.66 29.09
CA ILE B 21 -6.25 28.22 29.02
C ILE B 21 -5.81 27.66 30.36
N ASP B 22 -6.56 26.71 30.89
CA ASP B 22 -6.28 26.15 32.20
C ASP B 22 -5.53 24.83 32.14
N VAL B 23 -5.26 24.33 30.93
CA VAL B 23 -4.59 23.04 30.78
C VAL B 23 -3.92 22.87 29.42
N LEU B 24 -3.26 21.72 29.24
CA LEU B 24 -2.52 21.44 28.02
C LEU B 24 -3.44 21.32 26.81
N GLU B 25 -3.15 22.09 25.77
CA GLU B 25 -3.96 22.12 24.56
C GLU B 25 -3.24 22.82 23.42
N GLU B 26 -3.95 23.01 22.31
CA GLU B 26 -3.39 23.72 21.15
C GLU B 26 -3.51 25.23 21.37
N VAL B 27 -3.27 25.99 20.31
CA VAL B 27 -3.30 27.44 20.39
C VAL B 27 -4.71 27.98 20.59
N HIS B 28 -4.84 29.30 20.63
CA HIS B 28 -6.10 29.95 20.94
C HIS B 28 -7.11 29.81 19.80
N TYR B 29 -8.31 30.36 20.00
CA TYR B 29 -9.39 30.25 19.03
C TYR B 29 -10.42 31.35 19.24
N VAL B 30 -11.54 31.24 18.54
CA VAL B 30 -12.60 32.24 18.63
C VAL B 30 -13.44 32.08 19.89
N SER B 31 -14.40 32.99 20.05
CA SER B 31 -15.27 33.01 21.22
C SER B 31 -16.54 33.79 20.93
N GLN B 32 -17.41 33.92 21.92
CA GLN B 32 -18.62 34.71 21.77
C GLN B 32 -19.18 35.20 23.11
N LEU B 33 -20.23 36.01 23.02
CA LEU B 33 -20.89 36.57 24.19
C LEU B 33 -22.32 36.98 23.84
N ASN B 34 -23.16 37.17 24.85
CA ASN B 34 -24.54 37.56 24.62
C ASN B 34 -25.14 38.33 25.79
N SER B 35 -26.24 39.03 25.52
CA SER B 35 -26.98 39.71 26.58
C SER B 35 -27.87 38.71 27.30
N SER B 36 -28.07 37.56 26.66
CA SER B 36 -28.86 36.48 27.24
C SER B 36 -28.08 35.66 28.25
N ARG B 37 -26.82 35.37 27.94
CA ARG B 37 -25.99 34.53 28.79
C ARG B 37 -24.54 35.02 28.84
N PHE B 38 -23.78 34.50 29.81
CA PHE B 38 -22.39 34.89 29.99
C PHE B 38 -21.52 34.48 28.81
N LEU B 39 -20.39 35.18 28.65
CA LEU B 39 -19.48 34.93 27.53
C LEU B 39 -18.85 33.54 27.59
N LYS B 40 -18.49 33.00 26.43
CA LYS B 40 -17.86 31.69 26.35
C LYS B 40 -16.77 31.68 25.30
N THR B 41 -15.82 30.77 25.43
CA THR B 41 -14.68 30.72 24.51
C THR B 41 -14.41 29.31 23.98
N CYS B 42 -14.11 29.22 22.69
CA CYS B 42 -13.80 27.95 22.06
C CYS B 42 -12.36 27.52 22.38
N LYS B 43 -12.14 26.21 22.41
CA LYS B 43 -10.80 25.69 22.70
C LYS B 43 -10.52 24.44 21.86
N ALA B 44 -9.23 24.14 21.67
CA ALA B 44 -8.85 22.97 20.88
C ALA B 44 -7.71 22.19 21.55
N LEU B 45 -7.98 20.92 21.87
CA LEU B 45 -6.96 20.04 22.41
C LEU B 45 -6.46 19.11 21.31
N ASP B 46 -5.14 19.14 21.06
CA ASP B 46 -4.59 18.43 19.92
C ASP B 46 -3.53 17.41 20.30
N PRO B 47 -3.54 16.26 19.60
CA PRO B 47 -2.57 15.16 19.62
C PRO B 47 -1.55 15.29 18.50
N ASN B 48 -0.71 16.33 18.56
CA ASN B 48 0.32 16.60 17.55
C ASN B 48 -0.24 16.72 16.13
N GLY B 49 -1.20 17.61 15.95
CA GLY B 49 -1.77 17.89 14.64
C GLY B 49 -3.17 17.34 14.43
N GLU B 50 -3.74 16.72 15.45
CA GLU B 50 -5.12 16.23 15.39
C GLU B 50 -5.91 16.73 16.59
N ILE B 51 -6.89 17.59 16.34
CA ILE B 51 -7.63 18.23 17.42
C ILE B 51 -9.14 18.06 17.30
N VAL B 52 -9.84 18.27 18.41
CA VAL B 52 -11.29 18.23 18.44
C VAL B 52 -11.83 19.61 18.78
N ILE B 53 -13.16 19.74 18.83
CA ILE B 53 -13.76 21.03 19.15
C ILE B 53 -14.26 21.07 20.58
N LYS B 54 -13.57 21.84 21.42
CA LYS B 54 -13.86 21.86 22.85
C LYS B 54 -14.26 23.26 23.33
N VAL B 55 -14.60 23.37 24.60
CA VAL B 55 -15.04 24.63 25.17
C VAL B 55 -14.30 24.94 26.47
N PHE B 56 -13.92 26.20 26.64
CA PHE B 56 -13.08 26.60 27.77
C PHE B 56 -13.87 26.85 29.06
N ILE B 57 -13.51 26.12 30.11
CA ILE B 57 -14.07 26.35 31.44
C ILE B 57 -13.00 26.13 32.50
N LYS B 58 -12.94 27.03 33.48
CA LYS B 58 -11.88 27.00 34.48
C LYS B 58 -12.37 26.50 35.84
N PRO B 59 -11.94 25.29 36.23
CA PRO B 59 -12.25 24.64 37.50
C PRO B 59 -11.57 25.30 38.70
N LYS B 60 -10.45 25.98 38.46
CA LYS B 60 -9.69 26.61 39.53
C LYS B 60 -10.50 27.67 40.26
N ASP B 61 -11.27 28.46 39.50
CA ASP B 61 -12.12 29.48 40.08
C ASP B 61 -13.55 28.97 40.26
N GLN B 62 -13.79 27.73 39.87
CA GLN B 62 -15.12 27.14 39.93
C GLN B 62 -15.35 26.36 41.23
N TYR B 63 -14.35 26.38 42.11
CA TYR B 63 -14.44 25.66 43.37
C TYR B 63 -15.41 26.33 44.35
N SER B 64 -15.84 27.54 44.01
CA SER B 64 -16.77 28.29 44.85
C SER B 64 -18.19 27.77 44.73
N LEU B 65 -18.54 27.25 43.56
CA LEU B 65 -19.87 26.71 43.32
C LEU B 65 -19.81 25.25 42.90
N ARG B 66 -19.38 25.03 41.65
CA ARG B 66 -19.22 23.68 41.10
C ARG B 66 -20.47 22.82 41.23
N PRO B 67 -21.63 23.36 40.82
CA PRO B 67 -22.86 22.56 40.79
C PRO B 67 -23.05 21.87 39.45
N PHE B 68 -22.07 21.08 39.05
CA PHE B 68 -22.05 20.46 37.72
C PHE B 68 -22.64 19.04 37.72
N LEU B 69 -23.17 18.61 38.87
CA LEU B 69 -23.74 17.28 39.01
C LEU B 69 -24.82 16.98 37.98
N GLN B 70 -25.93 17.70 38.07
CA GLN B 70 -27.08 17.50 37.20
C GLN B 70 -26.70 17.67 35.72
N ARG B 71 -25.84 18.64 35.45
CA ARG B 71 -25.37 18.89 34.09
C ARG B 71 -24.56 17.71 33.57
N ILE B 72 -23.84 17.06 34.48
CA ILE B 72 -23.02 15.90 34.12
C ILE B 72 -23.88 14.67 33.91
N ARG B 73 -24.96 14.58 34.66
CA ARG B 73 -25.92 13.49 34.50
C ARG B 73 -26.63 13.62 33.15
N ALA B 74 -27.07 14.84 32.84
CA ALA B 74 -27.73 15.14 31.58
C ALA B 74 -26.78 14.94 30.41
N GLN B 75 -25.51 15.29 30.62
CA GLN B 75 -24.49 15.13 29.59
C GLN B 75 -24.20 13.65 29.34
N SER B 76 -24.15 12.87 30.41
CA SER B 76 -23.92 11.44 30.30
C SER B 76 -25.08 10.76 29.59
N PHE B 77 -26.30 11.16 29.95
CA PHE B 77 -27.50 10.59 29.36
C PHE B 77 -27.62 10.93 27.87
N LYS B 78 -27.39 12.21 27.55
CA LYS B 78 -27.52 12.68 26.17
C LYS B 78 -26.41 12.14 25.26
N LEU B 79 -25.16 12.34 25.69
CA LEU B 79 -24.02 11.92 24.88
C LEU B 79 -23.81 10.41 24.93
N GLY B 80 -24.48 9.75 25.86
CA GLY B 80 -24.42 8.30 25.95
C GLY B 80 -24.94 7.65 24.69
N GLN B 81 -26.09 8.11 24.23
CA GLN B 81 -26.66 7.64 22.96
C GLN B 81 -25.99 8.36 21.80
N LEU B 82 -25.90 7.68 20.67
CA LEU B 82 -25.26 8.25 19.48
C LEU B 82 -26.23 8.31 18.30
N PRO B 83 -27.26 9.17 18.42
CA PRO B 83 -28.27 9.38 17.37
C PRO B 83 -27.74 10.26 16.25
N HIS B 84 -28.63 10.66 15.33
CA HIS B 84 -28.26 11.54 14.23
C HIS B 84 -27.71 12.87 14.74
N VAL B 85 -28.16 13.27 15.91
CA VAL B 85 -27.66 14.50 16.55
C VAL B 85 -26.26 14.27 17.11
N LEU B 86 -25.50 15.35 17.22
CA LEU B 86 -24.13 15.28 17.71
C LEU B 86 -24.08 14.96 19.20
N ASN B 87 -23.13 14.11 19.59
CA ASN B 87 -22.95 13.77 20.99
C ASN B 87 -21.63 14.32 21.53
N TYR B 88 -21.67 14.81 22.77
CA TYR B 88 -20.49 15.37 23.40
C TYR B 88 -19.43 14.31 23.62
N SER B 89 -18.16 14.67 23.38
CA SER B 89 -17.06 13.73 23.52
C SER B 89 -16.73 13.51 25.00
N LYS B 90 -16.18 14.53 25.64
CA LYS B 90 -15.84 14.44 27.05
C LYS B 90 -16.34 15.65 27.83
N LEU B 91 -17.20 15.42 28.81
CA LEU B 91 -17.66 16.49 29.68
C LEU B 91 -17.04 16.15 31.03
N ILE B 92 -16.13 16.99 31.54
CA ILE B 92 -15.48 16.70 32.81
C ILE B 92 -14.84 17.91 33.52
N GLU B 93 -14.59 17.75 34.81
CA GLU B 93 -13.96 18.78 35.64
C GLU B 93 -12.70 18.22 36.33
N THR B 94 -11.60 18.97 36.29
CA THR B 94 -10.36 18.53 36.91
C THR B 94 -9.95 19.48 38.02
N ASN B 95 -8.77 19.26 38.59
CA ASN B 95 -8.24 20.12 39.64
C ASN B 95 -7.75 21.45 39.08
N ARG B 96 -7.66 21.53 37.76
CA ARG B 96 -7.21 22.75 37.09
C ARG B 96 -8.25 23.23 36.08
N ALA B 97 -8.49 22.43 35.05
CA ALA B 97 -9.41 22.80 33.98
C ALA B 97 -10.74 22.06 34.09
N GLY B 98 -11.84 22.81 34.04
CA GLY B 98 -13.17 22.23 34.02
C GLY B 98 -13.75 22.32 32.61
N TYR B 99 -12.87 22.53 31.64
CA TYR B 99 -13.25 22.70 30.25
C TYR B 99 -13.99 21.48 29.70
N MET B 100 -14.95 21.73 28.81
CA MET B 100 -15.69 20.63 28.19
C MET B 100 -15.12 20.33 26.81
N ILE B 101 -15.66 19.30 26.16
CA ILE B 101 -15.11 18.85 24.88
C ILE B 101 -16.15 18.20 23.98
N ARG B 102 -15.88 18.24 22.68
CA ARG B 102 -16.75 17.65 21.67
C ARG B 102 -15.95 17.34 20.41
N GLN B 103 -16.50 16.52 19.53
CA GLN B 103 -15.81 16.15 18.29
C GLN B 103 -15.57 17.36 17.40
N HIS B 104 -14.50 17.29 16.59
CA HIS B 104 -14.15 18.37 15.68
C HIS B 104 -15.16 18.49 14.54
N LEU B 105 -15.63 19.70 14.30
CA LEU B 105 -16.62 19.95 13.25
C LEU B 105 -16.17 21.09 12.34
N LYS B 106 -16.10 22.28 12.93
CA LYS B 106 -15.74 23.51 12.22
C LYS B 106 -16.73 23.85 11.11
N ASN B 107 -17.95 23.34 11.23
CA ASN B 107 -19.02 23.74 10.32
C ASN B 107 -20.34 23.98 11.04
N ASN B 108 -20.81 25.22 11.01
CA ASN B 108 -22.13 25.56 11.51
C ASN B 108 -23.19 25.18 10.46
N LEU B 109 -24.44 25.01 10.89
CA LEU B 109 -25.51 24.67 9.97
C LEU B 109 -25.70 25.74 8.90
N TYR B 110 -25.95 26.97 9.35
CA TYR B 110 -26.17 28.09 8.43
C TYR B 110 -24.89 28.44 7.67
N ASP B 111 -23.77 28.40 8.37
CA ASP B 111 -22.48 28.73 7.78
C ASP B 111 -22.12 27.76 6.65
N ARG B 112 -22.47 26.50 6.83
CA ARG B 112 -22.24 25.49 5.80
C ARG B 112 -23.30 25.59 4.72
N LEU B 113 -24.49 26.06 5.09
CA LEU B 113 -25.55 26.31 4.12
C LEU B 113 -25.09 27.37 3.14
N SER B 114 -24.35 28.35 3.63
CA SER B 114 -23.77 29.38 2.78
C SER B 114 -22.49 28.88 2.09
N LEU B 115 -21.76 28.00 2.76
CA LEU B 115 -20.49 27.51 2.25
C LEU B 115 -20.66 26.41 1.21
N ARG B 116 -21.74 25.65 1.31
CA ARG B 116 -21.94 24.51 0.41
C ARG B 116 -23.23 24.62 -0.39
N PRO B 117 -23.24 25.51 -1.39
CA PRO B 117 -24.40 25.64 -2.29
C PRO B 117 -24.55 24.42 -3.19
N TYR B 118 -23.44 23.72 -3.43
CA TYR B 118 -23.46 22.52 -4.26
C TYR B 118 -23.99 21.33 -3.49
N LEU B 119 -23.66 21.26 -2.20
CA LEU B 119 -24.11 20.16 -1.36
C LEU B 119 -25.55 20.37 -0.90
N GLN B 120 -26.03 21.60 -1.05
CA GLN B 120 -27.41 21.93 -0.68
C GLN B 120 -28.37 21.57 -1.80
N ASP B 121 -29.40 20.79 -1.47
CA ASP B 121 -30.37 20.36 -2.46
C ASP B 121 -31.80 20.43 -1.90
N ILE B 122 -32.78 20.30 -2.77
CA ILE B 122 -34.19 20.33 -2.38
C ILE B 122 -34.52 19.29 -1.33
N GLU B 123 -34.39 18.01 -1.69
CA GLU B 123 -34.71 16.92 -0.78
C GLU B 123 -33.70 16.80 0.36
N LEU B 124 -32.52 17.39 0.16
CA LEU B 124 -31.46 17.33 1.15
C LEU B 124 -31.83 18.07 2.44
N LYS B 125 -32.31 19.30 2.28
CA LYS B 125 -32.73 20.12 3.41
C LYS B 125 -33.87 19.47 4.16
N PHE B 126 -34.80 18.87 3.41
CA PHE B 126 -35.92 18.16 4.00
C PHE B 126 -35.45 16.93 4.77
N ILE B 127 -34.40 16.30 4.27
CA ILE B 127 -33.82 15.11 4.90
C ILE B 127 -33.16 15.48 6.22
N ALA B 128 -32.35 16.54 6.19
CA ALA B 128 -31.68 17.02 7.39
C ALA B 128 -32.69 17.47 8.43
N PHE B 129 -33.72 18.18 7.97
CA PHE B 129 -34.79 18.64 8.85
C PHE B 129 -35.56 17.48 9.45
N GLN B 130 -35.71 16.41 8.66
CA GLN B 130 -36.38 15.21 9.13
C GLN B 130 -35.55 14.52 10.20
N LEU B 131 -34.23 14.48 9.99
CA LEU B 131 -33.32 13.90 10.98
C LEU B 131 -33.36 14.70 12.28
N LEU B 132 -33.39 16.03 12.14
CA LEU B 132 -33.47 16.90 13.30
C LEU B 132 -34.79 16.71 14.04
N ASN B 133 -35.86 16.47 13.28
CA ASN B 133 -37.17 16.22 13.85
C ASN B 133 -37.20 14.90 14.63
N ALA B 134 -36.57 13.89 14.07
CA ALA B 134 -36.49 12.58 14.71
C ALA B 134 -35.66 12.66 15.99
N LEU B 135 -34.54 13.39 15.92
CA LEU B 135 -33.67 13.56 17.07
C LEU B 135 -34.38 14.33 18.17
N LYS B 136 -35.13 15.37 17.79
CA LYS B 136 -35.86 16.19 18.75
C LYS B 136 -36.99 15.40 19.38
N ASP B 137 -37.64 14.56 18.59
CA ASP B 137 -38.73 13.72 19.09
C ASP B 137 -38.19 12.67 20.06
N ILE B 138 -37.02 12.12 19.74
CA ILE B 138 -36.38 11.14 20.61
C ILE B 138 -35.95 11.79 21.92
N HIS B 139 -35.45 13.02 21.81
CA HIS B 139 -35.07 13.80 22.98
C HIS B 139 -36.30 14.08 23.85
N ASN B 140 -37.42 14.34 23.19
CA ASN B 140 -38.69 14.55 23.89
C ASN B 140 -39.18 13.25 24.53
N LEU B 141 -38.75 12.13 23.97
CA LEU B 141 -39.08 10.83 24.52
C LEU B 141 -38.11 10.44 25.62
N ASN B 142 -37.03 11.19 25.72
CA ASN B 142 -36.01 10.96 26.76
C ASN B 142 -36.31 11.76 28.03
N ILE B 143 -37.45 12.45 28.02
CA ILE B 143 -37.92 13.26 29.14
C ILE B 143 -36.93 14.37 29.48
N VAL B 144 -36.21 14.85 28.48
CA VAL B 144 -35.27 15.96 28.65
C VAL B 144 -35.28 16.88 27.45
N HIS B 145 -35.32 18.18 27.70
CA HIS B 145 -35.35 19.19 26.64
C HIS B 145 -35.04 20.58 27.18
N GLY B 146 -35.15 21.59 26.32
CA GLY B 146 -34.95 22.96 26.73
C GLY B 146 -33.63 23.56 26.26
N ASP B 147 -32.86 22.80 25.50
CA ASP B 147 -31.60 23.29 24.96
C ASP B 147 -31.84 24.42 23.96
N ILE B 148 -31.14 25.53 24.14
CA ILE B 148 -31.29 26.69 23.27
C ILE B 148 -30.91 26.36 21.84
N LYS B 149 -31.76 26.76 20.90
CA LYS B 149 -31.54 26.46 19.49
C LYS B 149 -30.85 27.62 18.77
N THR B 150 -29.69 27.32 18.19
CA THR B 150 -28.97 28.29 17.38
C THR B 150 -28.50 27.65 16.08
N GLU B 151 -28.13 28.47 15.10
CA GLU B 151 -27.74 27.99 13.79
C GLU B 151 -26.39 27.30 13.80
N ASN B 152 -25.67 27.42 14.91
CA ASN B 152 -24.34 26.80 15.03
C ASN B 152 -24.41 25.44 15.68
N ILE B 153 -25.63 25.00 16.02
CA ILE B 153 -25.82 23.72 16.69
C ILE B 153 -25.54 22.54 15.77
N LEU B 154 -26.19 22.53 14.61
CA LEU B 154 -26.03 21.43 13.67
C LEU B 154 -24.72 21.51 12.90
N VAL B 155 -23.97 20.42 12.91
CA VAL B 155 -22.68 20.35 12.23
C VAL B 155 -22.73 19.32 11.12
N THR B 156 -21.88 19.51 10.11
CA THR B 156 -21.83 18.59 8.97
C THR B 156 -20.45 17.98 8.80
N SER B 157 -20.42 16.78 8.21
CA SER B 157 -19.17 16.07 7.97
C SER B 157 -19.09 15.62 6.52
N TRP B 158 -18.08 14.83 6.19
CA TRP B 158 -17.94 14.26 4.86
C TRP B 158 -19.16 13.41 4.49
N ASN B 159 -19.84 12.91 5.51
CA ASN B 159 -21.09 12.16 5.32
C ASN B 159 -22.26 13.09 4.99
N TRP B 160 -21.99 14.40 5.07
CA TRP B 160 -22.98 15.43 4.74
C TRP B 160 -24.26 15.29 5.55
N CYS B 161 -24.12 14.88 6.80
CA CYS B 161 -25.27 14.71 7.68
C CYS B 161 -25.27 15.78 8.78
N ILE B 162 -26.47 16.18 9.19
CA ILE B 162 -26.61 17.19 10.23
C ILE B 162 -26.59 16.56 11.62
N LEU B 163 -25.77 17.11 12.50
CA LEU B 163 -25.67 16.59 13.87
C LEU B 163 -25.76 17.72 14.89
N THR B 164 -26.81 17.70 15.71
CA THR B 164 -27.06 18.77 16.67
C THR B 164 -26.47 18.46 18.05
N ASP B 165 -25.92 19.48 18.69
CA ASP B 165 -25.31 19.34 20.00
C ASP B 165 -26.03 20.20 21.04
N PHE B 166 -25.91 19.83 22.31
CA PHE B 166 -26.55 20.55 23.41
C PHE B 166 -26.04 21.98 23.49
N ALA B 167 -24.76 22.17 23.19
CA ALA B 167 -24.17 23.50 23.16
C ALA B 167 -24.23 24.05 21.75
N ALA B 168 -25.05 25.06 21.55
CA ALA B 168 -25.28 25.63 20.22
C ALA B 168 -24.38 26.83 19.93
N PHE B 169 -23.53 27.17 20.90
CA PHE B 169 -22.63 28.30 20.75
C PHE B 169 -21.55 28.01 19.72
N THR B 194 -23.41 36.68 19.36
CA THR B 194 -23.22 37.36 18.09
C THR B 194 -24.40 37.10 17.15
N CYS B 195 -24.78 35.83 17.04
CA CYS B 195 -25.90 35.43 16.20
C CYS B 195 -27.23 35.77 16.85
N TYR B 196 -28.27 35.90 16.04
CA TYR B 196 -29.60 36.20 16.56
C TYR B 196 -30.12 35.04 17.41
N LEU B 197 -30.51 35.35 18.64
CA LEU B 197 -30.96 34.32 19.58
C LEU B 197 -32.40 33.89 19.31
N ALA B 198 -32.71 32.65 19.65
CA ALA B 198 -34.09 32.17 19.56
C ALA B 198 -34.71 32.15 20.95
N PRO B 199 -35.63 33.10 21.20
CA PRO B 199 -36.28 33.28 22.50
C PRO B 199 -37.42 32.30 22.74
N GLU B 200 -37.68 32.01 24.02
CA GLU B 200 -38.85 31.23 24.40
C GLU B 200 -39.95 32.19 24.85
N ARG B 201 -41.06 32.17 24.14
CA ARG B 201 -42.16 33.10 24.40
C ARG B 201 -42.67 33.01 25.83
N PHE B 202 -42.75 31.79 26.34
CA PHE B 202 -43.20 31.56 27.71
C PHE B 202 -42.26 32.20 28.72
N ASN B 203 -40.99 31.82 28.67
CA ASN B 203 -39.98 32.33 29.59
C ASN B 203 -39.79 33.85 29.46
N SER B 204 -40.14 34.38 28.29
CA SER B 204 -40.06 35.82 28.05
C SER B 204 -41.22 36.55 28.71
N LYS B 205 -42.44 36.25 28.26
CA LYS B 205 -43.63 36.93 28.73
C LYS B 205 -43.89 36.71 30.22
N LEU B 206 -43.43 35.58 30.74
CA LEU B 206 -43.65 35.24 32.15
C LEU B 206 -42.53 35.75 33.05
N TYR B 207 -41.59 36.49 32.46
CA TYR B 207 -40.44 36.97 33.23
C TYR B 207 -40.68 38.36 33.80
N GLN B 208 -40.83 38.41 35.13
CA GLN B 208 -40.91 39.68 35.85
C GLN B 208 -40.05 39.60 37.11
N ASP B 209 -39.04 40.45 37.18
CA ASP B 209 -38.06 40.41 38.27
C ASP B 209 -37.47 39.02 38.43
N GLY B 210 -37.21 38.36 37.30
CA GLY B 210 -36.70 37.00 37.32
C GLY B 210 -37.77 36.02 37.76
N LYS B 211 -39.02 36.31 37.40
CA LYS B 211 -40.17 35.49 37.79
C LYS B 211 -40.23 35.29 39.30
N SER B 212 -40.06 36.39 40.04
CA SER B 212 -40.04 36.37 41.50
C SER B 212 -39.00 35.40 42.04
N ASN B 213 -37.77 35.54 41.55
CA ASN B 213 -36.65 34.70 41.95
C ASN B 213 -36.93 33.21 41.75
N ASN B 214 -37.35 32.86 40.54
CA ASN B 214 -37.64 31.47 40.21
C ASN B 214 -36.41 30.73 39.72
N GLY B 215 -36.29 29.46 40.08
CA GLY B 215 -35.15 28.64 39.69
C GLY B 215 -35.21 28.22 38.23
N ARG B 216 -34.37 27.25 37.88
CA ARG B 216 -34.30 26.75 36.51
C ARG B 216 -35.61 26.11 36.07
N LEU B 217 -36.14 26.55 34.93
CA LEU B 217 -37.38 26.03 34.40
C LEU B 217 -37.37 25.98 32.88
N THR B 218 -38.11 25.03 32.32
CA THR B 218 -38.19 24.82 30.87
C THR B 218 -39.18 23.72 30.51
N LYS B 219 -39.58 23.70 29.25
CA LYS B 219 -40.53 22.71 28.77
C LYS B 219 -40.20 22.30 27.33
N GLU B 220 -40.80 21.22 26.86
CA GLU B 220 -40.62 20.77 25.49
C GLU B 220 -41.19 21.79 24.50
N MET B 221 -42.13 22.60 24.99
CA MET B 221 -42.76 23.63 24.17
C MET B 221 -41.75 24.67 23.70
N ASP B 222 -40.91 25.13 24.63
CA ASP B 222 -39.88 26.12 24.32
C ASP B 222 -38.91 25.57 23.27
N ILE B 223 -38.58 24.29 23.40
CA ILE B 223 -37.72 23.63 22.43
C ILE B 223 -38.45 23.48 21.09
N PHE B 224 -39.78 23.44 21.15
CA PHE B 224 -40.59 23.33 19.93
C PHE B 224 -40.63 24.66 19.18
N SER B 225 -40.69 25.76 19.92
CA SER B 225 -40.71 27.09 19.32
C SER B 225 -39.33 27.47 18.80
N LEU B 226 -38.31 27.21 19.61
CA LEU B 226 -36.93 27.47 19.23
C LEU B 226 -36.56 26.62 18.03
N GLY B 227 -36.97 25.35 18.06
CA GLY B 227 -36.75 24.43 16.96
C GLY B 227 -37.49 24.88 15.72
N CYS B 228 -38.68 25.44 15.92
CA CYS B 228 -39.46 26.01 14.83
C CYS B 228 -38.69 27.13 14.14
N VAL B 229 -38.40 28.19 14.88
CA VAL B 229 -37.66 29.34 14.35
C VAL B 229 -36.34 28.94 13.70
N ILE B 230 -35.64 27.98 14.32
CA ILE B 230 -34.40 27.47 13.77
C ILE B 230 -34.63 26.75 12.44
N ALA B 231 -35.75 26.03 12.35
CA ALA B 231 -36.10 25.29 11.14
C ALA B 231 -36.42 26.25 10.00
N GLU B 232 -37.13 27.34 10.33
CA GLU B 232 -37.42 28.36 9.35
C GLU B 232 -36.13 29.03 8.88
N ILE B 233 -35.24 29.28 9.84
CA ILE B 233 -33.94 29.87 9.56
C ILE B 233 -33.12 28.99 8.64
N PHE B 234 -33.27 27.68 8.79
CA PHE B 234 -32.57 26.73 7.95
C PHE B 234 -33.22 26.67 6.56
N ALA B 235 -34.53 26.82 6.53
CA ALA B 235 -35.28 26.77 5.28
C ALA B 235 -34.95 27.95 4.37
N GLU B 236 -35.07 29.16 4.91
CA GLU B 236 -34.82 30.37 4.13
C GLU B 236 -33.33 30.65 3.98
N GLY B 237 -32.58 30.45 5.06
CA GLY B 237 -31.18 30.80 5.10
C GLY B 237 -30.92 32.01 5.98
N ARG B 238 -32.00 32.71 6.33
CA ARG B 238 -31.93 33.85 7.23
C ARG B 238 -33.03 33.73 8.29
N PRO B 239 -32.73 34.13 9.53
CA PRO B 239 -33.76 33.85 10.53
C PRO B 239 -34.79 34.97 10.66
N ILE B 240 -35.81 34.73 11.49
CA ILE B 240 -36.86 35.70 11.73
C ILE B 240 -36.65 36.48 13.03
N PHE B 241 -35.56 36.21 13.73
CA PHE B 241 -35.35 36.75 15.07
C PHE B 241 -34.99 38.24 15.06
N ASN B 242 -35.82 39.04 15.71
CA ASN B 242 -35.60 40.47 15.85
C ASN B 242 -36.38 41.03 17.02
N LEU B 243 -36.01 42.22 17.49
CA LEU B 243 -36.76 42.90 18.54
C LEU B 243 -38.17 43.21 18.07
N SER B 244 -38.27 43.68 16.82
CA SER B 244 -39.56 43.96 16.20
C SER B 244 -40.36 42.68 16.01
N GLN B 245 -39.64 41.57 15.82
CA GLN B 245 -40.27 40.28 15.65
C GLN B 245 -40.87 39.80 16.97
N LEU B 246 -40.15 40.03 18.07
CA LEU B 246 -40.64 39.68 19.40
C LEU B 246 -41.84 40.56 19.75
N PHE B 247 -41.74 41.84 19.39
CA PHE B 247 -42.83 42.78 19.63
C PHE B 247 -44.06 42.38 18.81
N LYS B 248 -43.83 41.86 17.62
CA LYS B 248 -44.92 41.38 16.77
C LYS B 248 -45.53 40.11 17.35
N TYR B 249 -44.69 39.31 17.99
CA TYR B 249 -45.16 38.11 18.68
C TYR B 249 -46.03 38.50 19.86
N LYS B 250 -45.70 39.63 20.47
CA LYS B 250 -46.53 40.20 21.53
C LYS B 250 -47.78 40.83 20.92
N SER B 251 -47.71 41.15 19.63
CA SER B 251 -48.84 41.74 18.92
C SER B 251 -49.75 40.66 18.36
N ASN B 252 -49.36 39.41 18.57
CA ASN B 252 -50.15 38.24 18.15
C ASN B 252 -50.45 38.23 16.65
N SER B 253 -49.56 38.83 15.86
CA SER B 253 -49.74 38.85 14.41
C SER B 253 -48.38 38.90 13.69
N TYR B 254 -48.31 38.22 12.56
CA TYR B 254 -47.10 38.22 11.75
C TYR B 254 -47.43 38.05 10.26
N ASP B 255 -46.67 38.72 9.40
CA ASP B 255 -46.87 38.60 7.96
C ASP B 255 -46.15 37.38 7.43
N VAL B 256 -46.91 36.47 6.81
CA VAL B 256 -46.34 35.23 6.30
C VAL B 256 -45.98 35.33 4.82
N ASN B 257 -44.68 35.32 4.53
CA ASN B 257 -44.20 35.34 3.16
C ASN B 257 -42.96 34.47 2.99
N ARG B 258 -42.97 33.61 1.98
CA ARG B 258 -41.86 32.69 1.74
C ARG B 258 -41.88 32.12 0.32
N SER B 267 -44.58 25.36 1.19
CA SER B 267 -45.70 24.46 0.97
C SER B 267 -46.80 24.69 2.01
N THR B 268 -48.03 24.34 1.64
CA THR B 268 -49.18 24.50 2.53
C THR B 268 -49.01 23.75 3.85
N ASP B 269 -48.96 22.43 3.77
CA ASP B 269 -48.86 21.56 4.95
C ASP B 269 -47.64 21.91 5.80
N LEU B 270 -46.53 22.23 5.14
CA LEU B 270 -45.31 22.60 5.84
C LEU B 270 -45.49 23.91 6.61
N ARG B 271 -46.11 24.89 5.96
CA ARG B 271 -46.35 26.19 6.57
C ARG B 271 -47.30 26.06 7.76
N ASN B 272 -48.30 25.21 7.64
CA ASN B 272 -49.24 24.99 8.73
C ASN B 272 -48.58 24.28 9.90
N LEU B 273 -47.83 23.22 9.60
CA LEU B 273 -47.15 22.45 10.63
C LEU B 273 -46.11 23.28 11.36
N VAL B 274 -45.50 24.23 10.64
CA VAL B 274 -44.52 25.13 11.24
C VAL B 274 -45.22 26.20 12.07
N LEU B 275 -46.34 26.70 11.55
CA LEU B 275 -47.10 27.74 12.24
C LEU B 275 -47.73 27.22 13.53
N ASP B 276 -47.95 25.91 13.58
CA ASP B 276 -48.47 25.28 14.79
C ASP B 276 -47.51 25.49 15.97
N MET B 277 -46.23 25.27 15.72
CA MET B 277 -45.20 25.47 16.73
C MET B 277 -44.82 26.94 16.87
N ILE B 278 -45.06 27.70 15.81
CA ILE B 278 -44.65 29.11 15.77
C ILE B 278 -45.59 30.02 16.56
N GLN B 279 -46.90 29.82 16.40
CA GLN B 279 -47.90 30.67 17.04
C GLN B 279 -47.76 30.70 18.55
N LEU B 280 -48.10 29.59 19.20
CA LEU B 280 -47.92 29.45 20.64
C LEU B 280 -47.35 28.07 20.96
N ASP B 281 -46.18 28.04 21.59
CA ASP B 281 -45.51 26.78 21.87
C ASP B 281 -46.35 25.85 22.74
N PRO B 282 -46.66 26.29 23.97
CA PRO B 282 -47.51 25.52 24.90
C PRO B 282 -48.97 25.45 24.48
N SER B 283 -49.51 26.57 24.01
CA SER B 283 -50.95 26.68 23.79
C SER B 283 -51.44 26.05 22.48
N LYS B 284 -50.70 26.25 21.40
CA LYS B 284 -51.13 25.76 20.10
C LYS B 284 -50.77 24.28 19.90
N ARG B 285 -50.12 23.70 20.90
CA ARG B 285 -49.79 22.28 20.91
C ARG B 285 -48.96 21.88 19.69
N LEU B 286 -47.69 22.28 19.69
CA LEU B 286 -46.77 21.93 18.61
C LEU B 286 -46.74 20.42 18.37
N SER B 287 -46.47 19.66 19.42
CA SER B 287 -46.52 18.19 19.38
C SER B 287 -45.59 17.61 18.31
N CYS B 288 -44.29 17.68 18.56
CA CYS B 288 -43.28 17.20 17.63
C CYS B 288 -43.54 15.78 17.13
N ASP B 289 -44.02 14.92 18.01
CA ASP B 289 -44.35 13.55 17.64
C ASP B 289 -45.49 13.52 16.62
N GLU B 290 -46.49 14.38 16.84
CA GLU B 290 -47.65 14.45 15.95
C GLU B 290 -47.23 14.91 14.56
N LEU B 291 -46.23 15.78 14.50
CA LEU B 291 -45.70 16.25 13.22
C LEU B 291 -44.88 15.14 12.58
N LEU B 292 -44.16 14.38 13.40
CA LEU B 292 -43.39 13.25 12.92
C LEU B 292 -44.30 12.20 12.30
N ASN B 293 -45.52 12.09 12.83
CA ASN B 293 -46.52 11.23 12.24
C ASN B 293 -47.25 11.96 11.10
N LYS B 294 -47.07 13.27 11.04
CA LYS B 294 -47.69 14.09 10.01
C LYS B 294 -46.76 14.30 8.82
N TYR B 295 -45.60 13.63 8.86
CA TYR B 295 -44.62 13.71 7.77
C TYR B 295 -45.27 13.38 6.42
N ARG B 296 -45.03 14.26 5.44
CA ARG B 296 -45.71 14.18 4.15
C ARG B 296 -45.41 12.90 3.39
N GLY B 297 -44.13 12.66 3.11
CA GLY B 297 -43.74 11.51 2.31
C GLY B 297 -43.98 10.18 2.97
N ILE B 298 -44.75 9.32 2.30
CA ILE B 298 -44.95 7.94 2.75
C ILE B 298 -43.75 7.11 2.33
N PHE B 299 -43.16 7.47 1.21
CA PHE B 299 -41.95 6.84 0.71
C PHE B 299 -40.75 7.33 1.52
N PHE B 300 -40.54 8.65 1.45
CA PHE B 300 -39.44 9.31 2.15
C PHE B 300 -39.30 8.87 3.61
N PRO B 301 -40.43 8.64 4.29
CA PRO B 301 -40.37 8.16 5.68
C PRO B 301 -39.67 6.80 5.81
N ASP B 302 -40.01 5.86 4.94
CA ASP B 302 -39.43 4.53 4.98
C ASP B 302 -37.98 4.54 4.48
N TYR B 303 -37.74 5.33 3.44
CA TYR B 303 -36.40 5.46 2.88
C TYR B 303 -35.45 6.07 3.90
N PHE B 304 -35.95 7.04 4.66
CA PHE B 304 -35.16 7.70 5.70
C PHE B 304 -35.19 6.89 6.99
N TYR B 305 -36.03 5.86 7.03
CA TYR B 305 -35.99 4.89 8.12
C TYR B 305 -34.84 3.93 7.89
N THR B 306 -34.73 3.43 6.65
CA THR B 306 -33.61 2.59 6.27
C THR B 306 -32.33 3.42 6.32
N PHE B 307 -32.45 4.71 6.03
CA PHE B 307 -31.34 5.63 6.11
C PHE B 307 -31.08 6.03 7.56
N ILE B 308 -32.04 5.76 8.43
CA ILE B 308 -31.86 5.97 9.87
C ILE B 308 -31.07 4.80 10.42
N TYR B 309 -31.34 3.61 9.91
CA TYR B 309 -30.56 2.43 10.26
C TYR B 309 -29.15 2.59 9.72
N ASP B 310 -29.04 3.12 8.51
CA ASP B 310 -27.76 3.43 7.91
C ASP B 310 -27.07 4.55 8.69
N TYR B 311 -27.88 5.37 9.35
CA TYR B 311 -27.36 6.43 10.21
C TYR B 311 -26.86 5.86 11.51
N PHE B 312 -27.42 4.71 11.89
CA PHE B 312 -26.94 3.97 13.05
C PHE B 312 -25.62 3.32 12.70
N ARG B 313 -25.51 2.88 11.45
CA ARG B 313 -24.25 2.36 10.93
C ARG B 313 -23.20 3.48 10.93
N ASN B 314 -23.64 4.67 10.55
CA ASN B 314 -22.77 5.84 10.57
C ASN B 314 -22.37 6.20 11.99
N LEU B 315 -23.26 5.93 12.93
CA LEU B 315 -22.98 6.13 14.35
C LEU B 315 -21.92 5.14 14.80
N VAL B 316 -22.00 3.92 14.28
CA VAL B 316 -20.99 2.91 14.54
C VAL B 316 -19.66 3.35 13.93
N THR B 317 -19.73 4.11 12.84
CA THR B 317 -18.55 4.69 12.23
C THR B 317 -18.13 5.94 12.99
N MET B 318 -19.09 6.60 13.64
CA MET B 318 -18.82 7.84 14.37
C MET B 318 -18.17 7.56 15.72
N THR B 319 -18.35 6.36 16.23
CA THR B 319 -17.80 5.98 17.54
C THR B 319 -16.29 5.83 17.46
N ASN B 327 -4.93 10.68 28.83
CA ASN B 327 -6.11 9.86 29.07
C ASN B 327 -6.47 9.00 27.87
N THR B 328 -7.58 8.27 27.98
CA THR B 328 -8.03 7.39 26.90
C THR B 328 -9.53 7.45 26.72
N CYS B 329 -9.98 7.63 25.48
CA CYS B 329 -11.39 7.62 25.15
C CYS B 329 -11.67 6.69 23.97
N THR B 330 -11.14 7.05 22.81
CA THR B 330 -11.26 6.23 21.61
C THR B 330 -9.95 6.24 20.82
N ASN B 331 -9.63 5.11 20.20
CA ASN B 331 -8.39 4.97 19.45
C ASN B 331 -8.39 5.78 18.16
N SER B 332 -7.19 6.13 17.69
CA SER B 332 -7.03 6.90 16.47
C SER B 332 -7.24 6.03 15.23
N THR B 333 -6.70 4.81 15.28
CA THR B 333 -6.86 3.86 14.18
C THR B 333 -8.30 3.35 14.12
N LEU B 334 -9.00 3.46 15.24
CA LEU B 334 -10.39 3.04 15.33
C LEU B 334 -11.27 3.84 14.39
N GLU B 335 -10.86 5.07 14.08
CA GLU B 335 -11.59 5.92 13.15
C GLU B 335 -11.50 5.36 11.73
N ASP B 336 -10.27 5.09 11.30
CA ASP B 336 -10.03 4.53 9.96
C ASP B 336 -10.70 3.17 9.82
N ASN B 337 -10.58 2.35 10.86
CA ASN B 337 -11.20 1.04 10.88
C ASN B 337 -12.72 1.16 10.75
N VAL B 338 -13.29 2.06 11.54
CA VAL B 338 -14.73 2.31 11.50
C VAL B 338 -15.15 2.82 10.12
N LYS B 339 -14.23 3.51 9.45
CA LYS B 339 -14.52 4.06 8.13
C LYS B 339 -14.58 2.96 7.09
N LEU B 340 -13.46 2.27 6.89
CA LEU B 340 -13.39 1.16 5.95
C LEU B 340 -14.51 0.13 6.19
N LEU B 341 -14.72 -0.21 7.46
CA LEU B 341 -15.77 -1.16 7.82
C LEU B 341 -17.14 -0.61 7.46
N ASP B 342 -17.35 0.68 7.73
CA ASP B 342 -18.62 1.33 7.40
C ASP B 342 -18.87 1.25 5.91
N GLU B 343 -17.81 1.38 5.11
CA GLU B 343 -17.94 1.35 3.66
C GLU B 343 -18.25 -0.05 3.14
N THR B 344 -17.46 -1.02 3.56
CA THR B 344 -17.66 -2.40 3.15
C THR B 344 -19.07 -2.87 3.51
N THR B 345 -19.45 -2.61 4.75
CA THR B 345 -20.80 -2.96 5.21
C THR B 345 -21.84 -2.15 4.45
N GLU B 346 -21.47 -0.94 4.05
CA GLU B 346 -22.39 -0.07 3.32
C GLU B 346 -22.73 -0.67 1.97
N LYS B 347 -21.74 -1.24 1.29
CA LYS B 347 -21.97 -1.88 -0.01
C LYS B 347 -22.68 -3.22 0.14
N ILE B 348 -22.15 -4.05 1.04
CA ILE B 348 -22.71 -5.36 1.31
C ILE B 348 -24.20 -5.26 1.67
N TYR B 349 -24.55 -4.19 2.36
CA TYR B 349 -25.95 -3.91 2.64
C TYR B 349 -26.60 -3.10 1.52
N ARG B 350 -25.79 -2.54 0.63
CA ARG B 350 -26.31 -1.70 -0.45
C ARG B 350 -26.90 -2.58 -1.53
N ASP B 351 -26.52 -3.84 -1.55
CA ASP B 351 -27.18 -4.80 -2.43
C ASP B 351 -28.69 -4.83 -2.15
N PHE B 352 -29.05 -5.31 -0.96
CA PHE B 352 -30.44 -5.44 -0.55
C PHE B 352 -31.11 -4.08 -0.37
N SER B 353 -30.33 -3.06 0.00
CA SER B 353 -30.88 -1.72 0.16
C SER B 353 -31.28 -1.14 -1.18
N GLN B 354 -30.48 -1.43 -2.21
CA GLN B 354 -30.84 -1.04 -3.57
C GLN B 354 -32.08 -1.82 -3.98
N ILE B 355 -32.09 -3.11 -3.66
CA ILE B 355 -33.25 -3.96 -3.95
C ILE B 355 -34.53 -3.40 -3.33
N CYS B 356 -34.40 -2.76 -2.18
CA CYS B 356 -35.52 -2.14 -1.48
C CYS B 356 -36.22 -1.08 -2.32
N HIS B 357 -35.52 0.02 -2.58
CA HIS B 357 -36.12 1.16 -3.28
C HIS B 357 -35.50 1.41 -4.65
N CYS B 358 -36.32 1.26 -5.68
CA CYS B 358 -35.92 1.58 -7.06
C CYS B 358 -34.71 0.87 -7.65
N LEU B 359 -34.75 -0.47 -7.63
CA LEU B 359 -33.64 -1.26 -8.14
C LEU B 359 -33.70 -1.62 -9.62
N ASP B 360 -32.69 -2.36 -10.07
CA ASP B 360 -32.63 -2.88 -11.43
C ASP B 360 -32.00 -4.28 -11.41
N PHE B 361 -32.39 -5.13 -12.34
CA PHE B 361 -31.91 -6.50 -12.38
C PHE B 361 -30.40 -6.58 -12.57
N PRO B 362 -29.90 -6.01 -13.68
CA PRO B 362 -28.47 -6.05 -13.98
C PRO B 362 -27.65 -5.10 -13.11
N LEU B 363 -26.45 -5.53 -12.71
CA LEU B 363 -25.54 -4.69 -11.95
C LEU B 363 -24.11 -5.23 -12.02
N ILE B 364 -23.18 -4.52 -11.39
CA ILE B 364 -21.77 -4.90 -11.42
C ILE B 364 -21.33 -5.71 -10.20
N LYS B 365 -22.26 -5.97 -9.29
CA LYS B 365 -21.94 -6.69 -8.06
C LYS B 365 -22.23 -8.19 -8.18
N ASP B 366 -21.99 -8.92 -7.09
CA ASP B 366 -22.23 -10.36 -7.05
C ASP B 366 -23.73 -10.65 -7.05
N GLY B 367 -24.45 -9.99 -6.15
CA GLY B 367 -25.90 -10.07 -6.13
C GLY B 367 -26.48 -9.45 -7.39
N GLY B 368 -25.74 -8.51 -7.96
CA GLY B 368 -26.10 -7.90 -9.22
C GLY B 368 -25.78 -8.82 -10.38
N GLU B 369 -24.83 -9.72 -10.17
CA GLU B 369 -24.50 -10.75 -11.16
C GLU B 369 -25.57 -11.83 -11.11
N ILE B 370 -26.16 -12.02 -9.93
CA ILE B 370 -27.27 -12.95 -9.77
C ILE B 370 -28.55 -12.34 -10.36
N GLY B 371 -28.67 -11.02 -10.26
CA GLY B 371 -29.80 -10.32 -10.83
C GLY B 371 -29.71 -10.22 -12.34
N SER B 372 -28.48 -10.18 -12.83
CA SER B 372 -28.22 -10.12 -14.27
C SER B 372 -28.10 -11.53 -14.84
N ASP B 373 -28.09 -12.53 -13.95
CA ASP B 373 -28.02 -13.92 -14.37
C ASP B 373 -29.23 -14.30 -15.20
N PRO B 374 -30.41 -13.80 -14.79
CA PRO B 374 -31.65 -13.99 -15.55
C PRO B 374 -31.58 -13.36 -16.93
N PRO B 375 -31.05 -12.13 -17.00
CA PRO B 375 -30.93 -11.40 -18.28
C PRO B 375 -29.60 -11.65 -18.99
N ILE B 376 -29.27 -12.90 -19.24
CA ILE B 376 -28.08 -13.29 -20.00
C ILE B 376 -26.74 -12.73 -19.52
N LEU B 377 -26.39 -13.01 -18.27
CA LEU B 377 -25.11 -12.56 -17.71
C LEU B 377 -23.90 -13.08 -18.48
N LEU B 402 -16.11 -7.72 -27.09
CA LEU B 402 -15.30 -8.55 -26.22
C LEU B 402 -15.37 -8.07 -24.78
N VAL B 403 -14.27 -7.52 -24.28
CA VAL B 403 -14.19 -7.06 -22.90
C VAL B 403 -14.49 -5.57 -22.77
N LEU B 404 -15.60 -5.25 -22.11
CA LEU B 404 -15.99 -3.86 -21.87
C LEU B 404 -16.82 -3.73 -20.60
N GLN B 405 -16.78 -2.56 -19.98
CA GLN B 405 -17.53 -2.31 -18.76
C GLN B 405 -18.89 -1.68 -19.06
N GLN B 406 -19.96 -2.43 -18.80
CA GLN B 406 -21.31 -1.96 -19.08
C GLN B 406 -22.32 -2.50 -18.07
N PHE B 407 -23.31 -1.66 -17.76
CA PHE B 407 -24.39 -2.06 -16.86
C PHE B 407 -25.67 -1.32 -17.24
N THR B 408 -26.70 -1.42 -16.40
CA THR B 408 -27.96 -0.72 -16.65
C THR B 408 -27.73 0.79 -16.71
N LYS B 409 -28.18 1.42 -17.79
CA LYS B 409 -27.95 2.84 -17.99
C LYS B 409 -28.98 3.69 -17.25
N VAL B 410 -28.86 5.00 -17.42
CA VAL B 410 -29.78 5.94 -16.76
C VAL B 410 -31.11 6.03 -17.49
N SER B 411 -31.06 5.87 -18.82
CA SER B 411 -32.24 5.93 -19.67
C SER B 411 -33.04 7.24 -19.61
N GLU B 412 -32.36 8.34 -19.91
CA GLU B 412 -32.97 9.67 -19.92
C GLU B 412 -33.37 10.07 -18.50
N LYS B 413 -32.42 9.92 -17.57
CA LYS B 413 -32.63 10.26 -16.17
C LYS B 413 -33.81 9.54 -15.51
N ILE B 414 -33.79 8.22 -15.55
CA ILE B 414 -34.83 7.38 -14.98
C ILE B 414 -36.17 7.68 -15.64
N LYS B 415 -36.15 7.79 -16.96
CA LYS B 415 -37.33 8.14 -17.75
C LYS B 415 -37.97 9.42 -17.22
N SER B 416 -37.16 10.47 -17.11
CA SER B 416 -37.58 11.76 -16.57
C SER B 416 -38.16 11.60 -15.16
N VAL B 417 -37.56 10.72 -14.38
CA VAL B 417 -37.96 10.47 -12.99
C VAL B 417 -39.42 10.07 -12.80
N LYS B 418 -39.84 9.00 -13.45
CA LYS B 418 -41.19 8.49 -13.29
C LYS B 418 -41.52 8.08 -11.85
N GLU B 419 -40.49 7.64 -11.13
CA GLU B 419 -40.65 7.26 -9.73
C GLU B 419 -40.28 8.42 -8.81
N GLU B 420 -39.94 9.55 -9.42
CA GLU B 420 -39.58 10.77 -8.69
C GLU B 420 -38.41 10.52 -7.73
N CYS B 421 -37.33 9.97 -8.25
CA CYS B 421 -36.18 9.61 -7.42
C CYS B 421 -35.12 10.70 -7.40
N ALA B 422 -34.96 11.32 -6.24
CA ALA B 422 -33.87 12.26 -5.99
C ALA B 422 -33.21 11.95 -4.65
N LEU B 423 -31.95 11.53 -4.69
CA LEU B 423 -31.24 11.14 -3.47
C LEU B 423 -29.83 11.70 -3.41
N LEU B 424 -29.55 12.50 -2.39
CA LEU B 424 -28.22 13.06 -2.18
C LEU B 424 -27.41 12.19 -1.23
N PHE B 425 -28.05 11.14 -0.73
CA PHE B 425 -27.39 10.22 0.20
C PHE B 425 -26.25 9.48 -0.50
N ILE B 426 -26.41 9.24 -1.80
CA ILE B 426 -25.38 8.58 -2.58
C ILE B 426 -24.15 9.48 -2.72
N SER B 427 -24.40 10.76 -2.97
CA SER B 427 -23.32 11.74 -3.06
C SER B 427 -22.66 11.93 -1.70
N TYR B 428 -23.45 11.75 -0.65
CA TYR B 428 -22.92 11.82 0.71
C TYR B 428 -21.99 10.66 1.00
N LEU B 429 -22.42 9.47 0.58
CA LEU B 429 -21.62 8.26 0.76
C LEU B 429 -20.38 8.29 -0.11
N SER B 430 -20.46 9.03 -1.22
CA SER B 430 -19.31 9.20 -2.10
C SER B 430 -18.31 10.16 -1.48
N HIS B 431 -18.83 11.26 -0.93
CA HIS B 431 -17.98 12.23 -0.25
C HIS B 431 -17.34 11.60 0.98
N SER B 432 -18.01 10.63 1.56
CA SER B 432 -17.46 9.85 2.65
C SER B 432 -16.47 8.83 2.10
N ILE B 433 -16.68 8.44 0.86
CA ILE B 433 -15.80 7.48 0.19
C ILE B 433 -14.56 8.18 -0.35
N ARG B 434 -14.53 9.50 -0.22
CA ARG B 434 -13.39 10.30 -0.64
C ARG B 434 -12.13 9.89 0.12
N SER B 435 -12.31 9.47 1.37
CA SER B 435 -11.20 8.97 2.17
C SER B 435 -10.85 7.54 1.77
N ILE B 436 -9.84 6.93 2.38
CA ILE B 436 -9.50 5.54 1.97
C ILE B 436 -8.70 4.76 3.01
N VAL B 437 -9.22 3.63 3.48
CA VAL B 437 -8.57 3.05 4.65
C VAL B 437 -7.85 1.75 4.25
N SER B 438 -8.10 1.28 3.04
CA SER B 438 -7.51 0.04 2.56
C SER B 438 -7.64 -0.02 1.04
N THR B 439 -7.37 -1.18 0.46
CA THR B 439 -7.66 -1.38 -0.95
C THR B 439 -9.12 -1.77 -1.12
N ALA B 440 -9.86 -1.91 -0.01
CA ALA B 440 -11.29 -2.17 -0.12
C ALA B 440 -11.87 -0.81 -0.52
N THR B 441 -11.07 0.24 -0.35
CA THR B 441 -11.49 1.58 -0.72
C THR B 441 -11.72 1.67 -2.23
N LYS B 442 -11.04 0.82 -2.98
CA LYS B 442 -11.22 0.75 -4.43
C LYS B 442 -12.65 0.35 -4.75
N LEU B 443 -13.10 -0.73 -4.12
CA LEU B 443 -14.46 -1.20 -4.29
C LEU B 443 -15.44 -0.20 -3.69
N LYS B 444 -14.99 0.57 -2.72
CA LYS B 444 -15.82 1.61 -2.11
C LYS B 444 -16.13 2.71 -3.11
N ASN B 445 -15.07 3.27 -3.69
CA ASN B 445 -15.21 4.33 -4.69
C ASN B 445 -15.94 3.82 -5.92
N LEU B 446 -15.70 2.56 -6.26
CA LEU B 446 -16.40 1.93 -7.38
C LEU B 446 -17.89 1.84 -7.07
N GLU B 447 -18.20 1.54 -5.81
CA GLU B 447 -19.59 1.43 -5.37
C GLU B 447 -20.25 2.80 -5.38
N LEU B 448 -19.46 3.84 -5.13
CA LEU B 448 -19.96 5.20 -5.22
C LEU B 448 -20.26 5.55 -6.67
N LEU B 449 -19.35 5.17 -7.56
CA LEU B 449 -19.51 5.39 -8.99
C LEU B 449 -20.73 4.64 -9.49
N ALA B 450 -21.04 3.53 -8.84
CA ALA B 450 -22.25 2.78 -9.16
C ALA B 450 -23.46 3.51 -8.60
N VAL B 451 -23.27 4.17 -7.45
CA VAL B 451 -24.34 4.92 -6.81
C VAL B 451 -24.66 6.16 -7.62
N PHE B 452 -23.75 6.52 -8.52
CA PHE B 452 -23.96 7.63 -9.44
C PHE B 452 -25.06 7.33 -10.45
N ALA B 453 -25.56 6.10 -10.43
CA ALA B 453 -26.60 5.64 -11.37
C ALA B 453 -27.78 6.60 -11.47
N GLN B 454 -28.18 7.17 -10.34
CA GLN B 454 -29.22 8.19 -10.33
C GLN B 454 -28.73 9.40 -11.11
N PHE B 455 -29.49 9.83 -12.11
CA PHE B 455 -29.03 10.85 -13.04
C PHE B 455 -29.55 12.25 -12.70
N VAL B 456 -28.63 13.12 -12.31
CA VAL B 456 -28.95 14.53 -12.07
C VAL B 456 -27.83 15.39 -12.66
N SER B 457 -28.21 16.39 -13.44
CA SER B 457 -27.25 17.23 -14.16
C SER B 457 -26.19 17.83 -13.24
N ASP B 458 -26.62 18.69 -12.32
CA ASP B 458 -25.71 19.37 -11.42
C ASP B 458 -24.94 18.39 -10.54
N GLU B 459 -25.59 17.29 -10.17
CA GLU B 459 -24.97 16.29 -9.32
C GLU B 459 -23.91 15.49 -10.08
N ASN B 460 -24.19 15.17 -11.33
CA ASN B 460 -23.27 14.41 -12.15
C ASN B 460 -21.97 15.18 -12.37
N LYS B 461 -22.07 16.50 -12.39
CA LYS B 461 -20.90 17.35 -12.57
C LYS B 461 -19.93 17.22 -11.41
N ILE B 462 -20.45 17.33 -10.19
CA ILE B 462 -19.64 17.20 -9.00
C ILE B 462 -19.13 15.78 -8.81
N ASP B 463 -20.00 14.82 -9.14
CA ASP B 463 -19.65 13.40 -9.03
C ASP B 463 -18.49 13.06 -9.95
N ARG B 464 -18.53 13.58 -11.17
CA ARG B 464 -17.47 13.36 -12.14
C ARG B 464 -16.22 14.16 -11.76
N VAL B 465 -16.44 15.31 -11.12
CA VAL B 465 -15.33 16.15 -10.66
C VAL B 465 -14.54 15.46 -9.56
N VAL B 466 -15.25 14.69 -8.73
CA VAL B 466 -14.60 13.94 -7.66
C VAL B 466 -13.67 12.87 -8.22
N PRO B 467 -14.09 12.20 -9.30
CA PRO B 467 -13.38 11.09 -9.92
C PRO B 467 -11.97 11.46 -10.38
N TYR B 468 -11.84 12.59 -11.07
CA TYR B 468 -10.54 13.04 -11.56
C TYR B 468 -9.65 13.44 -10.39
N PHE B 469 -10.27 14.01 -9.36
CA PHE B 469 -9.55 14.35 -8.14
C PHE B 469 -8.97 13.09 -7.54
N VAL B 470 -9.76 12.02 -7.53
CA VAL B 470 -9.31 10.74 -7.02
C VAL B 470 -8.19 10.18 -7.88
N CYS B 471 -8.29 10.42 -9.19
CA CYS B 471 -7.23 10.05 -10.13
C CYS B 471 -5.92 10.67 -9.72
N CYS B 472 -5.88 12.01 -9.71
CA CYS B 472 -4.66 12.74 -9.37
C CYS B 472 -4.27 12.59 -7.90
N PHE B 473 -5.14 11.98 -7.10
CA PHE B 473 -4.91 11.89 -5.65
C PHE B 473 -3.87 10.84 -5.28
N GLU B 474 -4.21 9.57 -5.45
CA GLU B 474 -3.36 8.49 -4.96
C GLU B 474 -2.41 7.97 -6.04
N ASP B 475 -1.11 8.23 -5.85
CA ASP B 475 -0.09 7.68 -6.72
C ASP B 475 0.49 6.42 -6.10
N SER B 476 0.05 6.11 -4.90
CA SER B 476 0.50 4.91 -4.19
C SER B 476 0.20 3.64 -4.99
N ASP B 477 -1.08 3.34 -5.16
CA ASP B 477 -1.49 2.15 -5.90
C ASP B 477 -1.95 2.54 -7.30
N GLN B 478 -1.66 1.67 -8.27
CA GLN B 478 -2.03 1.91 -9.65
C GLN B 478 -3.53 1.71 -9.88
N ASP B 479 -4.19 1.09 -8.91
CA ASP B 479 -5.63 0.81 -9.02
C ASP B 479 -6.45 2.10 -9.04
N VAL B 480 -5.87 3.18 -8.54
CA VAL B 480 -6.54 4.47 -8.52
C VAL B 480 -6.88 4.93 -9.93
N GLN B 481 -5.96 4.73 -10.86
CA GLN B 481 -6.17 5.11 -12.24
C GLN B 481 -7.30 4.29 -12.85
N ALA B 482 -7.37 3.02 -12.46
CA ALA B 482 -8.40 2.12 -12.97
C ALA B 482 -9.78 2.54 -12.47
N LEU B 483 -9.88 2.78 -11.17
CA LEU B 483 -11.15 3.20 -10.57
C LEU B 483 -11.59 4.54 -11.14
N SER B 484 -10.61 5.43 -11.37
CA SER B 484 -10.88 6.73 -11.95
C SER B 484 -11.41 6.58 -13.38
N LEU B 485 -10.84 5.63 -14.12
CA LEU B 485 -11.27 5.35 -15.47
C LEU B 485 -12.69 4.78 -15.47
N LEU B 486 -13.00 4.03 -14.41
CA LEU B 486 -14.33 3.45 -14.26
C LEU B 486 -15.38 4.52 -14.00
N THR B 487 -15.09 5.39 -13.04
CA THR B 487 -16.00 6.49 -12.71
C THR B 487 -16.15 7.43 -13.91
N LEU B 488 -15.07 7.62 -14.65
CA LEU B 488 -15.09 8.45 -15.84
C LEU B 488 -15.94 7.80 -16.92
N ILE B 489 -15.87 6.47 -17.00
CA ILE B 489 -16.69 5.73 -17.95
C ILE B 489 -18.16 5.88 -17.59
N GLN B 490 -18.44 5.88 -16.29
CA GLN B 490 -19.79 6.11 -15.80
C GLN B 490 -20.26 7.50 -16.19
N VAL B 491 -19.36 8.47 -16.07
CA VAL B 491 -19.64 9.84 -16.45
C VAL B 491 -19.93 9.94 -17.95
N LEU B 492 -19.29 9.04 -18.71
CA LEU B 492 -19.54 8.96 -20.15
C LEU B 492 -20.86 8.24 -20.41
N THR B 493 -21.30 7.47 -19.41
CA THR B 493 -22.56 6.74 -19.52
C THR B 493 -23.71 7.56 -18.95
N SER B 494 -23.39 8.76 -18.45
CA SER B 494 -24.40 9.66 -17.91
C SER B 494 -25.41 10.05 -18.98
N VAL B 495 -24.89 10.43 -20.15
CA VAL B 495 -25.71 10.77 -21.31
C VAL B 495 -26.74 11.88 -21.11
N ARG B 496 -26.28 13.05 -20.71
CA ARG B 496 -27.17 14.19 -20.51
C ARG B 496 -26.70 15.46 -21.21
N LYS B 497 -27.65 16.23 -21.74
CA LYS B 497 -27.34 17.50 -22.39
C LYS B 497 -26.82 18.50 -21.38
N LEU B 498 -25.95 19.40 -21.83
CA LEU B 498 -25.34 20.38 -20.93
C LEU B 498 -26.37 21.34 -20.35
N ASN B 499 -26.42 21.42 -19.03
CA ASN B 499 -27.31 22.34 -18.34
C ASN B 499 -26.74 23.76 -18.30
N GLN B 500 -25.44 23.85 -18.04
CA GLN B 500 -24.77 25.13 -17.97
C GLN B 500 -23.88 25.33 -19.20
N LEU B 501 -23.75 26.58 -19.63
CA LEU B 501 -22.92 26.91 -20.78
C LEU B 501 -21.45 26.67 -20.50
N ASN B 502 -21.12 26.52 -19.22
CA ASN B 502 -19.74 26.29 -18.82
C ASN B 502 -19.26 24.89 -19.16
N GLU B 503 -20.21 23.98 -19.40
CA GLU B 503 -19.90 22.56 -19.61
C GLU B 503 -18.93 22.29 -20.75
N ASN B 504 -18.84 23.24 -21.69
CA ASN B 504 -17.94 23.09 -22.82
C ASN B 504 -16.48 23.31 -22.43
N ILE B 505 -16.17 24.54 -22.04
CA ILE B 505 -14.81 24.90 -21.65
C ILE B 505 -14.37 24.15 -20.40
N PHE B 506 -15.33 23.73 -19.58
CA PHE B 506 -15.03 22.96 -18.38
C PHE B 506 -14.59 21.54 -18.76
N VAL B 507 -15.14 21.02 -19.84
CA VAL B 507 -14.73 19.73 -20.36
C VAL B 507 -13.39 19.86 -21.06
N ASP B 508 -13.21 20.96 -21.77
CA ASP B 508 -11.96 21.25 -22.45
C ASP B 508 -10.81 21.35 -21.45
N TYR B 509 -11.11 21.94 -20.30
CA TYR B 509 -10.12 22.05 -19.23
C TYR B 509 -9.99 20.74 -18.47
N LEU B 510 -11.07 19.95 -18.48
CA LEU B 510 -11.07 18.65 -17.83
C LEU B 510 -10.12 17.71 -18.54
N LEU B 511 -10.09 17.81 -19.87
CA LEU B 511 -9.17 17.01 -20.66
C LEU B 511 -7.72 17.38 -20.33
N PRO B 512 -7.44 18.69 -20.20
CA PRO B 512 -6.12 19.19 -19.86
C PRO B 512 -5.67 18.76 -18.47
N ARG B 513 -6.61 18.72 -17.52
CA ARG B 513 -6.30 18.27 -16.17
C ARG B 513 -5.92 16.79 -16.17
N LEU B 514 -6.65 16.01 -16.95
CA LEU B 514 -6.37 14.59 -17.09
C LEU B 514 -5.06 14.37 -17.81
N LYS B 515 -4.69 15.33 -18.66
CA LYS B 515 -3.41 15.28 -19.36
C LYS B 515 -2.28 15.57 -18.38
N ARG B 516 -2.52 16.50 -17.46
CA ARG B 516 -1.54 16.83 -16.44
C ARG B 516 -1.37 15.66 -15.49
N LEU B 517 -2.47 14.97 -15.22
CA LEU B 517 -2.46 13.80 -14.36
C LEU B 517 -1.92 12.59 -15.12
N LEU B 518 -1.85 12.70 -16.43
CA LEU B 518 -1.36 11.61 -17.27
C LEU B 518 0.14 11.41 -17.06
N ILE B 519 0.81 12.47 -16.65
CA ILE B 519 2.24 12.38 -16.33
C ILE B 519 2.41 11.91 -14.89
N SER B 520 3.06 10.75 -14.72
CA SER B 520 3.15 10.12 -13.41
C SER B 520 4.38 9.22 -13.29
N ASN B 521 4.41 8.43 -12.22
CA ASN B 521 5.53 7.54 -11.93
C ASN B 521 5.78 6.51 -13.03
N ARG B 522 7.04 6.13 -13.19
CA ARG B 522 7.46 5.18 -14.22
C ARG B 522 7.00 3.77 -13.92
N GLN B 523 7.01 2.93 -14.97
CA GLN B 523 6.68 1.51 -14.88
C GLN B 523 5.20 1.23 -14.63
N ASN B 524 4.44 2.28 -14.33
CA ASN B 524 3.00 2.15 -14.20
C ASN B 524 2.35 2.01 -15.57
N THR B 525 1.27 1.24 -15.65
CA THR B 525 0.63 0.99 -16.94
C THR B 525 -0.61 1.86 -17.13
N ASN B 526 -0.50 2.84 -18.01
CA ASN B 526 -1.61 3.72 -18.35
C ASN B 526 -2.30 3.28 -19.64
N TYR B 527 -1.82 2.18 -20.20
CA TYR B 527 -2.31 1.69 -21.50
C TYR B 527 -3.81 1.46 -21.52
N LEU B 528 -4.32 0.76 -20.51
CA LEU B 528 -5.75 0.47 -20.40
C LEU B 528 -6.56 1.76 -20.36
N ARG B 529 -6.06 2.74 -19.63
CA ARG B 529 -6.71 4.04 -19.54
C ARG B 529 -6.66 4.76 -20.89
N ILE B 530 -5.61 4.50 -21.65
CA ILE B 530 -5.45 5.10 -22.97
C ILE B 530 -6.48 4.53 -23.94
N VAL B 531 -6.64 3.21 -23.92
CA VAL B 531 -7.63 2.55 -24.76
C VAL B 531 -9.04 2.97 -24.35
N PHE B 532 -9.24 3.16 -23.04
CA PHE B 532 -10.52 3.57 -22.52
C PHE B 532 -10.89 4.99 -22.96
N ALA B 533 -9.95 5.91 -22.80
CA ALA B 533 -10.17 7.30 -23.19
C ALA B 533 -10.36 7.44 -24.69
N ASN B 534 -9.54 6.69 -25.44
CA ASN B 534 -9.65 6.67 -26.89
C ASN B 534 -10.99 6.10 -27.33
N CYS B 535 -11.51 5.15 -26.56
CA CYS B 535 -12.84 4.62 -26.80
C CYS B 535 -13.90 5.64 -26.39
N LEU B 536 -13.51 6.56 -25.51
CA LEU B 536 -14.40 7.61 -25.03
C LEU B 536 -14.29 8.87 -25.88
N SER B 537 -13.46 8.81 -26.92
CA SER B 537 -13.34 9.92 -27.86
C SER B 537 -14.68 10.17 -28.55
N ASP B 538 -15.42 9.10 -28.79
CA ASP B 538 -16.76 9.21 -29.35
C ASP B 538 -17.67 9.94 -28.38
N LEU B 539 -17.45 9.71 -27.10
CA LEU B 539 -18.21 10.41 -26.06
C LEU B 539 -17.79 11.87 -26.00
N ALA B 540 -16.55 12.15 -26.40
CA ALA B 540 -16.09 13.52 -26.48
C ALA B 540 -16.78 14.23 -27.64
N ILE B 541 -16.94 13.52 -28.75
CA ILE B 541 -17.68 14.05 -29.90
C ILE B 541 -19.13 14.28 -29.50
N ILE B 542 -19.63 13.40 -28.63
CA ILE B 542 -20.97 13.54 -28.09
C ILE B 542 -21.06 14.75 -27.16
N ILE B 543 -19.92 15.10 -26.56
CA ILE B 543 -19.85 16.28 -25.70
C ILE B 543 -19.87 17.53 -26.57
N ASN B 544 -19.24 17.45 -27.74
CA ASN B 544 -19.33 18.51 -28.73
C ASN B 544 -20.77 18.66 -29.20
N ARG B 545 -21.45 17.53 -29.37
CA ARG B 545 -22.86 17.53 -29.73
C ARG B 545 -23.71 18.09 -28.59
N PHE B 546 -23.18 18.00 -27.37
CA PHE B 546 -23.84 18.56 -26.20
C PHE B 546 -23.66 20.07 -26.18
N GLN B 547 -22.52 20.52 -26.69
CA GLN B 547 -22.28 21.95 -26.88
C GLN B 547 -23.22 22.49 -27.95
N GLU B 548 -23.43 21.69 -28.99
CA GLU B 548 -24.39 22.02 -30.03
C GLU B 548 -25.81 22.02 -29.46
N PHE B 549 -26.04 21.20 -28.45
CA PHE B 549 -27.33 21.14 -27.77
C PHE B 549 -27.53 22.38 -26.92
N THR B 550 -26.45 22.88 -26.34
CA THR B 550 -26.49 24.12 -25.57
C THR B 550 -26.74 25.31 -26.48
N PHE B 551 -26.13 25.27 -27.67
CA PHE B 551 -26.35 26.30 -28.68
C PHE B 551 -27.80 26.28 -29.16
N ALA B 552 -28.33 25.08 -29.36
CA ALA B 552 -29.71 24.90 -29.80
C ALA B 552 -30.69 25.37 -28.73
N GLN B 553 -30.33 25.14 -27.48
CA GLN B 553 -31.16 25.57 -26.36
C GLN B 553 -31.12 27.09 -26.22
N HIS B 554 -29.96 27.68 -26.52
CA HIS B 554 -29.81 29.12 -26.46
C HIS B 554 -30.35 29.81 -27.71
N CYS B 555 -30.71 29.00 -28.71
CA CYS B 555 -31.26 29.52 -29.96
C CYS B 555 -32.77 29.59 -29.92
N ASN B 556 -33.36 29.14 -28.80
CA ASN B 556 -34.80 29.11 -28.65
C ASN B 556 -35.41 30.51 -28.50
N ASP B 557 -34.59 31.45 -28.05
CA ASP B 557 -35.04 32.82 -27.84
C ASP B 557 -35.01 33.62 -29.14
N ASN B 558 -35.43 34.88 -29.06
CA ASN B 558 -35.45 35.76 -30.22
C ASN B 558 -34.13 36.53 -30.36
N SER B 569 -33.65 36.64 -31.60
CA SER B 569 -32.40 37.32 -31.92
C SER B 569 -31.23 36.73 -31.13
N SER B 570 -31.26 35.41 -30.92
CA SER B 570 -30.23 34.72 -30.17
C SER B 570 -29.91 33.38 -30.81
N THR B 571 -30.44 33.14 -32.01
CA THR B 571 -30.20 31.89 -32.72
C THR B 571 -28.88 32.04 -33.47
N LYS B 572 -28.73 33.15 -34.19
CA LYS B 572 -27.50 33.43 -34.93
C LYS B 572 -26.33 33.65 -33.97
N TYR B 573 -26.63 34.25 -32.82
CA TYR B 573 -25.62 34.49 -31.80
C TYR B 573 -25.11 33.18 -31.21
N SER B 574 -26.04 32.27 -30.94
CA SER B 574 -25.68 30.95 -30.40
C SER B 574 -24.98 30.11 -31.45
N ALA B 575 -25.33 30.32 -32.72
CA ALA B 575 -24.69 29.62 -33.82
C ALA B 575 -23.24 30.07 -33.98
N LYS B 576 -23.03 31.38 -33.94
CA LYS B 576 -21.69 31.94 -34.05
C LYS B 576 -20.85 31.58 -32.82
N LEU B 577 -21.51 31.52 -31.66
CA LEU B 577 -20.84 31.15 -30.43
C LEU B 577 -20.40 29.68 -30.47
N ILE B 578 -21.26 28.84 -31.01
CA ILE B 578 -20.96 27.41 -31.15
C ILE B 578 -19.86 27.21 -32.20
N GLN B 579 -19.86 28.05 -33.21
CA GLN B 579 -18.84 27.99 -34.26
C GLN B 579 -17.47 28.37 -33.72
N SER B 580 -17.42 29.47 -32.98
CA SER B 580 -16.18 29.93 -32.36
C SER B 580 -15.69 28.94 -31.32
N VAL B 581 -16.63 28.37 -30.57
CA VAL B 581 -16.31 27.37 -29.56
C VAL B 581 -15.81 26.08 -30.20
N GLU B 582 -16.26 25.82 -31.43
CA GLU B 582 -15.80 24.67 -32.19
C GLU B 582 -14.40 24.91 -32.72
N ASP B 583 -14.16 26.13 -33.19
CA ASP B 583 -12.83 26.52 -33.67
C ASP B 583 -11.83 26.47 -32.52
N LEU B 584 -12.30 26.79 -31.32
CA LEU B 584 -11.46 26.68 -30.13
C LEU B 584 -11.33 25.23 -29.69
N THR B 585 -12.34 24.43 -30.03
CA THR B 585 -12.33 23.01 -29.70
C THR B 585 -11.38 22.24 -30.61
N VAL B 586 -11.06 22.84 -31.76
CA VAL B 586 -10.13 22.26 -32.69
C VAL B 586 -8.75 22.11 -32.04
N SER B 587 -8.41 23.07 -31.20
CA SER B 587 -7.15 23.05 -30.47
C SER B 587 -7.15 21.93 -29.44
N PHE B 588 -8.30 21.71 -28.82
CA PHE B 588 -8.46 20.64 -27.85
C PHE B 588 -8.32 19.29 -28.53
N LEU B 589 -8.91 19.18 -29.72
CA LEU B 589 -8.80 17.97 -30.52
C LEU B 589 -7.36 17.75 -30.96
N THR B 590 -6.65 18.85 -31.19
CA THR B 590 -5.25 18.79 -31.57
C THR B 590 -4.40 18.28 -30.41
N ASP B 591 -4.75 18.72 -29.20
CA ASP B 591 -4.06 18.27 -28.00
C ASP B 591 -4.34 16.78 -27.76
N ASN B 592 -5.58 16.38 -28.01
CA ASN B 592 -5.98 14.99 -27.85
C ASN B 592 -5.25 14.07 -28.83
N ASP B 593 -5.20 14.50 -30.09
CA ASP B 593 -4.49 13.76 -31.11
C ASP B 593 -3.00 13.72 -30.80
N THR B 594 -2.50 14.80 -30.19
CA THR B 594 -1.10 14.87 -29.79
C THR B 594 -0.79 13.86 -28.71
N TYR B 595 -1.68 13.76 -27.73
CA TYR B 595 -1.53 12.79 -26.66
C TYR B 595 -1.63 11.37 -27.21
N VAL B 596 -2.52 11.19 -28.18
CA VAL B 596 -2.70 9.88 -28.80
C VAL B 596 -1.44 9.45 -29.53
N LYS B 597 -0.88 10.37 -30.30
CA LYS B 597 0.35 10.10 -31.05
C LYS B 597 1.51 9.89 -30.08
N MET B 598 1.46 10.55 -28.93
CA MET B 598 2.50 10.40 -27.91
C MET B 598 2.46 9.00 -27.31
N ALA B 599 1.28 8.57 -26.89
CA ALA B 599 1.09 7.25 -26.32
C ALA B 599 1.40 6.17 -27.35
N LEU B 600 1.12 6.46 -28.61
CA LEU B 600 1.40 5.52 -29.68
C LEU B 600 2.90 5.42 -29.94
N LEU B 601 3.60 6.55 -29.77
CA LEU B 601 5.03 6.60 -29.99
C LEU B 601 5.80 6.05 -28.79
N GLN B 602 5.12 5.96 -27.65
CA GLN B 602 5.73 5.46 -26.43
C GLN B 602 6.14 3.99 -26.60
N ASN B 603 7.29 3.64 -26.06
CA ASN B 603 7.80 2.27 -26.14
C ASN B 603 8.45 1.82 -24.84
N ARG B 613 6.97 -1.19 -23.00
CA ARG B 613 5.65 -0.59 -22.94
C ARG B 613 4.86 -0.82 -24.22
N GLU B 614 4.86 -2.06 -24.69
CA GLU B 614 4.16 -2.42 -25.91
C GLU B 614 2.66 -2.53 -25.68
N ARG B 615 2.26 -2.44 -24.41
CA ARG B 615 0.85 -2.55 -24.05
C ARG B 615 0.04 -1.39 -24.62
N THR B 616 0.70 -0.25 -24.85
CA THR B 616 0.04 0.91 -25.43
C THR B 616 -0.34 0.64 -26.87
N ASN B 617 0.50 -0.12 -27.57
CA ASN B 617 0.24 -0.49 -28.95
C ASN B 617 -1.03 -1.33 -29.07
N ASP B 618 -1.23 -2.21 -28.10
CA ASP B 618 -2.44 -3.02 -28.04
C ASP B 618 -3.62 -2.15 -27.64
N ILE B 619 -3.33 -1.08 -26.90
CA ILE B 619 -4.36 -0.14 -26.47
C ILE B 619 -4.79 0.74 -27.63
N ILE B 620 -3.96 0.77 -28.67
CA ILE B 620 -4.25 1.56 -29.87
C ILE B 620 -5.28 0.86 -30.74
N LEU B 621 -5.61 -0.39 -30.41
CA LEU B 621 -6.61 -1.13 -31.15
C LEU B 621 -8.01 -0.54 -30.94
N SER B 622 -8.37 -0.35 -29.68
CA SER B 622 -9.65 0.29 -29.34
C SER B 622 -9.66 1.72 -29.84
N HIS B 623 -8.49 2.34 -29.89
CA HIS B 623 -8.34 3.68 -30.44
C HIS B 623 -8.70 3.70 -31.92
N LEU B 624 -8.22 2.69 -32.64
CA LEU B 624 -8.52 2.57 -34.07
C LEU B 624 -9.98 2.21 -34.27
N ILE B 625 -10.57 1.52 -33.30
CA ILE B 625 -11.98 1.14 -33.35
C ILE B 625 -12.87 2.37 -33.18
N THR B 626 -12.52 3.23 -32.25
CA THR B 626 -13.32 4.42 -31.95
C THR B 626 -12.84 5.64 -32.73
N TYR B 627 -11.87 5.43 -33.62
CA TYR B 627 -11.27 6.53 -34.38
C TYR B 627 -12.24 7.21 -35.33
N LEU B 628 -13.43 6.64 -35.49
CA LEU B 628 -14.44 7.17 -36.39
C LEU B 628 -14.82 8.61 -36.06
N ASN B 629 -14.71 8.98 -34.78
CA ASN B 629 -15.01 10.34 -34.36
C ASN B 629 -13.99 11.34 -34.90
N ASP B 630 -12.78 10.86 -35.17
CA ASP B 630 -11.73 11.70 -35.73
C ASP B 630 -11.65 11.54 -37.25
N LYS B 631 -12.00 12.60 -37.96
CA LYS B 631 -11.98 12.61 -39.42
C LYS B 631 -10.67 13.17 -39.98
N ASP B 632 -9.72 13.43 -39.09
CA ASP B 632 -8.48 14.10 -39.48
C ASP B 632 -7.64 13.30 -40.48
N PRO B 633 -6.49 13.85 -40.87
CA PRO B 633 -5.64 13.33 -41.95
C PRO B 633 -5.08 11.94 -41.68
N ALA B 634 -4.31 11.43 -42.63
CA ALA B 634 -3.73 10.09 -42.53
C ALA B 634 -2.41 10.11 -41.76
N LEU B 635 -2.04 11.29 -41.26
CA LEU B 635 -0.79 11.47 -40.53
C LEU B 635 -0.65 10.48 -39.37
N ARG B 636 -1.76 10.23 -38.68
CA ARG B 636 -1.77 9.27 -37.57
C ARG B 636 -1.48 7.87 -38.08
N VAL B 637 -2.04 7.53 -39.24
CA VAL B 637 -1.82 6.23 -39.86
C VAL B 637 -0.38 6.10 -40.36
N SER B 638 0.23 7.25 -40.65
CA SER B 638 1.63 7.28 -41.09
C SER B 638 2.54 7.08 -39.89
N LEU B 639 2.15 7.64 -38.75
CA LEU B 639 2.87 7.44 -37.51
C LEU B 639 2.75 5.99 -37.07
N ILE B 640 1.59 5.39 -37.32
CA ILE B 640 1.36 4.00 -37.01
C ILE B 640 2.08 3.10 -38.01
N GLN B 641 2.35 3.64 -39.18
CA GLN B 641 3.08 2.91 -40.22
C GLN B 641 4.57 2.87 -39.89
N THR B 642 5.10 4.01 -39.44
CA THR B 642 6.47 4.08 -38.99
C THR B 642 6.63 3.23 -37.73
N ILE B 643 5.59 3.23 -36.90
CA ILE B 643 5.55 2.38 -35.73
C ILE B 643 5.52 0.92 -36.15
N SER B 644 4.92 0.65 -37.31
CA SER B 644 4.85 -0.70 -37.84
C SER B 644 6.20 -1.13 -38.42
N GLY B 645 6.98 -0.15 -38.86
CA GLY B 645 8.33 -0.42 -39.34
C GLY B 645 9.27 -0.70 -38.18
N ILE B 646 9.20 0.16 -37.17
CA ILE B 646 10.00 -0.02 -35.96
C ILE B 646 9.59 -1.29 -35.23
N SER B 647 8.34 -1.70 -35.43
CA SER B 647 7.86 -2.96 -34.90
C SER B 647 8.38 -4.11 -35.76
N ILE B 648 8.50 -3.85 -37.06
CA ILE B 648 9.06 -4.84 -37.98
C ILE B 648 10.54 -5.03 -37.72
N LEU B 649 11.13 -4.09 -36.98
CA LEU B 649 12.51 -4.21 -36.53
C LEU B 649 12.63 -5.17 -35.35
N LEU B 650 12.00 -4.82 -34.24
CA LEU B 650 12.13 -5.55 -32.98
C LEU B 650 10.90 -6.40 -32.65
N GLY B 651 9.75 -5.75 -32.52
CA GLY B 651 8.55 -6.35 -31.98
C GLY B 651 7.64 -6.90 -33.07
N THR B 652 8.20 -7.73 -33.95
CA THR B 652 7.55 -8.12 -35.21
C THR B 652 6.38 -9.05 -34.91
N VAL B 653 6.44 -9.76 -33.78
CA VAL B 653 5.31 -10.55 -33.34
C VAL B 653 4.12 -9.64 -33.01
N THR B 654 4.40 -8.54 -32.32
CA THR B 654 3.38 -7.56 -31.99
C THR B 654 2.99 -6.77 -33.23
N LEU B 655 3.93 -6.63 -34.15
CA LEU B 655 3.68 -5.96 -35.42
C LEU B 655 2.59 -6.71 -36.18
N GLU B 656 2.58 -8.02 -36.02
CA GLU B 656 1.57 -8.87 -36.64
C GLU B 656 0.18 -8.53 -36.13
N GLN B 657 0.02 -8.58 -34.81
CA GLN B 657 -1.27 -8.31 -34.18
C GLN B 657 -1.75 -6.89 -34.46
N TYR B 658 -0.81 -5.96 -34.51
CA TYR B 658 -1.14 -4.57 -34.80
C TYR B 658 -1.60 -4.42 -36.25
N ILE B 659 -0.92 -5.11 -37.15
CA ILE B 659 -1.25 -5.03 -38.58
C ILE B 659 -2.59 -5.68 -38.88
N LEU B 660 -2.90 -6.76 -38.15
CA LEU B 660 -4.18 -7.43 -38.30
C LEU B 660 -5.30 -6.46 -37.95
N PRO B 661 -5.13 -5.73 -36.83
CA PRO B 661 -6.03 -4.67 -36.38
C PRO B 661 -5.97 -3.44 -37.28
N LEU B 662 -4.86 -3.28 -38.00
CA LEU B 662 -4.66 -2.13 -38.86
C LEU B 662 -5.47 -2.23 -40.14
N LEU B 663 -6.01 -3.42 -40.41
CA LEU B 663 -6.83 -3.65 -41.59
C LEU B 663 -8.21 -3.05 -41.43
N ILE B 664 -8.49 -2.54 -40.23
CA ILE B 664 -9.79 -1.96 -39.91
C ILE B 664 -9.83 -0.47 -40.24
N GLN B 665 -8.77 0.02 -40.87
CA GLN B 665 -8.64 1.43 -41.23
C GLN B 665 -9.86 1.96 -41.98
N THR B 666 -10.20 1.28 -43.08
CA THR B 666 -11.38 1.62 -43.88
C THR B 666 -11.43 3.10 -44.27
N ILE B 667 -10.35 3.58 -44.88
CA ILE B 667 -10.20 5.00 -45.17
C ILE B 667 -9.93 5.25 -46.65
N THR B 668 -10.04 6.51 -47.05
CA THR B 668 -9.85 6.91 -48.44
C THR B 668 -8.40 6.76 -48.88
N ASP B 669 -8.10 7.27 -50.07
CA ASP B 669 -6.77 7.13 -50.68
C ASP B 669 -6.28 5.70 -50.81
N SER B 670 -7.03 4.89 -51.54
CA SER B 670 -6.70 3.48 -51.73
C SER B 670 -5.30 3.19 -52.25
N GLU B 671 -4.59 4.23 -52.67
CA GLU B 671 -3.22 4.09 -53.14
C GLU B 671 -2.30 3.60 -52.02
N GLU B 672 -2.71 3.82 -50.77
CA GLU B 672 -1.95 3.37 -49.61
C GLU B 672 -2.13 1.88 -49.38
N LEU B 673 -3.22 1.32 -49.92
CA LEU B 673 -3.50 -0.09 -49.78
C LEU B 673 -2.50 -0.94 -50.56
N VAL B 674 -1.91 -0.34 -51.59
CA VAL B 674 -0.86 -1.01 -52.34
C VAL B 674 0.39 -1.13 -51.48
N VAL B 675 0.70 -0.05 -50.76
CA VAL B 675 1.81 -0.05 -49.82
C VAL B 675 1.51 -0.98 -48.66
N ILE B 676 0.22 -1.20 -48.40
CA ILE B 676 -0.21 -2.14 -47.38
C ILE B 676 0.00 -3.58 -47.87
N SER B 677 -0.15 -3.77 -49.17
CA SER B 677 0.10 -5.07 -49.79
C SER B 677 1.60 -5.35 -49.77
N VAL B 678 2.38 -4.31 -50.02
CA VAL B 678 3.83 -4.40 -49.91
C VAL B 678 4.22 -4.65 -48.46
N LEU B 679 3.38 -4.17 -47.54
CA LEU B 679 3.59 -4.38 -46.11
C LEU B 679 3.20 -5.81 -45.73
N GLN B 680 2.37 -6.43 -46.56
CA GLN B 680 2.02 -7.83 -46.38
C GLN B 680 3.14 -8.72 -46.90
N SER B 681 3.73 -8.30 -48.01
CA SER B 681 4.91 -8.97 -48.56
C SER B 681 6.06 -8.84 -47.59
N LEU B 682 6.08 -7.72 -46.85
CA LEU B 682 7.07 -7.51 -45.81
C LEU B 682 6.68 -8.24 -44.53
N LYS B 683 5.39 -8.59 -44.44
CA LYS B 683 4.89 -9.35 -43.30
C LYS B 683 5.15 -10.84 -43.50
N SER B 684 5.47 -11.21 -44.74
CA SER B 684 5.83 -12.58 -45.07
C SER B 684 7.24 -12.90 -44.60
N LEU B 685 7.93 -11.89 -44.06
CA LEU B 685 9.32 -11.99 -43.66
C LEU B 685 9.64 -13.16 -42.73
N PHE B 686 9.18 -13.08 -41.49
CA PHE B 686 9.56 -14.09 -40.49
C PHE B 686 8.37 -14.68 -39.73
N LYS B 687 7.72 -13.84 -38.93
CA LYS B 687 6.69 -14.28 -37.99
C LYS B 687 5.55 -15.05 -38.66
N THR B 688 5.25 -16.23 -38.12
CA THR B 688 4.15 -17.05 -38.63
C THR B 688 2.81 -16.42 -38.26
N GLY B 689 2.80 -15.71 -37.14
CA GLY B 689 1.61 -14.98 -36.72
C GLY B 689 1.33 -13.85 -37.68
N LEU B 690 2.39 -13.32 -38.28
CA LEU B 690 2.25 -12.27 -39.27
C LEU B 690 1.62 -12.82 -40.54
N ILE B 691 1.83 -14.11 -40.79
CA ILE B 691 1.24 -14.77 -41.95
C ILE B 691 -0.26 -14.92 -41.76
N ARG B 692 -0.66 -15.35 -40.57
CA ARG B 692 -2.08 -15.49 -40.23
C ARG B 692 -2.75 -14.13 -40.21
N LYS B 693 -2.03 -13.13 -39.70
CA LYS B 693 -2.56 -11.76 -39.67
C LYS B 693 -2.75 -11.23 -41.07
N LYS B 694 -1.80 -11.55 -41.94
CA LYS B 694 -1.86 -11.13 -43.34
C LYS B 694 -2.96 -11.89 -44.06
N TYR B 695 -3.32 -13.05 -43.53
CA TYR B 695 -4.43 -13.83 -44.06
C TYR B 695 -5.75 -13.19 -43.65
N TYR B 696 -5.79 -12.69 -42.42
CA TYR B 696 -6.95 -11.96 -41.93
C TYR B 696 -7.15 -10.69 -42.73
N ILE B 697 -6.05 -10.01 -43.03
CA ILE B 697 -6.08 -8.83 -43.87
C ILE B 697 -6.44 -9.21 -45.31
N ASP B 698 -6.10 -10.44 -45.69
CA ASP B 698 -6.39 -10.93 -47.02
C ASP B 698 -7.88 -11.16 -47.21
N ILE B 699 -8.52 -11.70 -46.17
CA ILE B 699 -9.96 -11.91 -46.19
C ILE B 699 -10.68 -10.57 -46.08
N SER B 700 -10.14 -9.70 -45.23
CA SER B 700 -10.71 -8.36 -45.05
C SER B 700 -10.68 -7.57 -46.35
N LYS B 701 -9.61 -7.76 -47.12
CA LYS B 701 -9.49 -7.12 -48.43
C LYS B 701 -10.33 -7.87 -49.46
N THR B 702 -10.59 -9.15 -49.20
CA THR B 702 -11.40 -9.96 -50.09
C THR B 702 -12.86 -9.55 -50.00
N THR B 703 -13.25 -9.04 -48.84
CA THR B 703 -14.62 -8.57 -48.64
C THR B 703 -14.91 -7.35 -49.52
N SER B 704 -14.10 -6.31 -49.37
CA SER B 704 -14.23 -5.11 -50.17
C SER B 704 -12.98 -4.88 -51.03
N PRO B 705 -13.13 -4.96 -52.36
CA PRO B 705 -11.96 -4.76 -53.23
C PRO B 705 -11.78 -3.31 -53.64
N LEU B 706 -10.71 -3.03 -54.38
CA LEU B 706 -10.45 -1.68 -54.86
C LEU B 706 -10.15 -1.67 -56.36
N LEU B 707 -9.02 -2.24 -56.74
CA LEU B 707 -8.61 -2.32 -58.14
C LEU B 707 -8.51 -3.78 -58.59
N LEU B 708 -9.19 -4.11 -59.69
CA LEU B 708 -9.26 -5.49 -60.16
C LEU B 708 -7.91 -6.03 -60.65
N HIS B 709 -7.30 -5.33 -61.59
CA HIS B 709 -6.08 -5.82 -62.25
C HIS B 709 -4.91 -5.98 -61.29
N PRO B 710 -4.61 -4.92 -60.52
CA PRO B 710 -3.54 -4.97 -59.53
C PRO B 710 -3.74 -6.11 -58.54
N ASN B 711 -4.96 -6.29 -58.08
CA ASN B 711 -5.30 -7.38 -57.17
C ASN B 711 -5.38 -8.71 -57.91
N ASN B 712 -5.52 -8.66 -59.23
CA ASN B 712 -5.53 -9.88 -60.03
C ASN B 712 -4.13 -10.46 -60.11
N TRP B 713 -3.15 -9.60 -60.37
CA TRP B 713 -1.74 -10.03 -60.39
C TRP B 713 -1.28 -10.36 -58.98
N ILE B 714 -1.66 -9.50 -58.03
CA ILE B 714 -1.40 -9.74 -56.61
C ILE B 714 -1.82 -11.14 -56.21
N ARG B 715 -3.12 -11.42 -56.35
CA ARG B 715 -3.66 -12.74 -56.04
C ARG B 715 -3.08 -13.83 -56.93
N GLN B 716 -2.57 -13.45 -58.10
CA GLN B 716 -1.94 -14.41 -59.00
C GLN B 716 -0.66 -14.93 -58.39
N PHE B 717 0.08 -14.05 -57.72
CA PHE B 717 1.28 -14.47 -56.99
C PHE B 717 0.94 -15.11 -55.65
N THR B 718 -0.03 -14.52 -54.96
CA THR B 718 -0.39 -14.92 -53.60
C THR B 718 -1.00 -16.31 -53.55
N LEU B 719 -1.84 -16.64 -54.52
CA LEU B 719 -2.46 -17.95 -54.59
C LEU B 719 -1.41 -19.01 -54.90
N MET B 720 -0.40 -18.61 -55.67
CA MET B 720 0.72 -19.49 -55.96
C MET B 720 1.55 -19.71 -54.72
N ILE B 721 1.61 -18.69 -53.85
CA ILE B 721 2.32 -18.80 -52.59
C ILE B 721 1.42 -19.38 -51.49
N ILE B 722 0.19 -19.71 -51.86
CA ILE B 722 -0.81 -20.18 -50.90
C ILE B 722 -0.83 -21.70 -50.81
N ILE B 723 0.09 -22.35 -51.51
CA ILE B 723 0.10 -23.81 -51.60
C ILE B 723 0.75 -24.44 -50.37
N GLU B 724 1.19 -23.61 -49.43
CA GLU B 724 1.78 -24.08 -48.18
C GLU B 724 0.79 -24.94 -47.41
N ILE B 725 1.31 -25.94 -46.71
CA ILE B 725 0.47 -26.90 -46.00
C ILE B 725 0.07 -26.43 -44.61
N ILE B 726 0.51 -25.22 -44.25
CA ILE B 726 0.15 -24.65 -42.96
C ILE B 726 -1.37 -24.51 -42.84
N ASN B 727 -1.89 -24.72 -41.64
CA ASN B 727 -3.33 -24.69 -41.40
C ASN B 727 -3.95 -23.36 -41.80
N LYS B 728 -3.25 -22.27 -41.52
CA LYS B 728 -3.73 -20.94 -41.86
C LYS B 728 -3.53 -20.65 -43.35
N LEU B 729 -2.48 -21.24 -43.92
CA LEU B 729 -2.18 -21.06 -45.33
C LEU B 729 -3.28 -21.64 -46.21
N SER B 730 -3.92 -22.69 -45.73
CA SER B 730 -5.05 -23.28 -46.44
C SER B 730 -6.24 -22.34 -46.39
N LYS B 731 -6.47 -21.75 -45.22
CA LYS B 731 -7.54 -20.78 -45.03
C LYS B 731 -7.36 -19.59 -45.96
N ALA B 732 -6.12 -19.12 -46.07
CA ALA B 732 -5.80 -18.02 -46.97
C ALA B 732 -5.90 -18.45 -48.42
N GLU B 733 -5.70 -19.74 -48.66
CA GLU B 733 -5.78 -20.29 -50.01
C GLU B 733 -7.24 -20.42 -50.45
N VAL B 734 -8.14 -20.52 -49.47
CA VAL B 734 -9.56 -20.67 -49.75
C VAL B 734 -10.20 -19.36 -50.22
N TYR B 735 -9.51 -18.26 -49.99
CA TYR B 735 -10.02 -16.94 -50.36
C TYR B 735 -9.90 -16.69 -51.86
N CYS B 736 -9.11 -17.51 -52.54
CA CYS B 736 -8.91 -17.38 -53.98
C CYS B 736 -10.21 -17.63 -54.74
N ILE B 737 -11.00 -18.58 -54.26
CA ILE B 737 -12.29 -18.89 -54.86
C ILE B 737 -13.27 -17.73 -54.67
N LEU B 738 -13.26 -17.15 -53.48
CA LEU B 738 -14.14 -16.03 -53.17
C LEU B 738 -13.74 -14.81 -54.00
N TYR B 739 -12.45 -14.69 -54.28
CA TYR B 739 -11.94 -13.60 -55.10
C TYR B 739 -12.43 -13.74 -56.53
N PRO B 740 -12.39 -14.96 -57.07
CA PRO B 740 -12.79 -15.28 -58.44
C PRO B 740 -14.29 -15.04 -58.69
N ILE B 741 -15.07 -14.94 -57.62
CA ILE B 741 -16.50 -14.73 -57.74
C ILE B 741 -16.83 -13.40 -58.41
N ILE B 742 -16.10 -12.36 -58.03
CA ILE B 742 -16.31 -11.03 -58.58
C ILE B 742 -15.57 -10.87 -59.91
N VAL B 750 -14.82 -12.55 -66.47
CA VAL B 750 -15.32 -13.79 -65.88
C VAL B 750 -14.75 -15.01 -66.60
N GLU B 751 -14.99 -15.08 -67.91
CA GLU B 751 -14.50 -16.20 -68.72
C GLU B 751 -13.01 -16.03 -69.03
N PHE B 752 -12.62 -14.80 -69.36
CA PHE B 752 -11.21 -14.49 -69.61
C PHE B 752 -10.40 -14.73 -68.34
N ASN B 753 -10.97 -14.32 -67.21
CA ASN B 753 -10.35 -14.59 -65.92
C ASN B 753 -10.36 -16.08 -65.60
N PHE B 754 -11.37 -16.78 -66.12
CA PHE B 754 -11.47 -18.22 -65.92
C PHE B 754 -10.34 -18.94 -66.64
N LYS B 755 -10.02 -18.48 -67.85
CA LYS B 755 -8.92 -19.04 -68.62
C LYS B 755 -7.58 -18.67 -68.01
N SER B 756 -7.43 -17.39 -67.67
CA SER B 756 -6.20 -16.89 -67.06
C SER B 756 -5.89 -17.61 -65.76
N MET B 757 -6.93 -17.95 -65.02
CA MET B 757 -6.76 -18.71 -63.77
C MET B 757 -6.55 -20.19 -64.07
N ILE B 758 -7.14 -20.67 -65.17
CA ILE B 758 -6.99 -22.05 -65.58
C ILE B 758 -5.56 -22.35 -66.02
N SER B 759 -4.85 -21.29 -66.40
CA SER B 759 -3.45 -21.42 -66.80
C SER B 759 -2.59 -21.91 -65.63
N CYS B 760 -2.79 -21.30 -64.46
CA CYS B 760 -2.03 -21.66 -63.27
C CYS B 760 -2.78 -22.67 -62.39
N CYS B 761 -3.94 -23.10 -62.85
CA CYS B 761 -4.79 -24.02 -62.09
C CYS B 761 -4.12 -25.38 -61.88
N LYS B 762 -4.09 -25.82 -60.62
CA LYS B 762 -3.51 -27.11 -60.27
C LYS B 762 -4.58 -28.20 -60.19
N GLN B 763 -5.83 -27.83 -60.47
CA GLN B 763 -6.94 -28.77 -60.39
C GLN B 763 -7.59 -29.04 -61.74
N PRO B 764 -7.38 -30.25 -62.28
CA PRO B 764 -7.97 -30.73 -63.53
C PRO B 764 -9.48 -30.96 -63.44
N VAL B 765 -9.93 -31.44 -62.29
CA VAL B 765 -11.34 -31.81 -62.11
C VAL B 765 -12.18 -30.68 -61.53
N SER B 766 -11.59 -29.51 -61.34
CA SER B 766 -12.27 -28.37 -60.72
C SER B 766 -13.48 -27.91 -61.53
N ARG B 767 -14.58 -27.64 -60.83
CA ARG B 767 -15.81 -27.16 -61.45
C ARG B 767 -16.33 -25.92 -60.74
N SER B 768 -16.69 -26.07 -59.48
CA SER B 768 -17.26 -24.98 -58.68
C SER B 768 -16.59 -24.87 -57.31
N VAL B 769 -17.30 -24.23 -56.38
CA VAL B 769 -16.78 -23.97 -55.03
C VAL B 769 -16.63 -25.28 -54.27
N TYR B 770 -17.63 -26.14 -54.35
CA TYR B 770 -17.55 -27.46 -53.73
C TYR B 770 -16.48 -28.30 -54.41
N ASN B 771 -16.46 -28.26 -55.73
CA ASN B 771 -15.45 -28.96 -56.51
C ASN B 771 -14.08 -28.34 -56.29
N LEU B 772 -14.06 -27.07 -55.89
CA LEU B 772 -12.81 -26.41 -55.52
C LEU B 772 -12.37 -26.90 -54.15
N LEU B 773 -13.33 -27.29 -53.32
CA LEU B 773 -13.03 -27.87 -52.02
C LEU B 773 -12.45 -29.26 -52.21
N CYS B 774 -13.00 -29.99 -53.18
CA CYS B 774 -12.47 -31.30 -53.54
C CYS B 774 -11.08 -31.13 -54.16
N SER B 775 -10.88 -30.01 -54.85
CA SER B 775 -9.60 -29.68 -55.46
C SER B 775 -8.54 -29.45 -54.39
N TRP B 776 -8.90 -28.67 -53.37
CA TRP B 776 -8.01 -28.42 -52.26
C TRP B 776 -7.78 -29.70 -51.47
N SER B 777 -8.77 -30.59 -51.49
CA SER B 777 -8.65 -31.90 -50.85
C SER B 777 -7.63 -32.75 -51.61
N VAL B 778 -7.57 -32.55 -52.93
CA VAL B 778 -6.58 -33.25 -53.75
C VAL B 778 -5.25 -32.51 -53.73
N ARG B 779 -5.25 -31.32 -53.13
CA ARG B 779 -4.06 -30.49 -53.05
C ARG B 779 -3.25 -30.75 -51.79
N ALA B 780 -3.68 -31.75 -51.01
CA ALA B 780 -3.04 -32.08 -49.74
C ALA B 780 -1.55 -32.36 -49.90
N SER B 781 -0.75 -31.67 -49.09
CA SER B 781 0.71 -31.81 -49.14
C SER B 781 1.32 -31.71 -47.75
N LYS B 782 2.59 -32.09 -47.62
CA LYS B 782 3.29 -32.01 -46.35
C LYS B 782 4.35 -30.91 -46.37
N SER B 783 4.31 -30.03 -45.37
CA SER B 783 5.24 -28.90 -45.30
C SER B 783 6.44 -29.19 -44.41
N LEU B 784 6.48 -30.39 -43.84
CA LEU B 784 7.60 -30.79 -42.99
C LEU B 784 8.89 -30.85 -43.82
N PHE B 785 8.80 -31.53 -44.95
CA PHE B 785 9.93 -31.62 -45.88
C PHE B 785 10.23 -30.25 -46.49
N TRP B 786 9.22 -29.38 -46.48
CA TRP B 786 9.39 -28.01 -46.95
C TRP B 786 10.12 -27.17 -45.91
N LYS B 787 9.87 -27.48 -44.64
CA LYS B 787 10.59 -26.83 -43.54
C LYS B 787 12.05 -27.28 -43.55
N LYS B 788 12.25 -28.57 -43.80
CA LYS B 788 13.60 -29.12 -43.92
C LYS B 788 14.29 -28.54 -45.14
N ILE B 789 13.52 -28.27 -46.19
CA ILE B 789 14.03 -27.64 -47.40
C ILE B 789 14.43 -26.21 -47.12
N ILE B 790 13.70 -25.56 -46.23
CA ILE B 790 14.03 -24.20 -45.79
C ILE B 790 15.31 -24.23 -44.98
N THR B 791 15.48 -25.31 -44.21
CA THR B 791 16.71 -25.52 -43.46
C THR B 791 17.88 -25.72 -44.41
N ASN B 792 17.60 -26.37 -45.54
CA ASN B 792 18.61 -26.56 -46.59
C ASN B 792 18.91 -25.25 -47.29
N HIS B 793 17.91 -24.36 -47.32
CA HIS B 793 18.09 -23.04 -47.91
C HIS B 793 18.96 -22.16 -47.04
N VAL B 794 18.75 -22.25 -45.72
CA VAL B 794 19.57 -21.52 -44.76
C VAL B 794 20.98 -22.10 -44.73
N ASP B 795 21.08 -23.41 -44.92
CA ASP B 795 22.36 -24.08 -45.00
C ASP B 795 23.11 -23.63 -46.25
N SER B 796 22.37 -23.40 -47.32
CA SER B 796 22.93 -22.87 -48.55
C SER B 796 23.36 -21.42 -48.37
N PHE B 797 22.62 -20.72 -47.50
CA PHE B 797 22.98 -19.34 -47.15
C PHE B 797 24.26 -19.33 -46.32
N GLY B 798 24.49 -20.41 -45.60
CA GLY B 798 25.71 -20.57 -44.84
C GLY B 798 26.82 -21.14 -45.70
N ASN B 799 26.46 -21.60 -46.88
CA ASN B 799 27.42 -22.16 -47.83
C ASN B 799 27.99 -21.08 -48.75
N ASN B 800 28.72 -21.50 -49.77
CA ASN B 800 29.33 -20.56 -50.71
C ASN B 800 28.56 -20.47 -52.03
N ARG B 801 27.91 -19.33 -52.24
CA ARG B 801 27.16 -19.08 -53.47
C ARG B 801 28.00 -18.31 -54.49
N ILE B 802 29.27 -18.08 -54.15
CA ILE B 802 30.18 -17.25 -54.95
C ILE B 802 30.28 -17.65 -56.42
N GLU B 803 30.22 -18.95 -56.70
CA GLU B 803 30.38 -19.43 -58.07
C GLU B 803 29.08 -19.28 -58.87
N PHE B 804 29.13 -18.50 -59.94
CA PHE B 804 27.98 -18.29 -60.80
C PHE B 804 28.02 -19.18 -62.04
N ILE B 805 29.04 -20.03 -62.14
CA ILE B 805 29.23 -20.88 -63.31
C ILE B 805 28.11 -21.90 -63.45
N THR B 806 27.88 -22.35 -64.68
CA THR B 806 26.82 -23.31 -64.96
C THR B 806 27.29 -24.37 -65.96
N LYS B 807 26.50 -25.45 -66.08
CA LYS B 807 26.78 -26.55 -66.99
C LYS B 807 28.16 -27.16 -66.74
N SER B 834 19.36 -7.98 -62.28
CA SER B 834 18.64 -9.22 -62.07
C SER B 834 17.13 -9.01 -62.08
N THR B 835 16.44 -9.82 -62.87
CA THR B 835 14.98 -9.71 -62.97
C THR B 835 14.29 -10.62 -61.96
N VAL B 836 12.98 -10.75 -62.09
CA VAL B 836 12.18 -11.56 -61.17
C VAL B 836 12.57 -13.04 -61.23
N TYR B 837 12.80 -13.54 -62.44
CA TYR B 837 13.15 -14.94 -62.64
C TYR B 837 14.62 -15.20 -62.33
N SER B 838 15.42 -14.14 -62.33
CA SER B 838 16.85 -14.25 -62.06
C SER B 838 17.12 -14.75 -60.65
N HIS B 839 16.20 -14.44 -59.73
CA HIS B 839 16.31 -14.90 -58.35
C HIS B 839 16.16 -16.42 -58.29
N ASP B 840 15.22 -16.95 -59.07
CA ASP B 840 14.99 -18.39 -59.13
C ASP B 840 16.16 -19.08 -59.83
N ASN B 841 16.63 -18.48 -60.92
CA ASN B 841 17.77 -19.00 -61.66
C ASN B 841 19.02 -19.05 -60.80
N LYS B 842 19.16 -18.07 -59.90
CA LYS B 842 20.29 -18.02 -58.98
C LYS B 842 20.04 -18.94 -57.78
N GLU B 843 18.77 -19.28 -57.56
CA GLU B 843 18.41 -20.15 -56.45
C GLU B 843 18.67 -21.62 -56.77
N ILE B 844 18.37 -22.02 -58.00
CA ILE B 844 18.54 -23.40 -58.42
C ILE B 844 20.01 -23.81 -58.46
N PRO B 845 20.87 -22.96 -59.04
CA PRO B 845 22.31 -23.16 -59.23
C PRO B 845 23.10 -23.16 -57.92
N LEU B 846 22.49 -22.67 -56.84
CA LEU B 846 23.16 -22.54 -55.55
C LEU B 846 23.75 -23.84 -55.02
N THR B 847 23.13 -24.96 -55.39
CA THR B 847 23.62 -26.27 -54.96
C THR B 847 23.45 -27.32 -56.06
N ALA B 848 24.24 -28.37 -56.00
CA ALA B 848 24.18 -29.44 -57.00
C ALA B 848 24.08 -30.81 -56.36
N GLU B 849 25.14 -31.24 -55.70
CA GLU B 849 25.21 -32.57 -55.11
C GLU B 849 24.47 -32.65 -53.77
N ASP B 850 24.62 -31.62 -52.94
CA ASP B 850 24.01 -31.60 -51.62
C ASP B 850 22.49 -31.59 -51.69
N ARG B 851 21.95 -30.72 -52.54
CA ARG B 851 20.50 -30.60 -52.71
C ARG B 851 19.91 -31.86 -53.35
N ASN B 852 20.75 -32.60 -54.07
CA ASN B 852 20.32 -33.85 -54.69
C ASN B 852 20.10 -34.95 -53.65
N TRP B 853 21.09 -35.14 -52.79
CA TRP B 853 20.99 -36.11 -51.71
C TRP B 853 19.90 -35.68 -50.72
N ILE B 854 19.77 -34.38 -50.54
CA ILE B 854 18.70 -33.84 -49.70
C ILE B 854 17.34 -34.12 -50.31
N ASP B 855 17.29 -34.13 -51.64
CA ASP B 855 16.07 -34.46 -52.36
C ASP B 855 15.81 -35.97 -52.30
N LYS B 856 16.87 -36.74 -52.09
CA LYS B 856 16.76 -38.18 -51.97
C LYS B 856 16.43 -38.58 -50.53
N PHE B 857 16.56 -37.63 -49.61
CA PHE B 857 16.25 -37.89 -48.21
C PHE B 857 14.77 -37.66 -47.91
N HIS B 858 14.08 -37.02 -48.86
CA HIS B 858 12.65 -36.76 -48.72
C HIS B 858 11.83 -37.89 -49.34
N ILE B 859 10.52 -37.67 -49.45
CA ILE B 859 9.63 -38.66 -50.08
C ILE B 859 9.98 -38.87 -51.54
N ILE B 860 10.42 -37.80 -52.20
CA ILE B 860 10.85 -37.83 -53.59
C ILE B 860 9.78 -38.39 -54.52
N GLY B 861 8.53 -38.01 -54.29
CA GLY B 861 7.43 -38.47 -55.11
C GLY B 861 7.14 -37.55 -56.28
N LEU B 862 6.20 -37.95 -57.13
CA LEU B 862 5.80 -37.13 -58.27
C LEU B 862 5.01 -35.92 -57.79
N THR B 863 4.39 -36.03 -56.64
CA THR B 863 3.66 -34.93 -56.03
C THR B 863 4.63 -33.98 -55.32
N GLU B 864 5.85 -34.47 -55.10
CA GLU B 864 6.88 -33.67 -54.46
C GLU B 864 7.73 -32.95 -55.50
N LYS B 865 7.35 -33.09 -56.77
CA LYS B 865 8.07 -32.48 -57.86
C LYS B 865 7.79 -30.98 -57.97
N ASP B 866 6.83 -30.51 -57.18
CA ASP B 866 6.49 -29.08 -57.16
C ASP B 866 7.68 -28.25 -56.69
N ILE B 867 8.04 -27.24 -57.47
CA ILE B 867 9.21 -26.42 -57.18
C ILE B 867 8.95 -25.40 -56.07
N TRP B 868 7.76 -24.81 -56.08
CA TRP B 868 7.38 -23.78 -55.11
C TRP B 868 8.27 -22.54 -55.10
N LYS B 869 8.39 -21.91 -56.26
CA LYS B 869 9.27 -20.74 -56.42
C LYS B 869 9.09 -19.62 -55.39
N ILE B 870 7.94 -19.60 -54.72
CA ILE B 870 7.67 -18.60 -53.70
C ILE B 870 8.55 -18.82 -52.47
N VAL B 871 9.05 -20.05 -52.32
CA VAL B 871 9.93 -20.39 -51.22
C VAL B 871 11.30 -19.72 -51.35
N ALA B 872 11.56 -19.18 -52.54
CA ALA B 872 12.77 -18.39 -52.76
C ALA B 872 12.60 -17.00 -52.19
N LEU B 873 11.42 -16.42 -52.41
CA LEU B 873 11.08 -15.11 -51.86
C LEU B 873 10.99 -15.21 -50.34
N ARG B 874 10.40 -16.31 -49.86
CA ARG B 874 10.35 -16.58 -48.44
C ARG B 874 11.74 -16.95 -47.93
N GLY B 875 12.61 -17.32 -48.86
CA GLY B 875 14.00 -17.64 -48.54
C GLY B 875 14.80 -16.37 -48.28
N TYR B 876 14.56 -15.36 -49.10
CA TYR B 876 15.18 -14.05 -48.90
C TYR B 876 14.55 -13.37 -47.70
N VAL B 877 13.28 -13.69 -47.45
CA VAL B 877 12.57 -13.19 -46.29
C VAL B 877 13.19 -13.76 -45.01
N ILE B 878 13.44 -15.06 -45.02
CA ILE B 878 14.10 -15.72 -43.90
C ILE B 878 15.56 -15.31 -43.84
N ARG B 879 16.08 -14.81 -44.96
CA ARG B 879 17.43 -14.28 -45.00
C ARG B 879 17.47 -12.91 -44.34
N THR B 880 16.34 -12.23 -44.35
CA THR B 880 16.19 -10.98 -43.61
C THR B 880 16.00 -11.30 -42.13
N ALA B 881 15.27 -12.37 -41.86
CA ALA B 881 15.11 -12.87 -40.50
C ALA B 881 16.46 -13.26 -39.91
N ARG B 882 17.35 -13.74 -40.77
CA ARG B 882 18.71 -14.05 -40.37
C ARG B 882 19.59 -12.80 -40.42
N VAL B 883 19.09 -11.77 -41.10
CA VAL B 883 19.80 -10.50 -41.17
C VAL B 883 19.48 -9.67 -39.93
N MET B 884 18.51 -10.13 -39.15
CA MET B 884 18.21 -9.52 -37.87
C MET B 884 19.16 -10.06 -36.79
N ALA B 885 20.02 -11.00 -37.21
CA ALA B 885 21.01 -11.60 -36.33
C ALA B 885 22.40 -11.48 -36.94
N ALA B 886 23.38 -12.12 -36.31
CA ALA B 886 24.76 -12.08 -36.79
C ALA B 886 24.94 -12.95 -38.03
N ASN B 887 26.17 -13.07 -38.50
CA ASN B 887 26.48 -13.84 -39.71
C ASN B 887 26.05 -15.29 -39.60
N PRO B 888 25.15 -15.72 -40.50
CA PRO B 888 24.60 -17.08 -40.54
C PRO B 888 25.35 -17.99 -41.52
N ASN B 986 34.79 -32.63 -39.80
CA ASN B 986 33.43 -32.64 -40.32
C ASN B 986 32.68 -31.35 -40.01
N LEU B 987 31.36 -31.42 -40.02
CA LEU B 987 30.53 -30.26 -39.74
C LEU B 987 30.54 -29.93 -38.25
N LYS B 988 30.26 -28.66 -37.94
CA LYS B 988 30.23 -28.21 -36.55
C LYS B 988 28.87 -28.49 -35.91
N ASN B 989 28.66 -27.94 -34.72
CA ASN B 989 27.39 -28.10 -34.01
C ASN B 989 26.22 -27.56 -34.80
N VAL B 990 25.09 -28.27 -34.74
CA VAL B 990 23.91 -27.91 -35.50
C VAL B 990 23.32 -26.58 -35.04
N PHE B 991 22.68 -25.86 -35.96
CA PHE B 991 22.06 -24.57 -35.64
C PHE B 991 20.56 -24.71 -35.49
N VAL B 992 20.06 -24.44 -34.29
CA VAL B 992 18.64 -24.54 -34.00
C VAL B 992 17.87 -23.39 -34.64
N GLN B 993 16.59 -23.62 -34.92
CA GLN B 993 15.74 -22.60 -35.52
C GLN B 993 15.05 -21.75 -34.46
N LEU B 994 15.16 -22.16 -33.19
CA LEU B 994 14.55 -21.44 -32.10
C LEU B 994 15.26 -21.74 -30.78
N GLU B 995 15.04 -20.91 -29.77
CA GLU B 995 15.63 -21.12 -28.45
C GLU B 995 14.57 -21.02 -27.35
N PRO B 996 14.68 -21.89 -26.34
CA PRO B 996 13.79 -21.99 -25.18
C PRO B 996 14.00 -20.89 -24.13
N THR B 997 12.91 -20.42 -23.55
CA THR B 997 12.99 -19.47 -22.45
C THR B 997 13.42 -20.19 -21.17
N SER B 998 13.94 -19.45 -20.20
CA SER B 998 14.40 -20.07 -18.96
C SER B 998 13.27 -20.22 -17.95
N TYR B 999 12.87 -19.10 -17.34
CA TYR B 999 11.70 -19.03 -16.46
C TYR B 999 11.82 -19.87 -15.18
N HIS B 1000 12.90 -20.65 -15.05
CA HIS B 1000 13.04 -21.57 -13.94
C HIS B 1000 13.96 -21.04 -12.84
N MET B 1001 15.26 -21.01 -13.12
CA MET B 1001 16.24 -20.50 -12.16
C MET B 1001 16.05 -19.01 -11.93
N HIS B 1002 15.57 -18.32 -12.96
CA HIS B 1002 15.30 -16.89 -12.87
C HIS B 1002 14.17 -16.61 -11.88
N SER B 1003 13.25 -17.56 -11.75
CA SER B 1003 12.18 -17.46 -10.78
C SER B 1003 12.74 -17.52 -9.36
N PRO B 1004 13.69 -18.44 -9.13
CA PRO B 1004 14.36 -18.58 -7.84
C PRO B 1004 15.21 -17.35 -7.51
N ASN B 1005 15.87 -16.79 -8.52
CA ASN B 1005 16.62 -15.56 -8.35
C ASN B 1005 15.70 -14.40 -8.02
N HIS B 1006 14.51 -14.42 -8.62
CA HIS B 1006 13.48 -13.43 -8.31
C HIS B 1006 12.99 -13.64 -6.88
N GLY B 1007 13.07 -14.87 -6.41
CA GLY B 1007 12.75 -15.19 -5.03
C GLY B 1007 13.85 -14.69 -4.11
N LEU B 1008 15.05 -14.56 -4.66
CA LEU B 1008 16.18 -14.00 -3.91
C LEU B 1008 16.05 -12.48 -3.83
N LYS B 1009 15.50 -11.89 -4.88
CA LYS B 1009 15.20 -10.46 -4.87
C LYS B 1009 14.05 -10.19 -3.91
N ASP B 1010 13.11 -11.13 -3.86
CA ASP B 1010 12.02 -11.06 -2.89
C ASP B 1010 12.57 -11.27 -1.48
N ASN B 1011 13.69 -11.98 -1.40
CA ASN B 1011 14.38 -12.16 -0.13
C ASN B 1011 15.12 -10.88 0.26
N ALA B 1012 15.50 -10.10 -0.75
CA ALA B 1012 16.04 -8.78 -0.50
C ALA B 1012 14.92 -7.87 -0.03
N ASN B 1013 13.71 -8.14 -0.50
CA ASN B 1013 12.52 -7.50 0.01
C ASN B 1013 12.18 -8.05 1.39
N VAL B 1014 12.48 -9.33 1.58
CA VAL B 1014 12.41 -10.00 2.88
C VAL B 1014 11.06 -10.03 3.61
N LYS B 1015 10.05 -10.62 2.97
CA LYS B 1015 8.79 -10.87 3.66
C LYS B 1015 8.94 -11.91 4.77
N PRO B 1016 7.87 -12.15 5.54
CA PRO B 1016 8.05 -13.14 6.59
C PRO B 1016 7.65 -14.57 6.19
N GLU B 1017 7.91 -15.52 7.08
CA GLU B 1017 7.56 -16.93 6.90
C GLU B 1017 8.05 -17.74 8.11
N ARG B 1018 7.49 -18.92 8.30
CA ARG B 1018 7.99 -19.81 9.34
C ARG B 1018 7.76 -21.27 8.99
N LYS B 1019 8.74 -22.12 9.30
CA LYS B 1019 8.59 -23.57 9.16
C LYS B 1019 7.84 -24.14 10.36
N VAL B 1020 8.25 -23.72 11.55
CA VAL B 1020 7.63 -24.18 12.79
C VAL B 1020 6.50 -23.24 13.19
N VAL B 1021 5.97 -23.43 14.39
CA VAL B 1021 4.88 -22.61 14.89
C VAL B 1021 5.33 -21.15 15.07
N VAL B 1022 4.44 -20.23 14.73
CA VAL B 1022 4.71 -18.80 14.88
C VAL B 1022 3.64 -18.15 15.74
N SER B 1023 3.95 -16.97 16.29
CA SER B 1023 3.02 -16.26 17.14
C SER B 1023 1.81 -15.79 16.35
N ASN B 1024 0.71 -15.53 17.05
CA ASN B 1024 -0.52 -15.09 16.41
C ASN B 1024 -0.33 -13.76 15.67
N SER B 1025 -0.69 -13.75 14.39
CA SER B 1025 -0.55 -12.58 13.55
C SER B 1025 -1.63 -11.54 13.86
N TYR B 1026 -1.36 -10.28 13.49
CA TYR B 1026 -2.33 -9.21 13.68
C TYR B 1026 -3.59 -9.45 12.87
N GLU B 1027 -4.72 -8.96 13.37
CA GLU B 1027 -6.01 -9.15 12.72
C GLU B 1027 -6.06 -8.46 11.35
N GLY B 1028 -6.80 -9.05 10.42
CA GLY B 1028 -6.91 -8.51 9.08
C GLY B 1028 -7.25 -9.58 8.06
N ASP B 1029 -6.91 -9.32 6.80
CA ASP B 1029 -7.12 -10.29 5.74
C ASP B 1029 -6.18 -11.48 5.87
N VAL B 1030 -5.17 -11.33 6.73
CA VAL B 1030 -4.22 -12.39 7.00
C VAL B 1030 -4.84 -13.50 7.84
N GLU B 1031 -6.07 -13.26 8.31
CA GLU B 1031 -6.81 -14.24 9.09
C GLU B 1031 -7.12 -15.48 8.24
N SER B 1032 -7.14 -15.29 6.92
CA SER B 1032 -7.31 -16.40 6.00
C SER B 1032 -6.06 -17.26 5.97
N ILE B 1033 -4.90 -16.61 6.14
CA ILE B 1033 -3.63 -17.31 6.19
C ILE B 1033 -3.44 -18.00 7.53
N GLU B 1034 -4.00 -17.40 8.58
CA GLU B 1034 -3.97 -18.01 9.91
C GLU B 1034 -4.88 -19.22 9.94
N LYS B 1035 -6.05 -19.08 9.32
CA LYS B 1035 -6.98 -20.19 9.18
C LYS B 1035 -6.38 -21.26 8.28
N PHE B 1036 -5.51 -20.83 7.37
CA PHE B 1036 -4.78 -21.75 6.51
C PHE B 1036 -3.74 -22.51 7.33
N LEU B 1037 -3.18 -21.84 8.33
CA LEU B 1037 -2.26 -22.48 9.26
C LEU B 1037 -3.02 -23.44 10.15
N SER B 1038 -4.30 -23.16 10.36
CA SER B 1038 -5.18 -24.03 11.13
C SER B 1038 -5.79 -25.09 10.23
N THR B 1039 -5.48 -25.02 8.93
CA THR B 1039 -6.00 -25.97 7.96
C THR B 1039 -4.99 -27.10 7.73
N PHE B 1040 -3.88 -27.04 8.45
CA PHE B 1040 -2.86 -28.09 8.35
C PHE B 1040 -2.82 -28.92 9.63
N LYS B 1041 -2.83 -30.24 9.47
CA LYS B 1041 -2.78 -31.16 10.61
C LYS B 1041 -1.48 -30.95 11.39
N ILE B 1042 -1.56 -31.06 12.70
CA ILE B 1042 -0.41 -30.76 13.56
C ILE B 1042 -0.28 -31.74 14.73
N LEU B 1043 0.65 -31.40 15.61
CA LEU B 1043 0.96 -32.19 16.81
C LEU B 1043 1.26 -33.65 16.51
N PRO B 1044 2.10 -33.90 15.50
CA PRO B 1044 2.59 -35.26 15.29
C PRO B 1044 3.54 -35.69 16.41
N PRO B 1045 4.44 -34.78 16.82
CA PRO B 1045 5.41 -34.95 17.89
C PRO B 1045 4.77 -34.96 19.27
N LEU B 1046 3.62 -34.29 19.39
CA LEU B 1046 2.91 -34.20 20.67
C LEU B 1046 2.34 -35.56 21.07
N ARG B 1047 2.10 -36.40 20.07
CA ARG B 1047 1.58 -37.75 20.33
C ARG B 1047 2.67 -38.64 20.90
N ASP B 1048 3.92 -38.23 20.77
CA ASP B 1048 5.04 -39.00 21.26
C ASP B 1048 5.18 -38.89 22.78
N TYR B 1049 5.08 -37.68 23.30
CA TYR B 1049 5.24 -37.44 24.73
C TYR B 1049 3.91 -37.49 25.48
N LYS B 1050 2.81 -37.57 24.74
CA LYS B 1050 1.47 -37.58 25.32
C LYS B 1050 1.23 -38.74 26.29
N GLU B 1051 1.20 -39.96 25.75
CA GLU B 1051 0.84 -41.14 26.52
C GLU B 1051 1.86 -42.26 26.35
N PHE B 1052 1.52 -43.44 26.87
CA PHE B 1052 2.35 -44.63 26.77
C PHE B 1052 3.69 -44.43 27.48
N GLY B 1053 3.63 -43.86 28.68
CA GLY B 1053 4.81 -43.71 29.53
C GLY B 1053 5.88 -42.82 28.95
N PRO B 1054 7.12 -42.99 29.44
CA PRO B 1054 8.30 -42.21 29.03
C PRO B 1054 9.01 -42.82 27.83
N ILE B 1055 10.15 -42.23 27.46
CA ILE B 1055 10.92 -42.70 26.33
C ILE B 1055 12.37 -42.98 26.74
N GLN B 1056 12.82 -44.21 26.49
CA GLN B 1056 14.18 -44.60 26.83
C GLN B 1056 15.19 -44.10 25.79
N GLU B 1057 16.44 -44.51 25.95
CA GLU B 1057 17.50 -44.10 25.03
C GLU B 1057 18.26 -45.31 24.51
N ILE B 1058 19.02 -45.11 23.45
CA ILE B 1058 19.76 -46.20 22.81
C ILE B 1058 21.13 -46.42 23.46
N VAL B 1059 21.34 -47.63 23.96
CA VAL B 1059 22.63 -48.01 24.56
C VAL B 1059 23.25 -49.13 23.74
N ARG B 1060 24.44 -48.87 23.19
CA ARG B 1060 25.07 -49.83 22.29
C ARG B 1060 26.20 -50.62 22.95
N SER B 1061 26.78 -51.54 22.19
CA SER B 1061 27.88 -52.37 22.67
C SER B 1061 28.85 -52.68 21.53
N PRO B 1062 30.10 -53.03 21.86
CA PRO B 1062 31.09 -53.38 20.85
C PRO B 1062 30.77 -54.70 20.15
N ASN B 1063 31.66 -55.16 19.27
CA ASN B 1063 31.44 -56.40 18.53
C ASN B 1063 31.32 -57.61 19.45
N MET B 1064 30.22 -58.35 19.32
CA MET B 1064 29.96 -59.50 20.16
C MET B 1064 30.35 -60.83 19.51
N GLY B 1065 30.84 -60.74 18.27
CA GLY B 1065 31.16 -61.93 17.50
C GLY B 1065 32.40 -62.68 17.95
N ASN B 1066 33.25 -61.99 18.72
CA ASN B 1066 34.51 -62.58 19.17
C ASN B 1066 34.36 -63.54 20.34
N LEU B 1067 33.28 -63.37 21.11
CA LEU B 1067 33.05 -64.17 22.31
C LEU B 1067 32.77 -65.63 21.98
N ARG B 1068 32.97 -66.50 22.96
CA ARG B 1068 32.73 -67.93 22.79
C ARG B 1068 31.24 -68.22 22.58
N GLY B 1069 30.40 -67.58 23.39
CA GLY B 1069 28.96 -67.71 23.24
C GLY B 1069 28.39 -69.06 23.64
N LYS B 1070 28.75 -69.53 24.83
CA LYS B 1070 28.19 -70.78 25.35
C LYS B 1070 26.79 -70.52 25.92
N LEU B 1071 25.89 -71.50 25.76
CA LEU B 1071 24.52 -71.32 26.21
C LEU B 1071 24.41 -71.54 27.70
N ILE B 1072 24.00 -70.50 28.42
CA ILE B 1072 23.90 -70.57 29.88
C ILE B 1072 22.49 -70.83 30.39
N ALA B 1073 21.51 -70.86 29.49
CA ALA B 1073 20.12 -71.03 29.91
C ALA B 1073 19.24 -71.73 28.89
N THR B 1074 18.33 -72.56 29.39
CA THR B 1074 17.28 -73.16 28.56
C THR B 1074 15.95 -73.11 29.30
N LEU B 1075 14.97 -72.42 28.73
CA LEU B 1075 13.66 -72.29 29.36
C LEU B 1075 12.52 -72.30 28.34
N MET B 1076 11.48 -73.10 28.61
CA MET B 1076 10.30 -73.12 27.76
C MET B 1076 9.02 -73.02 28.60
N GLU B 1077 8.30 -71.92 28.45
CA GLU B 1077 7.04 -71.72 29.17
C GLU B 1077 5.91 -72.50 28.53
N ASN B 1078 5.78 -72.37 27.20
CA ASN B 1078 4.73 -73.06 26.47
C ASN B 1078 5.32 -74.11 25.53
N GLU B 1079 5.12 -75.39 25.87
CA GLU B 1079 5.58 -76.49 25.04
C GLU B 1079 4.80 -76.60 23.74
N PRO B 1080 3.47 -76.45 23.83
CA PRO B 1080 2.44 -76.72 22.82
C PRO B 1080 2.70 -76.10 21.44
N ASN B 1081 3.11 -74.84 21.39
CA ASN B 1081 3.27 -74.17 20.10
C ASN B 1081 4.47 -73.23 20.04
N SER B 1082 4.91 -72.93 18.82
CA SER B 1082 6.02 -72.03 18.60
C SER B 1082 5.60 -70.56 18.73
N ILE B 1083 6.56 -69.70 19.03
CA ILE B 1083 6.30 -68.27 19.10
C ILE B 1083 6.34 -67.66 17.70
N THR B 1084 5.31 -66.91 17.36
CA THR B 1084 5.22 -66.28 16.04
C THR B 1084 6.13 -65.06 15.94
N SER B 1085 6.49 -64.49 17.08
CA SER B 1085 7.38 -63.34 17.11
C SER B 1085 8.21 -63.28 18.39
N SER B 1086 9.42 -62.74 18.28
CA SER B 1086 10.28 -62.54 19.44
C SER B 1086 10.98 -61.19 19.36
N ALA B 1087 10.88 -60.40 20.42
CA ALA B 1087 11.50 -59.08 20.44
C ALA B 1087 12.01 -58.73 21.84
N VAL B 1088 12.90 -57.76 21.92
CA VAL B 1088 13.48 -57.34 23.19
C VAL B 1088 13.49 -55.81 23.32
N SER B 1089 13.15 -55.34 24.51
CA SER B 1089 13.19 -53.91 24.81
C SER B 1089 14.52 -53.53 25.42
N PRO B 1090 15.35 -52.80 24.65
CA PRO B 1090 16.71 -52.41 25.01
C PRO B 1090 16.76 -51.44 26.21
N GLY B 1091 17.92 -51.35 26.85
CA GLY B 1091 18.10 -50.46 27.98
C GLY B 1091 19.15 -51.01 28.94
N GLU B 1092 19.15 -50.51 30.17
CA GLU B 1092 20.05 -51.01 31.19
C GLU B 1092 19.61 -52.39 31.65
N THR B 1093 18.30 -52.59 31.69
CA THR B 1093 17.73 -53.88 32.05
C THR B 1093 16.73 -54.32 30.97
N PRO B 1094 17.21 -55.05 29.97
CA PRO B 1094 16.46 -55.51 28.80
C PRO B 1094 15.18 -56.27 29.18
N TYR B 1095 14.09 -55.95 28.49
CA TYR B 1095 12.82 -56.65 28.72
C TYR B 1095 12.56 -57.65 27.61
N LEU B 1096 12.64 -58.94 27.94
CA LEU B 1096 12.44 -60.00 26.94
C LEU B 1096 10.96 -60.20 26.65
N ILE B 1097 10.63 -60.39 25.36
CA ILE B 1097 9.25 -60.60 24.97
C ILE B 1097 9.11 -61.61 23.84
N THR B 1098 8.15 -62.50 23.96
CA THR B 1098 7.87 -63.49 22.92
C THR B 1098 6.38 -63.81 22.84
N GLY B 1099 5.87 -63.97 21.64
CA GLY B 1099 4.46 -64.25 21.43
C GLY B 1099 4.15 -65.73 21.49
N SER B 1100 3.00 -66.12 20.95
CA SER B 1100 2.62 -67.52 20.87
C SER B 1100 1.68 -67.80 19.70
N ASP B 1101 1.71 -69.03 19.21
CA ASP B 1101 0.82 -69.44 18.13
C ASP B 1101 -0.58 -69.67 18.66
N GLN B 1102 -0.69 -69.80 19.98
CA GLN B 1102 -1.97 -69.96 20.65
C GLN B 1102 -2.53 -68.58 21.03
N GLY B 1103 -1.83 -67.54 20.62
CA GLY B 1103 -2.25 -66.18 20.91
C GLY B 1103 -1.97 -65.75 22.35
N VAL B 1104 -0.76 -66.03 22.81
CA VAL B 1104 -0.35 -65.62 24.16
C VAL B 1104 0.88 -64.72 24.11
N ILE B 1105 0.88 -63.71 24.97
CA ILE B 1105 2.01 -62.79 25.07
C ILE B 1105 2.80 -63.03 26.35
N LYS B 1106 4.10 -63.30 26.20
CA LYS B 1106 4.96 -63.60 27.34
C LYS B 1106 6.11 -62.61 27.45
N ILE B 1107 6.43 -62.24 28.69
CA ILE B 1107 7.52 -61.31 28.96
C ILE B 1107 8.38 -61.79 30.12
N TRP B 1108 9.70 -61.82 29.91
CA TRP B 1108 10.65 -62.28 30.92
C TRP B 1108 11.70 -61.22 31.23
N ASN B 1109 12.23 -61.27 32.45
CA ASN B 1109 13.24 -60.31 32.89
C ASN B 1109 14.66 -60.81 32.64
N LEU B 1110 15.46 -59.98 31.96
CA LEU B 1110 16.83 -60.33 31.61
C LEU B 1110 17.69 -60.64 32.84
N LYS B 1111 17.93 -59.63 33.65
CA LYS B 1111 18.81 -59.76 34.81
C LYS B 1111 18.35 -60.86 35.77
N GLU B 1112 17.04 -60.97 35.94
CA GLU B 1112 16.46 -61.98 36.82
C GLU B 1112 16.79 -63.39 36.33
N ILE B 1113 16.80 -63.56 35.01
CA ILE B 1113 17.13 -64.84 34.41
C ILE B 1113 18.64 -65.05 34.41
N ILE B 1114 19.38 -63.94 34.48
CA ILE B 1114 20.84 -64.00 34.47
C ILE B 1114 21.40 -64.45 35.81
N VAL B 1115 20.89 -63.85 36.89
CA VAL B 1115 21.43 -64.10 38.23
C VAL B 1115 20.68 -65.22 38.95
N GLY B 1116 19.44 -64.94 39.35
CA GLY B 1116 18.65 -65.91 40.08
C GLY B 1116 18.21 -67.08 39.21
N GLU B 1117 18.29 -66.88 37.89
CA GLU B 1117 17.94 -67.89 36.91
C GLU B 1117 16.51 -68.40 37.07
N VAL B 1118 15.62 -67.54 37.54
CA VAL B 1118 14.21 -67.90 37.67
C VAL B 1118 13.59 -68.03 36.29
N TYR B 1119 13.03 -69.19 36.00
CA TYR B 1119 12.48 -69.45 34.67
C TYR B 1119 10.98 -69.63 34.50
N SER B 1120 10.31 -68.51 34.26
CA SER B 1120 8.86 -68.46 34.07
C SER B 1120 8.49 -67.17 33.36
N SER B 1121 7.21 -66.98 33.09
CA SER B 1121 6.76 -65.72 32.49
C SER B 1121 6.62 -64.65 33.58
N SER B 1122 7.40 -63.58 33.45
CA SER B 1122 7.34 -62.49 34.41
C SER B 1122 6.08 -61.68 34.19
N LEU B 1123 5.60 -61.69 32.94
CA LEU B 1123 4.35 -61.03 32.59
C LEU B 1123 3.62 -61.83 31.51
N THR B 1124 2.30 -61.91 31.62
CA THR B 1124 1.51 -62.66 30.66
C THR B 1124 0.26 -61.89 30.24
N TYR B 1125 0.11 -61.71 28.93
CA TYR B 1125 -1.05 -61.02 28.38
C TYR B 1125 -1.83 -61.93 27.45
N ASP B 1126 -3.15 -61.96 27.61
CA ASP B 1126 -4.00 -62.84 26.81
C ASP B 1126 -4.53 -62.12 25.58
N CYS B 1127 -4.07 -62.54 24.40
CA CYS B 1127 -4.55 -61.98 23.15
C CYS B 1127 -5.86 -62.61 22.72
N SER B 1128 -6.14 -63.80 23.26
CA SER B 1128 -7.36 -64.57 22.99
C SER B 1128 -7.44 -65.06 21.55
N SER B 1129 -6.49 -64.64 20.72
CA SER B 1129 -6.43 -65.04 19.32
C SER B 1129 -4.99 -65.06 18.83
N THR B 1130 -4.70 -65.91 17.86
CA THR B 1130 -3.34 -66.13 17.36
C THR B 1130 -2.65 -64.82 16.94
N VAL B 1131 -1.41 -64.65 17.38
CA VAL B 1131 -0.65 -63.44 17.10
C VAL B 1131 0.22 -63.60 15.86
N THR B 1132 0.34 -62.52 15.08
CA THR B 1132 1.12 -62.54 13.85
C THR B 1132 2.58 -62.18 14.10
N GLN B 1133 2.83 -60.93 14.50
CA GLN B 1133 4.19 -60.48 14.74
C GLN B 1133 4.26 -59.38 15.78
N ILE B 1134 5.48 -58.96 16.12
CA ILE B 1134 5.69 -57.91 17.10
C ILE B 1134 6.99 -57.15 16.88
N THR B 1135 7.02 -55.90 17.31
CA THR B 1135 8.24 -55.09 17.25
C THR B 1135 8.22 -54.03 18.35
N MET B 1136 9.40 -53.68 18.85
CA MET B 1136 9.50 -52.66 19.89
C MET B 1136 9.70 -51.28 19.26
N ILE B 1137 8.86 -50.33 19.67
CA ILE B 1137 8.93 -48.97 19.16
C ILE B 1137 10.26 -48.32 19.52
N PRO B 1138 10.96 -47.78 18.51
CA PRO B 1138 12.27 -47.16 18.66
C PRO B 1138 12.30 -46.05 19.70
N ASN B 1139 13.28 -46.10 20.60
CA ASN B 1139 13.43 -45.10 21.66
C ASN B 1139 12.17 -44.93 22.50
N PHE B 1140 11.46 -46.03 22.72
CA PHE B 1140 10.23 -46.01 23.50
C PHE B 1140 10.05 -47.30 24.29
N ASP B 1141 9.20 -47.26 25.31
CA ASP B 1141 8.95 -48.43 26.14
C ASP B 1141 7.73 -49.21 25.65
N ALA B 1142 7.12 -48.73 24.57
CA ALA B 1142 5.92 -49.35 24.01
C ALA B 1142 6.26 -50.53 23.12
N PHE B 1143 5.45 -51.58 23.19
CA PHE B 1143 5.63 -52.75 22.36
C PHE B 1143 4.45 -52.96 21.42
N ALA B 1144 4.70 -52.89 20.12
CA ALA B 1144 3.64 -53.02 19.13
C ALA B 1144 3.50 -54.47 18.67
N VAL B 1145 2.26 -54.89 18.44
CA VAL B 1145 1.98 -56.26 18.05
C VAL B 1145 0.76 -56.37 17.12
N SER B 1146 0.86 -57.29 16.17
CA SER B 1146 -0.24 -57.59 15.25
C SER B 1146 -0.61 -59.06 15.33
N SER B 1147 -1.90 -59.34 15.19
CA SER B 1147 -2.44 -60.69 15.36
C SER B 1147 -3.30 -61.11 14.17
N LYS B 1148 -3.18 -62.39 13.81
CA LYS B 1148 -3.81 -62.96 12.62
C LYS B 1148 -5.33 -62.91 12.67
N ASP B 1149 -5.88 -62.57 13.83
CA ASP B 1149 -7.30 -62.30 13.95
C ASP B 1149 -7.63 -60.96 13.29
N GLY B 1150 -6.59 -60.28 12.83
CA GLY B 1150 -6.72 -58.94 12.29
C GLY B 1150 -6.74 -57.94 13.43
N GLN B 1151 -5.97 -58.22 14.47
CA GLN B 1151 -5.95 -57.36 15.64
C GLN B 1151 -4.61 -56.66 15.83
N ILE B 1152 -4.59 -55.36 15.59
CA ILE B 1152 -3.37 -54.58 15.75
C ILE B 1152 -3.44 -53.72 17.01
N ILE B 1153 -2.48 -53.88 17.90
CA ILE B 1153 -2.49 -53.12 19.14
C ILE B 1153 -1.09 -52.93 19.71
N VAL B 1154 -0.93 -51.91 20.54
CA VAL B 1154 0.37 -51.63 21.16
C VAL B 1154 0.22 -51.50 22.67
N LEU B 1155 1.04 -52.26 23.40
CA LEU B 1155 0.98 -52.26 24.86
C LEU B 1155 2.10 -51.41 25.46
N LYS B 1156 1.73 -50.52 26.39
CA LYS B 1156 2.70 -49.69 27.07
C LYS B 1156 3.27 -50.42 28.28
N VAL B 1157 4.57 -50.25 28.51
CA VAL B 1157 5.24 -50.95 29.59
C VAL B 1157 5.10 -50.20 30.92
N ASN B 1158 4.90 -50.96 31.99
CA ASN B 1158 4.83 -50.38 33.33
C ASN B 1158 5.72 -51.15 34.29
N HIS B 1159 6.73 -50.48 34.82
CA HIS B 1159 7.69 -51.13 35.71
C HIS B 1159 8.13 -50.21 36.84
N TYR B 1160 8.76 -50.80 37.86
CA TYR B 1160 9.22 -50.04 39.01
C TYR B 1160 10.63 -50.46 39.41
N GLN B 1161 11.28 -49.66 40.24
CA GLN B 1161 12.63 -49.95 40.70
C GLN B 1161 12.72 -49.86 42.23
N GLN B 1162 13.04 -50.98 42.86
CA GLN B 1162 13.12 -51.04 44.32
C GLN B 1162 14.16 -52.06 44.77
N GLU B 1163 14.67 -51.88 45.99
CA GLU B 1163 15.65 -52.78 46.59
C GLU B 1163 16.85 -53.01 45.68
N SER B 1164 17.33 -51.92 45.07
CA SER B 1164 18.45 -51.97 44.13
C SER B 1164 18.21 -52.95 42.99
N GLU B 1165 16.97 -52.99 42.51
CA GLU B 1165 16.59 -53.88 41.41
C GLU B 1165 15.38 -53.34 40.67
N VAL B 1166 14.94 -54.08 39.65
CA VAL B 1166 13.78 -53.68 38.85
C VAL B 1166 12.74 -54.78 38.81
N LYS B 1167 11.47 -54.38 38.69
CA LYS B 1167 10.37 -55.33 38.61
C LYS B 1167 9.28 -54.82 37.67
N PHE B 1168 8.43 -55.73 37.21
CA PHE B 1168 7.37 -55.38 36.27
C PHE B 1168 6.01 -55.33 36.97
N LEU B 1169 5.15 -54.42 36.52
CA LEU B 1169 3.86 -54.22 37.16
C LEU B 1169 2.70 -54.82 36.36
N ASN B 1170 2.34 -54.16 35.25
CA ASN B 1170 1.20 -54.60 34.46
C ASN B 1170 1.35 -54.27 32.98
N CYS B 1171 0.70 -55.07 32.13
CA CYS B 1171 0.73 -54.87 30.70
C CYS B 1171 -0.66 -54.51 30.17
N GLU B 1172 -0.77 -53.32 29.59
CA GLU B 1172 -2.05 -52.86 29.03
C GLU B 1172 -1.86 -52.24 27.66
N CYS B 1173 -2.78 -52.52 26.75
CA CYS B 1173 -2.71 -52.01 25.39
C CYS B 1173 -3.10 -50.53 25.34
N ILE B 1174 -2.19 -49.71 24.80
CA ILE B 1174 -2.43 -48.28 24.70
C ILE B 1174 -3.48 -47.95 23.66
N ARG B 1175 -3.31 -48.48 22.46
CA ARG B 1175 -4.24 -48.23 21.36
C ARG B 1175 -4.72 -49.53 20.74
N LYS B 1176 -5.98 -49.54 20.30
CA LYS B 1176 -6.56 -50.73 19.68
C LYS B 1176 -7.16 -50.38 18.33
N ILE B 1177 -6.60 -50.96 17.27
CA ILE B 1177 -7.10 -50.74 15.92
C ILE B 1177 -7.32 -52.06 15.21
N ASN B 1178 -8.57 -52.32 14.82
CA ASN B 1178 -8.92 -53.57 14.16
C ASN B 1178 -8.52 -53.59 12.69
N LEU B 1179 -7.74 -54.60 12.31
CA LEU B 1179 -7.37 -54.77 10.91
C LEU B 1179 -8.52 -55.42 10.14
N LYS B 1180 -9.53 -55.86 10.88
CA LYS B 1180 -10.74 -56.43 10.29
C LYS B 1180 -11.64 -55.33 9.74
N ASN B 1181 -11.26 -54.07 10.00
CA ASN B 1181 -12.04 -52.94 9.56
C ASN B 1181 -11.74 -52.58 8.10
N PHE B 1182 -10.81 -53.32 7.49
CA PHE B 1182 -10.51 -53.15 6.08
C PHE B 1182 -11.73 -53.54 5.23
N GLY B 1183 -12.53 -54.46 5.76
CA GLY B 1183 -13.76 -54.89 5.11
C GLY B 1183 -13.64 -56.20 4.38
N LYS B 1184 -12.41 -56.55 4.01
CA LYS B 1184 -12.15 -57.81 3.32
C LYS B 1184 -11.71 -58.90 4.31
N ASN B 1185 -11.64 -58.51 5.58
CA ASN B 1185 -11.17 -59.40 6.64
C ASN B 1185 -9.77 -59.98 6.45
N GLU B 1186 -8.80 -59.11 6.24
CA GLU B 1186 -7.42 -59.52 6.01
C GLU B 1186 -6.57 -59.60 7.27
N TYR B 1187 -5.75 -60.64 7.37
CA TYR B 1187 -4.87 -60.83 8.51
C TYR B 1187 -3.51 -60.18 8.26
N ALA B 1188 -2.95 -59.56 9.29
CA ALA B 1188 -1.65 -58.91 9.17
C ALA B 1188 -0.54 -59.94 8.99
N VAL B 1189 0.26 -59.78 7.94
CA VAL B 1189 1.35 -60.69 7.65
C VAL B 1189 2.59 -60.34 8.46
N ARG B 1190 3.24 -59.25 8.09
CA ARG B 1190 4.43 -58.77 8.79
C ARG B 1190 4.26 -57.31 9.18
N MET B 1191 4.88 -56.92 10.29
CA MET B 1191 4.74 -55.56 10.80
C MET B 1191 6.09 -54.95 11.19
N ARG B 1192 6.33 -53.73 10.71
CA ARG B 1192 7.51 -52.97 11.09
C ARG B 1192 7.15 -51.52 11.38
N ALA B 1193 7.49 -51.06 12.57
CA ALA B 1193 7.15 -49.70 12.99
C ALA B 1193 8.40 -48.86 13.21
N PHE B 1194 8.28 -47.54 13.05
CA PHE B 1194 9.42 -46.65 13.21
C PHE B 1194 9.03 -45.27 13.69
N VAL B 1195 9.90 -44.63 14.46
CA VAL B 1195 9.65 -43.28 14.93
C VAL B 1195 10.79 -42.34 14.59
N ASN B 1196 10.51 -41.41 13.68
CA ASN B 1196 11.45 -40.35 13.33
C ASN B 1196 11.20 -39.13 14.21
N GLU B 1197 12.26 -38.42 14.56
CA GLU B 1197 12.14 -37.18 15.33
C GLU B 1197 11.13 -36.24 14.69
N GLU B 1198 11.09 -36.23 13.36
CA GLU B 1198 10.06 -35.53 12.60
C GLU B 1198 8.66 -36.03 12.97
N LYS B 1199 8.39 -37.29 12.63
CA LYS B 1199 7.10 -37.90 12.93
C LYS B 1199 7.23 -39.42 13.07
N SER B 1200 6.25 -40.04 13.72
CA SER B 1200 6.28 -41.48 13.98
C SER B 1200 5.14 -42.19 13.27
N LEU B 1201 5.40 -43.44 12.85
CA LEU B 1201 4.40 -44.22 12.14
C LEU B 1201 4.71 -45.71 12.12
N LEU B 1202 3.83 -46.48 11.49
CA LEU B 1202 4.02 -47.92 11.37
C LEU B 1202 3.62 -48.40 9.98
N VAL B 1203 4.15 -49.56 9.58
CA VAL B 1203 3.84 -50.14 8.29
C VAL B 1203 3.62 -51.64 8.42
N ALA B 1204 2.65 -52.17 7.67
CA ALA B 1204 2.34 -53.59 7.75
C ALA B 1204 1.92 -54.16 6.40
N LEU B 1205 2.03 -55.49 6.27
CA LEU B 1205 1.63 -56.18 5.05
C LEU B 1205 0.34 -56.95 5.27
N THR B 1206 -0.61 -56.79 4.36
CA THR B 1206 -1.92 -57.43 4.48
C THR B 1206 -1.87 -58.93 4.16
N ASN B 1207 -3.03 -59.57 4.26
CA ASN B 1207 -3.14 -61.00 3.94
C ASN B 1207 -2.95 -61.24 2.45
N LEU B 1208 -3.27 -60.22 1.66
CA LEU B 1208 -3.07 -60.27 0.22
C LEU B 1208 -1.71 -59.68 -0.12
N SER B 1209 -0.87 -59.55 0.90
CA SER B 1209 0.43 -58.88 0.82
C SER B 1209 0.36 -57.47 0.24
N ARG B 1210 -0.42 -56.61 0.89
CA ARG B 1210 -0.53 -55.22 0.52
C ARG B 1210 0.07 -54.28 1.56
N VAL B 1211 0.93 -53.37 1.11
CA VAL B 1211 1.63 -52.47 2.01
C VAL B 1211 0.71 -51.36 2.51
N ILE B 1212 0.56 -51.26 3.82
CA ILE B 1212 -0.28 -50.24 4.43
C ILE B 1212 0.45 -49.54 5.57
N ILE B 1213 0.62 -48.23 5.44
CA ILE B 1213 1.30 -47.46 6.47
C ILE B 1213 0.32 -46.65 7.30
N PHE B 1214 0.14 -47.05 8.55
CA PHE B 1214 -0.76 -46.36 9.47
C PHE B 1214 0.03 -45.40 10.34
N ASP B 1215 -0.50 -44.18 10.50
CA ASP B 1215 0.15 -43.18 11.33
C ASP B 1215 0.02 -43.54 12.80
N ILE B 1216 1.14 -43.63 13.49
CA ILE B 1216 1.15 -44.01 14.90
C ILE B 1216 0.46 -42.97 15.76
N ARG B 1217 0.49 -41.72 15.30
CA ARG B 1217 -0.10 -40.61 16.06
C ARG B 1217 -1.62 -40.66 16.07
N THR B 1218 -2.22 -40.74 14.88
CA THR B 1218 -3.67 -40.68 14.77
C THR B 1218 -4.31 -42.07 14.68
N LEU B 1219 -3.48 -43.11 14.68
CA LEU B 1219 -3.93 -44.49 14.56
C LEU B 1219 -4.79 -44.69 13.32
N GLU B 1220 -4.50 -43.95 12.25
CA GLU B 1220 -5.24 -44.02 11.02
C GLU B 1220 -4.32 -44.33 9.83
N ARG B 1221 -4.91 -44.78 8.73
CA ARG B 1221 -4.13 -45.15 7.56
C ARG B 1221 -3.73 -43.93 6.74
N LEU B 1222 -2.43 -43.74 6.59
CA LEU B 1222 -1.90 -42.62 5.81
C LEU B 1222 -1.99 -42.90 4.30
N GLN B 1223 -1.56 -44.09 3.90
CA GLN B 1223 -1.57 -44.48 2.49
C GLN B 1223 -1.59 -46.00 2.35
N ILE B 1224 -1.99 -46.48 1.18
CA ILE B 1224 -2.04 -47.91 0.91
C ILE B 1224 -1.32 -48.27 -0.39
N ILE B 1225 -0.27 -49.07 -0.28
CA ILE B 1225 0.50 -49.51 -1.44
C ILE B 1225 0.22 -50.96 -1.75
N GLU B 1226 0.20 -51.31 -3.04
CA GLU B 1226 -0.08 -52.67 -3.46
C GLU B 1226 0.94 -53.18 -4.46
N ASN B 1227 1.63 -54.26 -4.11
CA ASN B 1227 2.59 -54.89 -5.01
C ASN B 1227 1.88 -55.59 -6.17
N SER B 1228 2.50 -55.57 -7.34
CA SER B 1228 1.92 -56.19 -8.52
C SER B 1228 1.74 -57.69 -8.32
N PRO B 1229 0.56 -58.22 -8.73
CA PRO B 1229 0.20 -59.63 -8.60
C PRO B 1229 1.14 -60.55 -9.38
N ARG B 1230 1.90 -59.98 -10.30
CA ARG B 1230 2.89 -60.72 -11.07
C ARG B 1230 4.08 -61.12 -10.21
N HIS B 1231 4.20 -60.48 -9.05
CA HIS B 1231 5.29 -60.76 -8.13
C HIS B 1231 4.90 -61.80 -7.08
N GLY B 1232 3.70 -62.36 -7.22
CA GLY B 1232 3.17 -63.29 -6.23
C GLY B 1232 2.85 -62.56 -4.93
N ALA B 1233 3.45 -63.02 -3.83
CA ALA B 1233 3.23 -62.39 -2.53
C ALA B 1233 4.49 -61.72 -2.01
N VAL B 1234 4.38 -61.08 -0.84
CA VAL B 1234 5.50 -60.36 -0.26
C VAL B 1234 6.45 -61.31 0.48
N SER B 1235 7.70 -61.35 0.06
CA SER B 1235 8.67 -62.27 0.62
C SER B 1235 9.36 -61.74 1.87
N SER B 1236 9.24 -60.43 2.10
CA SER B 1236 9.86 -59.80 3.27
C SER B 1236 9.36 -58.38 3.50
N ILE B 1237 9.86 -57.75 4.56
CA ILE B 1237 9.55 -56.36 4.85
C ILE B 1237 10.76 -55.62 5.42
N CYS B 1238 11.04 -54.44 4.85
CA CYS B 1238 12.16 -53.63 5.31
C CYS B 1238 11.91 -52.14 5.04
N ILE B 1239 12.53 -51.29 5.86
CA ILE B 1239 12.36 -49.85 5.73
C ILE B 1239 13.68 -49.14 5.42
N ASP B 1240 13.61 -48.13 4.57
CA ASP B 1240 14.79 -47.35 4.18
C ASP B 1240 15.31 -46.53 5.36
N GLU B 1241 16.57 -46.11 5.27
CA GLU B 1241 17.20 -45.30 6.30
C GLU B 1241 16.45 -43.98 6.48
N GLU B 1242 16.01 -43.39 5.37
CA GLU B 1242 15.21 -42.18 5.42
C GLU B 1242 13.74 -42.54 5.63
N CYS B 1243 13.43 -43.82 5.49
CA CYS B 1243 12.08 -44.35 5.68
C CYS B 1243 11.07 -43.71 4.72
N CYS B 1244 11.57 -43.19 3.60
CA CYS B 1244 10.72 -42.67 2.56
C CYS B 1244 10.52 -43.73 1.49
N VAL B 1245 11.16 -44.87 1.69
CA VAL B 1245 11.10 -45.96 0.73
C VAL B 1245 10.94 -47.31 1.44
N LEU B 1246 10.21 -48.22 0.81
CA LEU B 1246 9.99 -49.54 1.36
C LEU B 1246 10.68 -50.62 0.55
N ILE B 1247 11.39 -51.51 1.23
CA ILE B 1247 12.08 -52.62 0.57
C ILE B 1247 11.34 -53.92 0.82
N LEU B 1248 10.79 -54.51 -0.23
CA LEU B 1248 10.01 -55.74 -0.09
C LEU B 1248 10.42 -56.79 -1.12
N GLY B 1249 10.52 -58.03 -0.67
CA GLY B 1249 10.82 -59.15 -1.55
C GLY B 1249 9.56 -59.70 -2.18
N THR B 1250 9.72 -60.66 -3.09
CA THR B 1250 8.58 -61.26 -3.77
C THR B 1250 8.61 -62.78 -3.70
N THR B 1251 7.43 -63.38 -3.58
CA THR B 1251 7.30 -64.82 -3.55
C THR B 1251 7.63 -65.40 -4.93
N ARG B 1252 7.56 -64.54 -5.94
CA ARG B 1252 7.93 -64.91 -7.29
C ARG B 1252 9.46 -64.99 -7.43
N GLY B 1253 10.16 -64.62 -6.36
CA GLY B 1253 11.60 -64.60 -6.36
C GLY B 1253 12.16 -63.33 -6.98
N ILE B 1254 11.49 -62.21 -6.73
CA ILE B 1254 11.95 -60.92 -7.21
C ILE B 1254 12.17 -59.96 -6.05
N ILE B 1255 12.97 -58.92 -6.28
CA ILE B 1255 13.24 -57.91 -5.27
C ILE B 1255 12.68 -56.57 -5.71
N ASP B 1256 11.85 -55.95 -4.87
CA ASP B 1256 11.19 -54.70 -5.24
C ASP B 1256 11.38 -53.62 -4.18
N ILE B 1257 12.00 -52.52 -4.60
CA ILE B 1257 12.14 -51.34 -3.76
C ILE B 1257 11.23 -50.24 -4.31
N TRP B 1258 10.44 -49.63 -3.43
CA TRP B 1258 9.48 -48.62 -3.87
C TRP B 1258 9.64 -47.30 -3.11
N ASP B 1259 9.45 -46.19 -3.82
CA ASP B 1259 9.52 -44.87 -3.21
C ASP B 1259 8.14 -44.38 -2.78
N ILE B 1260 7.95 -44.23 -1.47
CA ILE B 1260 6.68 -43.79 -0.92
C ILE B 1260 6.48 -42.29 -1.12
N ARG B 1261 7.59 -41.59 -1.36
CA ARG B 1261 7.54 -40.15 -1.64
C ARG B 1261 6.63 -39.85 -2.82
N PHE B 1262 7.01 -40.35 -3.99
CA PHE B 1262 6.21 -40.17 -5.20
C PHE B 1262 5.13 -41.24 -5.30
N ASN B 1263 5.08 -42.11 -4.29
CA ASN B 1263 4.11 -43.19 -4.22
C ASN B 1263 4.14 -44.12 -5.43
N VAL B 1264 5.31 -44.65 -5.74
CA VAL B 1264 5.46 -45.57 -6.86
C VAL B 1264 6.52 -46.62 -6.57
N LEU B 1265 6.72 -47.53 -7.52
CA LEU B 1265 7.73 -48.58 -7.37
C LEU B 1265 9.03 -48.17 -8.08
N ILE B 1266 10.09 -48.00 -7.29
CA ILE B 1266 11.37 -47.52 -7.82
C ILE B 1266 12.00 -48.51 -8.79
N ARG B 1267 12.20 -49.75 -8.34
CA ARG B 1267 12.85 -50.75 -9.18
C ARG B 1267 12.44 -52.18 -8.82
N SER B 1268 12.64 -53.09 -9.76
CA SER B 1268 12.36 -54.50 -9.54
C SER B 1268 13.55 -55.35 -9.99
N TRP B 1269 14.14 -56.10 -9.05
CA TRP B 1269 15.36 -56.84 -9.35
C TRP B 1269 15.18 -58.35 -9.15
N SER B 1270 16.05 -59.12 -9.81
CA SER B 1270 16.06 -60.58 -9.67
C SER B 1270 17.46 -61.11 -9.99
N PHE B 1271 17.76 -62.31 -9.50
CA PHE B 1271 19.06 -62.92 -9.74
C PHE B 1271 19.09 -64.40 -9.37
N GLY B 1272 20.24 -65.02 -9.59
CA GLY B 1272 20.49 -66.40 -9.20
C GLY B 1272 19.56 -67.43 -9.83
N ASP B 1273 19.16 -68.40 -9.03
CA ASP B 1273 18.27 -69.48 -9.47
C ASP B 1273 16.83 -68.98 -9.63
N HIS B 1274 16.61 -67.72 -9.25
CA HIS B 1274 15.31 -67.07 -9.34
C HIS B 1274 14.26 -67.79 -8.50
N ALA B 1275 14.65 -68.18 -7.29
CA ALA B 1275 13.72 -68.77 -6.34
C ALA B 1275 13.27 -67.74 -5.31
N PRO B 1276 12.38 -68.12 -4.41
CA PRO B 1276 11.79 -67.24 -3.40
C PRO B 1276 12.84 -66.60 -2.48
N ILE B 1277 12.59 -65.35 -2.07
CA ILE B 1277 13.50 -64.63 -1.20
C ILE B 1277 13.13 -64.82 0.27
N THR B 1278 14.03 -65.44 1.03
CA THR B 1278 13.80 -65.67 2.44
C THR B 1278 13.50 -64.38 3.19
N HIS B 1279 14.47 -63.48 3.23
CA HIS B 1279 14.31 -62.22 3.93
C HIS B 1279 15.00 -61.08 3.20
N VAL B 1280 14.65 -59.85 3.57
CA VAL B 1280 15.28 -58.66 3.02
C VAL B 1280 15.42 -57.59 4.09
N GLU B 1281 16.59 -56.96 4.16
CA GLU B 1281 16.83 -55.92 5.15
C GLU B 1281 17.95 -54.97 4.72
N VAL B 1282 17.99 -53.80 5.35
CA VAL B 1282 19.04 -52.82 5.07
C VAL B 1282 20.15 -52.92 6.11
N CYS B 1283 21.34 -53.32 5.67
CA CYS B 1283 22.47 -53.49 6.59
C CYS B 1283 23.01 -52.15 7.05
N GLN B 1284 23.70 -52.16 8.19
CA GLN B 1284 24.27 -50.96 8.76
C GLN B 1284 25.53 -50.51 8.02
N PHE B 1285 26.57 -51.34 8.09
CA PHE B 1285 27.85 -51.02 7.47
C PHE B 1285 27.73 -50.88 5.95
N TYR B 1286 26.77 -51.57 5.37
CA TYR B 1286 26.54 -51.51 3.93
C TYR B 1286 25.85 -50.20 3.54
N GLY B 1287 25.26 -49.55 4.53
CA GLY B 1287 24.58 -48.28 4.30
C GLY B 1287 23.28 -48.45 3.55
N LYS B 1288 22.62 -47.33 3.27
CA LYS B 1288 21.35 -47.35 2.55
C LYS B 1288 21.56 -47.60 1.07
N ASN B 1289 22.82 -47.50 0.62
CA ASN B 1289 23.15 -47.72 -0.78
C ASN B 1289 23.28 -49.20 -1.12
N SER B 1290 23.26 -50.04 -0.09
CA SER B 1290 23.38 -51.48 -0.28
C SER B 1290 22.39 -52.22 0.61
N VAL B 1291 21.79 -53.28 0.08
CA VAL B 1291 20.80 -54.05 0.82
C VAL B 1291 21.18 -55.52 0.91
N ILE B 1292 20.87 -56.14 2.05
CA ILE B 1292 21.14 -57.56 2.25
C ILE B 1292 19.87 -58.37 2.10
N VAL B 1293 19.89 -59.33 1.18
CA VAL B 1293 18.72 -60.14 0.89
C VAL B 1293 19.04 -61.63 0.86
N VAL B 1294 18.44 -62.38 1.77
CA VAL B 1294 18.56 -63.83 1.77
C VAL B 1294 17.50 -64.43 0.86
N GLY B 1295 17.94 -65.16 -0.15
CA GLY B 1295 17.03 -65.74 -1.13
C GLY B 1295 17.71 -65.97 -2.46
N GLY B 1296 16.92 -66.01 -3.53
CA GLY B 1296 17.46 -66.17 -4.87
C GLY B 1296 18.07 -67.55 -5.10
N SER B 1297 19.34 -67.54 -5.50
CA SER B 1297 20.06 -68.79 -5.79
C SER B 1297 20.08 -69.73 -4.60
N SER B 1298 19.93 -71.03 -4.89
CA SER B 1298 19.90 -72.06 -3.86
C SER B 1298 21.15 -72.06 -2.98
N LYS B 1299 22.29 -72.37 -3.59
CA LYS B 1299 23.55 -72.52 -2.87
C LYS B 1299 23.93 -71.28 -2.07
N THR B 1300 23.58 -70.12 -2.58
CA THR B 1300 23.89 -68.86 -1.90
C THR B 1300 23.03 -68.69 -0.65
N PHE B 1301 23.70 -68.52 0.50
CA PHE B 1301 23.00 -68.34 1.76
C PHE B 1301 22.42 -66.93 1.86
N LEU B 1302 23.27 -65.93 1.58
CA LEU B 1302 22.86 -64.54 1.66
C LEU B 1302 23.42 -63.74 0.49
N THR B 1303 22.56 -63.00 -0.19
CA THR B 1303 22.98 -62.18 -1.31
C THR B 1303 22.87 -60.70 -0.99
N ILE B 1304 24.02 -60.03 -0.87
CA ILE B 1304 24.05 -58.61 -0.60
C ILE B 1304 24.33 -57.82 -1.88
N TRP B 1305 23.39 -56.97 -2.27
CA TRP B 1305 23.53 -56.21 -3.51
C TRP B 1305 23.31 -54.72 -3.28
N ASN B 1306 24.16 -53.89 -3.90
CA ASN B 1306 24.03 -52.45 -3.80
C ASN B 1306 22.95 -51.95 -4.75
N PHE B 1307 21.96 -51.25 -4.20
CA PHE B 1307 20.78 -50.82 -4.97
C PHE B 1307 21.14 -50.01 -6.20
N VAL B 1308 21.93 -48.96 -6.01
CA VAL B 1308 22.32 -48.09 -7.10
C VAL B 1308 23.25 -48.78 -8.07
N LYS B 1309 24.18 -49.56 -7.53
CA LYS B 1309 25.18 -50.24 -8.35
C LYS B 1309 24.56 -51.33 -9.23
N GLY B 1310 23.44 -51.89 -8.77
CA GLY B 1310 22.75 -52.92 -9.51
C GLY B 1310 23.52 -54.22 -9.58
N HIS B 1311 24.42 -54.43 -8.64
CA HIS B 1311 25.22 -55.64 -8.58
C HIS B 1311 25.34 -56.15 -7.14
N CYS B 1312 25.65 -57.43 -7.00
CA CYS B 1312 25.82 -58.03 -5.68
C CYS B 1312 27.29 -57.97 -5.25
N GLN B 1313 27.56 -57.17 -4.24
CA GLN B 1313 28.94 -56.95 -3.80
C GLN B 1313 29.51 -58.16 -3.07
N TYR B 1314 28.74 -58.69 -2.12
CA TYR B 1314 29.18 -59.83 -1.34
C TYR B 1314 28.09 -60.89 -1.26
N ALA B 1315 28.41 -62.10 -1.73
CA ALA B 1315 27.46 -63.20 -1.67
C ALA B 1315 28.03 -64.35 -0.85
N PHE B 1316 27.44 -64.61 0.31
CA PHE B 1316 27.85 -65.71 1.15
C PHE B 1316 27.13 -66.99 0.74
N ILE B 1317 27.90 -67.99 0.33
CA ILE B 1317 27.32 -69.23 -0.18
C ILE B 1317 27.94 -70.45 0.49
N ASN B 1318 27.10 -71.45 0.78
CA ASN B 1318 27.58 -72.71 1.31
C ASN B 1318 27.79 -73.72 0.20
N SER B 1319 29.05 -74.04 -0.06
CA SER B 1319 29.43 -74.93 -1.17
C SER B 1319 30.94 -75.16 -1.16
N ASP B 1320 31.38 -76.18 -1.89
CA ASP B 1320 32.80 -76.51 -1.98
C ASP B 1320 33.46 -75.91 -3.21
N GLU B 1321 32.69 -75.15 -4.00
CA GLU B 1321 33.22 -74.57 -5.23
C GLU B 1321 32.63 -73.18 -5.50
N GLN B 1322 33.33 -72.42 -6.34
CA GLN B 1322 32.88 -71.09 -6.73
C GLN B 1322 31.80 -71.16 -7.80
N PRO B 1323 30.73 -70.37 -7.63
CA PRO B 1323 29.56 -70.37 -8.52
C PRO B 1323 29.86 -69.83 -9.92
N SER B 1324 28.84 -69.76 -10.76
CA SER B 1324 28.98 -69.26 -12.12
C SER B 1324 28.80 -67.75 -12.19
N MET B 1325 29.66 -67.08 -12.95
CA MET B 1325 29.62 -65.63 -13.06
C MET B 1325 28.41 -65.15 -13.86
N GLU B 1326 28.04 -65.91 -14.89
CA GLU B 1326 26.90 -65.57 -15.72
C GLU B 1326 25.59 -65.80 -14.98
N HIS B 1327 25.60 -66.78 -14.09
CA HIS B 1327 24.41 -67.10 -13.28
C HIS B 1327 24.25 -66.10 -12.13
N PHE B 1328 25.38 -65.61 -11.62
CA PHE B 1328 25.36 -64.67 -10.50
C PHE B 1328 25.07 -63.25 -10.97
N LEU B 1329 25.11 -63.04 -12.29
CA LEU B 1329 24.85 -61.73 -12.85
C LEU B 1329 23.40 -61.31 -12.61
N PRO B 1330 23.17 -60.01 -12.45
CA PRO B 1330 21.84 -59.45 -12.16
C PRO B 1330 20.82 -59.72 -13.26
N ILE B 1331 19.64 -60.19 -12.88
CA ILE B 1331 18.58 -60.46 -13.85
C ILE B 1331 17.61 -59.29 -13.94
N GLU B 1332 17.48 -58.73 -15.13
CA GLU B 1332 16.64 -57.55 -15.36
C GLU B 1332 15.62 -57.80 -16.46
N LYS B 1333 16.12 -58.08 -17.66
CA LYS B 1333 15.29 -58.26 -18.86
C LYS B 1333 14.20 -59.31 -18.69
N GLY B 1334 14.37 -60.23 -17.73
CA GLY B 1334 13.37 -61.23 -17.43
C GLY B 1334 12.04 -60.60 -17.07
N LEU B 1335 10.96 -61.35 -17.30
CA LEU B 1335 9.62 -60.81 -17.11
C LEU B 1335 8.78 -61.67 -16.17
N GLU B 1336 7.51 -61.30 -16.04
CA GLU B 1336 6.58 -61.97 -15.12
C GLU B 1336 6.22 -63.39 -15.57
N GLU B 1337 6.62 -63.75 -16.78
CA GLU B 1337 6.27 -65.06 -17.34
C GLU B 1337 6.95 -66.22 -16.64
N LEU B 1338 7.91 -65.93 -15.78
CA LEU B 1338 8.66 -66.96 -15.06
C LEU B 1338 7.77 -67.74 -14.09
N ASN B 1339 7.82 -69.07 -14.20
CA ASN B 1339 7.07 -69.94 -13.30
C ASN B 1339 7.82 -70.18 -12.00
N PHE B 1340 7.13 -70.01 -10.88
CA PHE B 1340 7.77 -70.09 -9.57
C PHE B 1340 8.32 -71.48 -9.26
N CYS B 1341 9.60 -71.53 -8.91
CA CYS B 1341 10.23 -72.78 -8.51
C CYS B 1341 10.97 -72.59 -7.19
N GLY B 1342 10.48 -73.25 -6.14
CA GLY B 1342 11.09 -73.14 -4.83
C GLY B 1342 11.83 -74.39 -4.41
N ILE B 1343 12.00 -74.57 -3.10
CA ILE B 1343 12.67 -75.74 -2.56
C ILE B 1343 11.96 -76.22 -1.29
N ARG B 1344 11.70 -77.52 -1.23
CA ARG B 1344 11.00 -78.11 -0.09
C ARG B 1344 11.97 -78.66 0.95
N SER B 1345 13.27 -78.48 0.69
CA SER B 1345 14.30 -78.99 1.59
C SER B 1345 14.24 -78.33 2.96
N LEU B 1346 14.78 -79.02 3.96
CA LEU B 1346 14.75 -78.52 5.34
C LEU B 1346 15.76 -77.41 5.56
N ASN B 1347 16.65 -77.20 4.59
CA ASN B 1347 17.66 -76.17 4.70
C ASN B 1347 17.18 -74.81 4.20
N ALA B 1348 15.91 -74.77 3.79
CA ALA B 1348 15.34 -73.55 3.22
C ALA B 1348 15.00 -72.51 4.30
N LEU B 1349 14.00 -72.81 5.12
CA LEU B 1349 13.53 -71.88 6.14
C LEU B 1349 14.59 -71.65 7.22
N SER B 1350 14.81 -70.39 7.55
CA SER B 1350 15.78 -70.01 8.59
C SER B 1350 15.50 -68.63 9.15
N THR B 1351 16.31 -68.21 10.10
CA THR B 1351 16.17 -66.88 10.71
C THR B 1351 17.52 -66.18 10.79
N ILE B 1352 17.50 -64.86 10.64
CA ILE B 1352 18.73 -64.07 10.67
C ILE B 1352 18.53 -62.70 11.31
N SER B 1353 19.53 -62.27 12.09
CA SER B 1353 19.51 -60.96 12.72
C SER B 1353 20.89 -60.31 12.63
N VAL B 1354 20.93 -59.07 12.15
CA VAL B 1354 22.19 -58.38 11.93
C VAL B 1354 22.24 -57.00 12.58
N SER B 1355 23.29 -56.76 13.34
CA SER B 1355 23.51 -55.46 13.97
C SER B 1355 24.98 -55.26 14.32
N ASN B 1356 25.37 -54.00 14.48
CA ASN B 1356 26.72 -53.63 14.92
C ASN B 1356 27.84 -54.32 14.15
N ASP B 1357 27.79 -54.21 12.82
CA ASP B 1357 28.82 -54.76 11.93
C ASP B 1357 28.86 -56.28 11.92
N LYS B 1358 28.02 -56.91 12.75
CA LYS B 1358 27.96 -58.37 12.79
C LYS B 1358 26.62 -58.89 12.27
N ILE B 1359 26.68 -59.81 11.32
CA ILE B 1359 25.46 -60.39 10.77
C ILE B 1359 25.32 -61.85 11.17
N LEU B 1360 24.33 -62.12 12.04
CA LEU B 1360 24.11 -63.48 12.52
C LEU B 1360 23.04 -64.19 11.71
N LEU B 1361 23.30 -65.45 11.37
CA LEU B 1361 22.36 -66.24 10.59
C LEU B 1361 22.25 -67.67 11.14
N THR B 1362 21.03 -68.11 11.38
CA THR B 1362 20.79 -69.47 11.85
C THR B 1362 20.76 -70.44 10.67
N ASP B 1363 21.65 -71.42 10.72
CA ASP B 1363 21.75 -72.40 9.64
C ASP B 1363 20.93 -73.65 9.95
N GLU B 1364 19.87 -73.88 9.17
CA GLU B 1364 19.02 -75.04 9.36
C GLU B 1364 19.64 -76.27 8.72
N ALA B 1365 20.62 -76.06 7.85
CA ALA B 1365 21.31 -77.14 7.17
C ALA B 1365 21.95 -78.10 8.17
N THR B 1366 22.96 -77.61 8.90
CA THR B 1366 23.64 -78.42 9.90
C THR B 1366 23.00 -78.24 11.26
N SER B 1367 21.92 -77.46 11.30
CA SER B 1367 21.23 -77.12 12.55
C SER B 1367 22.14 -76.45 13.57
N SER B 1368 22.78 -75.36 13.16
CA SER B 1368 23.72 -74.66 14.00
C SER B 1368 23.68 -73.15 13.79
N ILE B 1369 23.99 -72.39 14.84
CA ILE B 1369 23.99 -70.93 14.77
C ILE B 1369 25.29 -70.40 14.19
N VAL B 1370 25.20 -69.65 13.10
CA VAL B 1370 26.38 -69.13 12.43
C VAL B 1370 26.46 -67.61 12.56
N MET B 1371 27.69 -67.08 12.58
CA MET B 1371 27.91 -65.65 12.70
C MET B 1371 28.94 -65.15 11.70
N PHE B 1372 28.51 -64.24 10.82
CA PHE B 1372 29.39 -63.66 9.81
C PHE B 1372 29.69 -62.20 10.14
N SER B 1373 30.95 -61.93 10.49
CA SER B 1373 31.39 -60.57 10.79
C SER B 1373 31.66 -59.80 9.51
N LEU B 1374 30.97 -58.68 9.34
CA LEU B 1374 31.12 -57.88 8.13
C LEU B 1374 32.51 -57.25 8.03
N ASN B 1375 33.14 -57.04 9.18
CA ASN B 1375 34.51 -56.54 9.21
C ASN B 1375 35.46 -57.51 8.54
N GLU B 1376 35.48 -58.74 9.04
CA GLU B 1376 36.25 -59.81 8.39
C GLU B 1376 35.40 -61.08 8.29
N LEU B 1377 35.12 -61.51 7.07
CA LEU B 1377 34.41 -62.75 6.84
C LEU B 1377 35.33 -63.91 7.17
N SER B 1378 36.63 -63.64 7.08
CA SER B 1378 37.66 -64.59 7.48
C SER B 1378 37.46 -64.99 8.94
N SER B 1379 37.58 -64.03 9.84
CA SER B 1379 37.43 -64.28 11.27
C SER B 1379 36.02 -64.72 11.66
N SER B 1380 35.07 -64.59 10.73
CA SER B 1380 33.70 -65.00 10.97
C SER B 1380 33.58 -66.50 11.25
N LYS B 1381 32.68 -66.87 12.15
CA LYS B 1381 32.53 -68.27 12.53
C LYS B 1381 31.19 -68.56 13.20
N ALA B 1382 30.95 -69.82 13.52
CA ALA B 1382 29.67 -70.24 14.08
C ALA B 1382 29.68 -70.24 15.60
N VAL B 1383 28.66 -69.64 16.20
CA VAL B 1383 28.51 -69.61 17.65
C VAL B 1383 28.44 -71.04 18.23
N ILE B 1384 27.36 -71.74 17.91
CA ILE B 1384 27.18 -73.11 18.37
C ILE B 1384 27.25 -74.07 17.19
N SER B 1385 28.00 -75.15 17.36
CA SER B 1385 28.20 -76.12 16.28
C SER B 1385 28.17 -77.55 16.81
N PRO B 1386 28.42 -78.54 15.93
CA PRO B 1386 28.40 -79.95 16.31
C PRO B 1386 29.54 -80.32 17.26
N SER B 1387 29.56 -81.58 17.70
CA SER B 1387 30.54 -82.04 18.68
C SER B 1387 31.89 -82.37 18.05
N ARG B 1388 31.87 -83.02 16.89
CA ARG B 1388 33.08 -83.56 16.29
C ARG B 1388 34.05 -82.49 15.79
N PHE B 1389 33.55 -81.59 14.93
CA PHE B 1389 34.39 -80.58 14.31
C PHE B 1389 33.58 -79.37 13.87
N SER B 1390 34.28 -78.28 13.57
CA SER B 1390 33.64 -77.05 13.10
C SER B 1390 33.99 -76.80 11.65
N ASP B 1391 33.48 -75.70 11.10
CA ASP B 1391 33.69 -75.37 9.70
C ASP B 1391 34.68 -74.22 9.53
N VAL B 1392 35.47 -74.28 8.46
CA VAL B 1392 36.43 -73.23 8.15
C VAL B 1392 35.97 -72.42 6.94
N PHE B 1393 35.83 -71.11 7.12
CA PHE B 1393 35.33 -70.24 6.06
C PHE B 1393 36.27 -69.11 5.68
N ILE B 1394 36.26 -68.75 4.39
CA ILE B 1394 37.11 -67.69 3.85
C ILE B 1394 36.61 -67.22 2.50
N PRO B 1395 36.73 -65.91 2.24
CA PRO B 1395 36.26 -65.31 0.98
C PRO B 1395 37.33 -65.17 -0.09
N THR B 1396 36.92 -64.63 -1.24
CA THR B 1396 37.80 -64.27 -2.33
C THR B 1396 37.03 -63.39 -3.31
N GLN B 1397 37.69 -62.91 -4.36
CA GLN B 1397 37.01 -62.07 -5.34
C GLN B 1397 37.37 -62.44 -6.78
N VAL B 1398 36.37 -62.88 -7.53
CA VAL B 1398 36.53 -63.12 -8.96
C VAL B 1398 36.41 -61.84 -9.76
N THR B 1399 35.43 -61.02 -9.38
CA THR B 1399 35.12 -59.78 -10.09
C THR B 1399 35.55 -58.56 -9.28
N ALA B 1400 35.92 -57.50 -9.97
CA ALA B 1400 36.34 -56.26 -9.32
C ALA B 1400 35.20 -55.64 -8.51
N ASN B 1401 33.98 -55.80 -9.01
CA ASN B 1401 32.81 -55.23 -8.34
C ASN B 1401 32.07 -56.21 -7.44
N LEU B 1402 32.53 -57.46 -7.39
CA LEU B 1402 31.84 -58.49 -6.61
C LEU B 1402 32.79 -59.45 -5.89
N THR B 1403 32.50 -59.72 -4.63
CA THR B 1403 33.26 -60.69 -3.85
C THR B 1403 32.36 -61.81 -3.34
N MET B 1404 32.95 -62.96 -3.02
CA MET B 1404 32.18 -64.11 -2.57
C MET B 1404 32.88 -64.88 -1.46
N LEU B 1405 32.13 -65.24 -0.43
CA LEU B 1405 32.67 -65.97 0.72
C LEU B 1405 32.34 -67.46 0.62
N LEU B 1406 33.33 -68.30 0.93
CA LEU B 1406 33.16 -69.75 0.86
C LEU B 1406 33.19 -70.38 2.25
N ARG B 1407 32.45 -71.48 2.41
CA ARG B 1407 32.40 -72.19 3.67
C ARG B 1407 32.70 -73.68 3.48
N LYS B 1408 33.80 -74.13 4.07
CA LYS B 1408 34.22 -75.52 3.95
C LYS B 1408 33.98 -76.28 5.25
N MET B 1409 33.09 -77.27 5.20
CA MET B 1409 32.79 -78.09 6.36
C MET B 1409 33.91 -79.09 6.64
N LYS B 1410 33.96 -79.57 7.87
CA LYS B 1410 34.98 -80.54 8.27
C LYS B 1410 34.37 -81.68 9.09
N SER B 1420 27.08 -84.78 20.19
CA SER B 1420 25.99 -83.84 19.98
C SER B 1420 24.97 -83.90 21.11
N LEU B 1421 25.27 -83.23 22.21
CA LEU B 1421 24.40 -83.23 23.39
C LEU B 1421 23.19 -82.33 23.21
N TYR B 1422 23.42 -81.14 22.66
CA TYR B 1422 22.35 -80.15 22.50
C TYR B 1422 21.27 -80.65 21.54
N HIS B 1423 20.02 -80.59 22.01
CA HIS B 1423 18.90 -81.01 21.19
C HIS B 1423 17.83 -79.93 21.14
N HIS B 1424 17.61 -79.38 19.95
CA HIS B 1424 16.62 -78.34 19.74
C HIS B 1424 16.06 -78.37 18.32
N ASP B 1425 14.81 -77.95 18.18
CA ASP B 1425 14.17 -77.89 16.87
C ASP B 1425 14.66 -76.69 16.08
N ILE B 1426 14.11 -76.49 14.90
CA ILE B 1426 14.47 -75.34 14.06
C ILE B 1426 14.14 -74.05 14.78
N ILE B 1427 14.94 -73.01 14.54
CA ILE B 1427 14.75 -71.73 15.24
C ILE B 1427 13.85 -70.81 14.44
N ASN B 1428 12.66 -70.55 14.97
CA ASN B 1428 11.69 -69.68 14.31
C ASN B 1428 11.98 -68.21 14.60
N SER B 1429 12.72 -67.94 15.67
CA SER B 1429 13.03 -66.57 16.06
C SER B 1429 14.35 -66.44 16.80
N ILE B 1430 15.00 -65.30 16.62
CA ILE B 1430 16.26 -65.01 17.31
C ILE B 1430 16.43 -63.50 17.54
N SER B 1431 17.06 -63.14 18.65
CA SER B 1431 17.29 -61.73 18.97
C SER B 1431 18.64 -61.53 19.67
N THR B 1432 19.36 -60.48 19.25
CA THR B 1432 20.63 -60.14 19.86
C THR B 1432 20.43 -59.13 20.98
N CYS B 1433 21.19 -59.26 22.06
CA CYS B 1433 20.99 -58.39 23.22
C CYS B 1433 22.26 -58.14 24.01
N GLU B 1434 22.22 -57.09 24.84
CA GLU B 1434 23.33 -56.77 25.74
C GLU B 1434 22.81 -56.72 27.18
N VAL B 1435 23.56 -57.33 28.09
CA VAL B 1435 23.17 -57.41 29.49
C VAL B 1435 23.71 -56.23 30.29
N ASP B 1436 24.32 -55.28 29.59
CA ASP B 1436 24.98 -54.11 30.16
C ASP B 1436 26.26 -54.51 30.89
N GLU B 1437 26.50 -55.81 30.97
CA GLU B 1437 27.75 -56.35 31.50
C GLU B 1437 28.48 -57.06 30.37
N THR B 1438 27.86 -58.13 29.86
CA THR B 1438 28.39 -58.85 28.71
C THR B 1438 27.29 -59.11 27.69
N PRO B 1439 27.62 -59.04 26.40
CA PRO B 1439 26.68 -59.28 25.31
C PRO B 1439 26.21 -60.74 25.28
N LEU B 1440 25.11 -61.01 24.56
CA LEU B 1440 24.53 -62.34 24.52
C LEU B 1440 23.37 -62.43 23.54
N LEU B 1441 22.97 -63.66 23.21
CA LEU B 1441 21.91 -63.87 22.24
C LEU B 1441 20.80 -64.74 22.82
N VAL B 1442 19.57 -64.46 22.39
CA VAL B 1442 18.41 -65.26 22.80
C VAL B 1442 17.75 -65.87 21.57
N ALA B 1443 17.16 -67.04 21.73
CA ALA B 1443 16.53 -67.72 20.59
C ALA B 1443 15.28 -68.50 21.00
N CYS B 1444 14.28 -68.46 20.14
CA CYS B 1444 13.05 -69.23 20.34
C CYS B 1444 12.82 -70.15 19.15
N ASP B 1445 12.65 -71.45 19.43
CA ASP B 1445 12.54 -72.46 18.40
C ASP B 1445 11.11 -72.75 18.00
N ASN B 1446 10.94 -73.70 17.07
CA ASN B 1446 9.62 -74.07 16.58
C ASN B 1446 8.91 -75.02 17.53
N SER B 1447 9.64 -75.51 18.52
CA SER B 1447 9.07 -76.44 19.49
C SER B 1447 8.54 -75.72 20.71
N GLY B 1448 8.63 -74.39 20.70
CA GLY B 1448 8.16 -73.59 21.82
C GLY B 1448 9.15 -73.53 22.95
N LEU B 1449 10.43 -73.62 22.61
CA LEU B 1449 11.50 -73.56 23.60
C LEU B 1449 12.40 -72.36 23.38
N ILE B 1450 12.85 -71.75 24.47
CA ILE B 1450 13.73 -70.59 24.40
C ILE B 1450 15.06 -70.86 25.09
N GLY B 1451 16.12 -70.21 24.62
CA GLY B 1451 17.43 -70.39 25.19
C GLY B 1451 18.31 -69.15 25.05
N ILE B 1452 19.33 -69.06 25.90
CA ILE B 1452 20.22 -67.90 25.90
C ILE B 1452 21.68 -68.32 25.93
N PHE B 1453 22.50 -67.63 25.14
CA PHE B 1453 23.92 -67.92 25.06
C PHE B 1453 24.77 -66.66 25.25
N GLN B 1454 25.68 -66.71 26.22
CA GLN B 1454 26.55 -65.59 26.50
C GLN B 1454 28.02 -65.96 26.27
#